data_5GVW
#
_entry.id   5GVW
#
_cell.length_a   89.119
_cell.length_b   84.211
_cell.length_c   130.113
_cell.angle_alpha   90.00
_cell.angle_beta   89.97
_cell.angle_gamma   90.00
#
_symmetry.space_group_name_H-M   'P 1 21 1'
#
loop_
_entity.id
_entity.type
_entity.pdbx_description
1 polymer 'Glycosyl transferase family 8'
2 non-polymer 'MANGANESE (II) ION'
3 water water
#
_entity_poly.entity_id   1
_entity_poly.type   'polypeptide(L)'
_entity_poly.pdbx_seq_one_letter_code
;MRNTKRAVVFAGDYAYIRQIETAMKSLCRHNSHLKIYLLNQDIPQEWFSQIRIYLQEMGGDLIDCKLIGSQFQMNWSNKL
PHINHMTFARYFIPDFVTEDKVLYLDSDLIVTGDLTDLFELDLGENYLAAARSCFGAGVGFNAGVLLINNKKWGSETIRQ
KLIDLTEKEHENVEEGDQSILNMLFKDQYSSLEDQYNFQIGYDYGAATFKHQFIFDIPLEPLPLILHYISQDKPWNQFSV
GRLREVWWEYSLMDWSVILNEWFSKSVKYPSKSQIFKLQCVNLTNSWCVEKIDYLAEQLPEVHFHIVAYTNMANELLALT
RFPNVTVYPNSLPMLLEQIVIASDLYLDLNHDRKLEDAYEFVLKYKKPMIAFDNTCSENLSEISYEGIYPSSIPKKMVAA
IRSYMR
;
_entity_poly.pdbx_strand_id   C,A,B,D
#
# COMPACT_ATOMS: atom_id res chain seq x y z
N ASN A 3 7.29 4.09 3.56
CA ASN A 3 7.91 4.67 2.31
C ASN A 3 6.95 4.55 1.12
N THR A 4 7.37 5.05 -0.04
CA THR A 4 6.55 4.96 -1.28
C THR A 4 7.39 4.59 -2.50
N LYS A 5 6.70 4.06 -3.51
CA LYS A 5 7.32 3.37 -4.63
C LYS A 5 7.92 4.32 -5.65
N ARG A 6 9.06 3.89 -6.22
CA ARG A 6 9.75 4.56 -7.31
C ARG A 6 9.43 3.81 -8.60
N ALA A 7 8.99 4.52 -9.62
CA ALA A 7 8.54 3.90 -10.90
C ALA A 7 9.74 3.55 -11.74
N VAL A 8 9.74 2.32 -12.28
CA VAL A 8 10.76 1.84 -13.23
C VAL A 8 10.09 1.09 -14.38
N VAL A 9 10.57 1.27 -15.60
CA VAL A 9 9.97 0.61 -16.76
C VAL A 9 11.10 -0.04 -17.58
N PHE A 10 10.93 -1.34 -17.85
CA PHE A 10 11.73 -2.09 -18.80
C PHE A 10 10.83 -2.41 -19.98
N ALA A 11 11.45 -2.75 -21.09
CA ALA A 11 10.77 -3.12 -22.31
C ALA A 11 11.53 -4.22 -22.99
N GLY A 12 10.93 -5.41 -23.05
CA GLY A 12 11.50 -6.47 -23.90
C GLY A 12 10.69 -7.74 -24.02
N ASP A 13 10.85 -8.44 -25.14
CA ASP A 13 10.13 -9.70 -25.40
C ASP A 13 10.69 -10.93 -24.67
N TYR A 14 10.06 -12.09 -24.88
CA TYR A 14 10.35 -13.30 -24.10
C TYR A 14 11.76 -13.80 -24.37
N ALA A 15 12.17 -13.75 -25.66
CA ALA A 15 13.53 -14.16 -26.09
C ALA A 15 14.65 -13.55 -25.25
N TYR A 16 14.41 -12.39 -24.66
CA TYR A 16 15.41 -11.70 -23.84
C TYR A 16 15.10 -11.79 -22.35
N ILE A 17 14.35 -12.82 -21.96
CA ILE A 17 13.87 -12.87 -20.58
C ILE A 17 15.03 -13.04 -19.60
N ARG A 18 16.03 -13.85 -19.98
CA ARG A 18 17.27 -13.98 -19.19
C ARG A 18 18.01 -12.65 -18.92
N GLN A 19 18.05 -11.77 -19.92
CA GLN A 19 18.59 -10.39 -19.81
C GLN A 19 17.69 -9.53 -18.90
N ILE A 20 16.39 -9.52 -19.21
CA ILE A 20 15.41 -8.73 -18.45
C ILE A 20 15.46 -9.10 -16.97
N GLU A 21 15.33 -10.40 -16.66
CA GLU A 21 15.31 -10.87 -15.27
C GLU A 21 16.62 -10.51 -14.53
N THR A 22 17.75 -10.57 -15.23
CA THR A 22 19.05 -10.30 -14.61
C THR A 22 19.11 -8.83 -14.25
N ALA A 23 18.75 -8.01 -15.22
CA ALA A 23 18.66 -6.55 -15.02
C ALA A 23 17.76 -6.17 -13.84
N MET A 24 16.64 -6.88 -13.70
CA MET A 24 15.70 -6.68 -12.59
C MET A 24 16.23 -7.17 -11.25
N LYS A 25 17.05 -8.22 -11.27
CA LYS A 25 17.71 -8.73 -10.04
C LYS A 25 18.75 -7.76 -9.51
N SER A 26 19.56 -7.22 -10.41
CA SER A 26 20.58 -6.25 -10.03
C SER A 26 19.97 -4.93 -9.51
N LEU A 27 18.87 -4.51 -10.13
CA LEU A 27 18.08 -3.38 -9.62
C LEU A 27 17.51 -3.64 -8.23
N CYS A 28 16.74 -4.70 -8.08
CA CYS A 28 16.13 -5.05 -6.81
C CYS A 28 17.15 -5.37 -5.68
N ARG A 29 18.29 -5.98 -6.03
CA ARG A 29 19.35 -6.26 -5.08
C ARG A 29 19.71 -5.03 -4.31
N HIS A 30 19.76 -3.89 -5.00
CA HIS A 30 20.26 -2.68 -4.40
C HIS A 30 19.21 -1.61 -4.10
N ASN A 31 17.99 -1.75 -4.64
CA ASN A 31 16.94 -0.75 -4.43
C ASN A 31 15.62 -1.39 -4.08
N SER A 32 15.09 -1.05 -2.91
CA SER A 32 13.79 -1.51 -2.47
C SER A 32 12.70 -0.60 -3.03
N HIS A 33 11.45 -0.98 -2.73
CA HIS A 33 10.26 -0.16 -3.02
C HIS A 33 10.21 0.30 -4.47
N LEU A 34 10.15 -0.67 -5.37
CA LEU A 34 10.17 -0.39 -6.81
C LEU A 34 8.89 -0.88 -7.45
N LYS A 35 8.16 0.03 -8.07
CA LYS A 35 7.05 -0.33 -8.90
C LYS A 35 7.61 -0.51 -10.30
N ILE A 36 7.76 -1.76 -10.75
CA ILE A 36 8.36 -2.05 -12.05
C ILE A 36 7.27 -2.30 -13.06
N TYR A 37 7.25 -1.52 -14.13
CA TYR A 37 6.41 -1.81 -15.28
C TYR A 37 7.26 -2.57 -16.28
N LEU A 38 6.65 -3.38 -17.15
CA LEU A 38 7.40 -4.19 -18.13
C LEU A 38 6.63 -4.34 -19.43
N LEU A 39 7.13 -3.71 -20.48
CA LEU A 39 6.41 -3.62 -21.73
C LEU A 39 6.83 -4.80 -22.55
N ASN A 40 5.86 -5.62 -22.94
CA ASN A 40 6.15 -6.83 -23.72
C ASN A 40 4.94 -7.35 -24.44
N GLN A 41 5.11 -8.27 -25.39
CA GLN A 41 3.96 -8.94 -26.00
C GLN A 41 3.79 -10.45 -25.76
N ASP A 42 4.86 -11.15 -25.39
CA ASP A 42 4.83 -12.62 -25.29
C ASP A 42 5.44 -13.24 -24.03
N ILE A 43 5.64 -12.48 -22.97
CA ILE A 43 6.17 -13.09 -21.72
C ILE A 43 5.05 -13.86 -21.00
N PRO A 44 5.24 -15.16 -20.78
CA PRO A 44 4.20 -15.92 -20.10
C PRO A 44 3.85 -15.39 -18.71
N GLN A 45 2.59 -15.59 -18.33
CA GLN A 45 1.98 -15.06 -17.11
C GLN A 45 2.54 -15.65 -15.82
N GLU A 46 2.99 -16.90 -15.89
CA GLU A 46 3.52 -17.61 -14.71
C GLU A 46 4.78 -16.93 -14.18
N TRP A 47 5.55 -16.33 -15.10
CA TRP A 47 6.77 -15.61 -14.77
C TRP A 47 6.45 -14.34 -13.99
N PHE A 48 5.55 -13.56 -14.58
CA PHE A 48 5.01 -12.35 -13.93
C PHE A 48 4.43 -12.66 -12.55
N SER A 49 3.59 -13.69 -12.49
CA SER A 49 2.94 -14.06 -11.26
C SER A 49 3.99 -14.24 -10.13
N GLN A 50 5.06 -14.97 -10.39
CA GLN A 50 6.09 -15.28 -9.43
C GLN A 50 6.96 -14.11 -9.11
N ILE A 51 7.40 -13.41 -10.13
CA ILE A 51 8.29 -12.28 -9.87
C ILE A 51 7.53 -11.14 -9.16
N ARG A 52 6.30 -10.87 -9.59
CA ARG A 52 5.42 -9.94 -8.86
C ARG A 52 5.45 -10.17 -7.34
N ILE A 53 5.42 -11.43 -6.93
CA ILE A 53 5.44 -11.76 -5.53
C ILE A 53 6.69 -11.17 -4.92
N TYR A 54 7.85 -11.36 -5.57
CA TYR A 54 9.13 -10.85 -5.02
C TYR A 54 9.14 -9.32 -4.83
N LEU A 55 8.88 -8.60 -5.91
CA LEU A 55 8.83 -7.12 -5.88
C LEU A 55 7.97 -6.59 -4.72
N GLN A 56 6.82 -7.22 -4.53
CA GLN A 56 5.89 -6.86 -3.45
C GLN A 56 6.44 -7.09 -2.05
N GLU A 57 7.11 -8.24 -1.87
CA GLU A 57 7.78 -8.58 -0.62
C GLU A 57 8.87 -7.56 -0.28
N MET A 58 9.39 -6.88 -1.30
CA MET A 58 10.30 -5.77 -1.13
C MET A 58 9.62 -4.40 -1.11
N GLY A 59 8.31 -4.38 -0.94
CA GLY A 59 7.52 -3.13 -0.87
C GLY A 59 7.20 -2.54 -2.22
N GLY A 60 7.25 -3.38 -3.25
CA GLY A 60 7.08 -2.94 -4.64
C GLY A 60 5.92 -3.64 -5.35
N ASP A 61 6.05 -3.80 -6.66
CA ASP A 61 5.00 -4.40 -7.48
C ASP A 61 5.57 -4.65 -8.89
N LEU A 62 4.89 -5.47 -9.71
CA LEU A 62 5.31 -5.69 -11.08
C LEU A 62 4.13 -5.66 -11.99
N ILE A 63 4.18 -4.83 -13.02
CA ILE A 63 3.01 -4.55 -13.80
C ILE A 63 3.21 -5.07 -15.21
N ASP A 64 2.45 -6.09 -15.61
CA ASP A 64 2.53 -6.61 -16.98
C ASP A 64 1.87 -5.59 -17.93
N CYS A 65 2.67 -5.00 -18.82
CA CYS A 65 2.18 -4.02 -19.79
C CYS A 65 2.20 -4.66 -21.18
N LYS A 66 1.11 -5.34 -21.53
CA LYS A 66 1.03 -6.10 -22.76
C LYS A 66 0.73 -5.23 -23.95
N LEU A 67 1.65 -5.23 -24.94
CA LEU A 67 1.47 -4.54 -26.22
C LEU A 67 0.90 -5.45 -27.29
N ILE A 68 -0.34 -5.86 -27.06
CA ILE A 68 -1.09 -6.68 -27.99
C ILE A 68 -2.25 -5.80 -28.41
N GLY A 69 -2.46 -5.71 -29.73
CA GLY A 69 -3.50 -4.88 -30.36
C GLY A 69 -2.84 -4.02 -31.44
N SER A 70 -3.58 -3.67 -32.50
CA SER A 70 -3.00 -2.89 -33.62
C SER A 70 -2.63 -1.42 -33.29
N GLN A 71 -3.10 -0.93 -32.14
CA GLN A 71 -2.66 0.36 -31.62
C GLN A 71 -1.20 0.47 -31.10
N PHE A 72 -0.39 -0.59 -31.23
CA PHE A 72 0.98 -0.60 -30.68
C PHE A 72 2.08 -0.74 -31.74
N MET A 86 7.01 -3.01 -31.18
CA MET A 86 7.79 -3.52 -30.03
C MET A 86 9.28 -3.07 -29.98
N THR A 87 9.92 -2.90 -31.14
CA THR A 87 11.23 -2.20 -31.21
C THR A 87 11.12 -0.74 -30.69
N PHE A 88 9.90 -0.21 -30.75
CA PHE A 88 9.55 1.11 -30.25
C PHE A 88 8.70 1.12 -28.95
N ALA A 89 8.88 0.11 -28.12
CA ALA A 89 8.06 -0.05 -26.91
C ALA A 89 8.18 1.16 -25.99
N ARG A 90 9.39 1.69 -25.87
CA ARG A 90 9.63 2.95 -25.18
C ARG A 90 8.62 4.04 -25.49
N TYR A 91 8.22 4.16 -26.76
CA TYR A 91 7.26 5.20 -27.16
C TYR A 91 6.02 5.15 -26.31
N PHE A 92 5.54 3.95 -26.02
CA PHE A 92 4.29 3.77 -25.29
C PHE A 92 4.40 3.81 -23.76
N ILE A 93 5.57 4.12 -23.21
CA ILE A 93 5.66 4.33 -21.75
C ILE A 93 4.53 5.20 -21.12
N PRO A 94 4.18 6.36 -21.75
CA PRO A 94 3.19 7.22 -21.10
C PRO A 94 1.73 6.80 -21.29
N ASP A 95 1.48 5.73 -22.03
CA ASP A 95 0.18 5.05 -22.05
C ASP A 95 -0.05 4.07 -20.88
N PHE A 96 1.02 3.46 -20.38
CA PHE A 96 0.96 2.49 -19.29
C PHE A 96 1.31 3.07 -17.91
N VAL A 97 2.29 3.97 -17.84
CA VAL A 97 2.80 4.46 -16.55
C VAL A 97 1.96 5.61 -16.02
N THR A 98 1.65 5.58 -14.73
CA THR A 98 0.76 6.56 -14.11
C THR A 98 1.43 7.62 -13.22
N GLU A 99 2.67 7.38 -12.77
CA GLU A 99 3.38 8.32 -11.92
C GLU A 99 3.95 9.44 -12.78
N ASP A 100 4.22 10.59 -12.18
CA ASP A 100 4.66 11.80 -12.94
C ASP A 100 6.10 11.65 -13.45
N LYS A 101 6.92 10.91 -12.69
CA LYS A 101 8.28 10.55 -13.07
C LYS A 101 8.52 9.02 -13.13
N VAL A 102 9.12 8.55 -14.24
CA VAL A 102 9.56 7.15 -14.36
C VAL A 102 10.99 6.99 -14.93
N LEU A 103 11.73 6.01 -14.41
CA LEU A 103 13.07 5.64 -14.90
C LEU A 103 12.97 4.52 -15.95
N TYR A 104 13.25 4.80 -17.22
CA TYR A 104 13.35 3.72 -18.21
C TYR A 104 14.72 3.04 -18.13
N LEU A 105 14.73 1.72 -18.33
CA LEU A 105 15.98 0.93 -18.35
C LEU A 105 15.97 -0.14 -19.46
N ASP A 106 17.01 -0.10 -20.27
CA ASP A 106 17.41 -1.23 -21.12
C ASP A 106 17.64 -2.46 -20.27
N SER A 107 17.47 -3.63 -20.89
CA SER A 107 17.60 -4.94 -20.19
C SER A 107 19.01 -5.58 -20.32
N ASP A 108 19.87 -4.95 -21.13
CA ASP A 108 21.26 -5.35 -21.29
C ASP A 108 22.19 -4.61 -20.31
N LEU A 109 21.87 -4.67 -19.01
CA LEU A 109 22.54 -3.84 -18.01
C LEU A 109 22.41 -4.31 -16.57
N ILE A 110 23.29 -3.76 -15.75
CA ILE A 110 23.42 -4.16 -14.38
C ILE A 110 23.41 -2.92 -13.48
N VAL A 111 22.60 -2.97 -12.43
CA VAL A 111 22.61 -1.96 -11.38
C VAL A 111 23.43 -2.49 -10.21
N THR A 112 24.36 -1.68 -9.74
CA THR A 112 25.32 -2.10 -8.73
C THR A 112 25.18 -1.34 -7.40
N GLY A 113 24.18 -0.48 -7.28
CA GLY A 113 23.97 0.16 -6.01
C GLY A 113 22.73 1.02 -5.89
N ASP A 114 22.74 1.83 -4.86
CA ASP A 114 21.66 2.77 -4.55
C ASP A 114 21.47 3.77 -5.71
N LEU A 115 20.24 3.90 -6.18
CA LEU A 115 19.91 4.86 -7.24
C LEU A 115 19.13 6.12 -6.77
N THR A 116 19.03 6.37 -5.45
CA THR A 116 18.23 7.53 -4.93
C THR A 116 18.58 8.86 -5.59
N ASP A 117 19.88 9.15 -5.73
CA ASP A 117 20.28 10.41 -6.37
C ASP A 117 19.65 10.53 -7.77
N LEU A 118 19.53 9.40 -8.47
CA LEU A 118 18.88 9.35 -9.79
C LEU A 118 17.37 9.46 -9.73
N PHE A 119 16.75 8.70 -8.85
CA PHE A 119 15.29 8.75 -8.69
C PHE A 119 14.81 10.16 -8.25
N GLU A 120 15.54 10.77 -7.30
CA GLU A 120 15.18 12.07 -6.70
C GLU A 120 15.64 13.33 -7.48
N LEU A 121 16.28 13.14 -8.63
CA LEU A 121 16.71 14.24 -9.48
C LEU A 121 15.53 15.02 -10.08
N ASP A 122 15.60 16.35 -9.95
CA ASP A 122 14.57 17.27 -10.45
C ASP A 122 14.81 17.52 -11.94
N LEU A 123 13.82 17.21 -12.75
CA LEU A 123 13.90 17.44 -14.18
C LEU A 123 13.48 18.83 -14.56
N GLY A 124 12.81 19.54 -13.64
CA GLY A 124 12.23 20.83 -13.94
C GLY A 124 11.33 20.66 -15.14
N GLU A 125 11.54 21.48 -16.17
CA GLU A 125 10.76 21.40 -17.41
C GLU A 125 11.45 20.61 -18.52
N ASN A 126 12.55 19.93 -18.18
CA ASN A 126 13.13 18.96 -19.11
C ASN A 126 12.19 17.74 -19.32
N TYR A 127 11.99 17.33 -20.57
CA TYR A 127 11.20 16.14 -20.89
C TYR A 127 11.79 14.82 -20.36
N LEU A 128 13.12 14.74 -20.31
CA LEU A 128 13.86 13.61 -19.77
C LEU A 128 15.20 14.05 -19.28
N ALA A 129 15.85 13.16 -18.54
CA ALA A 129 17.30 13.20 -18.29
C ALA A 129 17.99 11.98 -18.89
N ALA A 130 19.13 12.19 -19.55
CA ALA A 130 19.93 11.09 -20.14
C ALA A 130 21.46 11.34 -20.08
N ALA A 131 22.21 10.24 -20.15
CA ALA A 131 23.67 10.30 -20.25
C ALA A 131 24.11 10.40 -21.72
N ARG A 132 25.29 10.91 -21.95
CA ARG A 132 25.76 11.05 -23.31
C ARG A 132 26.13 9.69 -23.89
N SER A 133 26.13 9.62 -25.23
CA SER A 133 26.44 8.38 -25.95
C SER A 133 27.95 8.08 -25.97
N CYS A 134 28.34 7.02 -25.27
CA CYS A 134 29.69 6.44 -25.35
C CYS A 134 30.80 7.38 -24.85
N PHE A 135 30.57 8.00 -23.69
CA PHE A 135 31.53 8.93 -23.06
C PHE A 135 31.78 10.27 -23.83
N GLY A 136 30.99 10.50 -24.87
CA GLY A 136 31.16 11.61 -25.76
C GLY A 136 31.54 11.15 -27.14
N ALA A 137 31.88 9.88 -27.28
CA ALA A 137 32.34 9.35 -28.55
C ALA A 137 31.33 9.45 -29.65
N GLY A 138 30.06 9.23 -29.32
CA GLY A 138 28.95 9.30 -30.28
C GLY A 138 28.19 10.61 -30.16
N VAL A 139 27.28 10.85 -31.10
CA VAL A 139 26.46 12.05 -31.05
C VAL A 139 25.21 11.83 -30.18
N GLY A 140 24.96 12.77 -29.28
CA GLY A 140 23.71 12.78 -28.50
C GLY A 140 23.75 11.94 -27.24
N PHE A 141 22.58 11.55 -26.78
CA PHE A 141 22.47 10.69 -25.60
C PHE A 141 22.22 9.25 -25.99
N ASN A 142 22.66 8.38 -25.08
CA ASN A 142 22.27 6.98 -25.09
C ASN A 142 20.85 6.83 -24.48
N ALA A 143 20.03 6.00 -25.13
CA ALA A 143 18.60 5.90 -24.82
C ALA A 143 18.30 4.79 -23.81
N GLY A 144 19.33 4.14 -23.29
CA GLY A 144 19.18 2.97 -22.44
C GLY A 144 18.91 3.28 -20.99
N VAL A 145 19.13 4.53 -20.57
CA VAL A 145 18.73 4.97 -19.23
C VAL A 145 18.11 6.33 -19.41
N LEU A 146 16.84 6.48 -19.02
CA LEU A 146 16.08 7.73 -19.19
C LEU A 146 15.29 7.96 -17.93
N LEU A 147 15.54 9.10 -17.27
CA LEU A 147 14.66 9.59 -16.23
C LEU A 147 13.61 10.45 -16.95
N ILE A 148 12.41 9.90 -17.10
CA ILE A 148 11.34 10.45 -17.92
C ILE A 148 10.33 11.24 -17.08
N ASN A 149 10.07 12.47 -17.50
CA ASN A 149 8.91 13.24 -17.01
C ASN A 149 7.65 12.72 -17.70
N ASN A 150 7.04 11.73 -17.07
CA ASN A 150 5.96 10.98 -17.69
C ASN A 150 4.72 11.85 -17.81
N LYS A 151 4.43 12.61 -16.75
CA LYS A 151 3.36 13.62 -16.74
C LYS A 151 3.40 14.49 -17.98
N LYS A 152 4.58 14.96 -18.33
CA LYS A 152 4.77 15.80 -19.51
C LYS A 152 4.74 15.02 -20.83
N TRP A 153 5.28 13.79 -20.84
CA TRP A 153 5.14 12.89 -22.00
C TRP A 153 3.67 12.61 -22.31
N GLY A 154 2.90 12.35 -21.27
CA GLY A 154 1.44 12.18 -21.40
C GLY A 154 0.73 13.47 -21.77
N SER A 155 0.86 14.46 -20.88
CA SER A 155 0.23 15.78 -21.12
C SER A 155 0.63 16.47 -22.47
N GLU A 156 1.81 16.17 -23.03
CA GLU A 156 2.18 16.75 -24.34
C GLU A 156 2.15 15.78 -25.54
N THR A 157 1.45 14.64 -25.42
CA THR A 157 1.25 13.65 -26.51
C THR A 157 2.56 13.21 -27.20
N ILE A 158 3.53 12.85 -26.37
CA ILE A 158 4.89 12.57 -26.85
C ILE A 158 4.96 11.27 -27.63
N ARG A 159 4.22 10.27 -27.15
CA ARG A 159 4.04 9.01 -27.84
C ARG A 159 3.62 9.17 -29.31
N GLN A 160 2.59 9.96 -29.57
CA GLN A 160 2.18 10.23 -30.98
C GLN A 160 3.24 10.98 -31.84
N LYS A 161 3.82 12.07 -31.31
CA LYS A 161 4.94 12.76 -32.01
C LYS A 161 6.14 11.85 -32.31
N LEU A 162 6.52 11.00 -31.35
CA LEU A 162 7.57 9.97 -31.58
C LEU A 162 7.19 8.98 -32.71
N ILE A 163 5.91 8.60 -32.79
CA ILE A 163 5.36 7.75 -33.87
C ILE A 163 5.33 8.51 -35.20
N ASP A 164 4.96 9.80 -35.16
CA ASP A 164 4.91 10.64 -36.38
C ASP A 164 6.29 11.07 -36.90
N LEU A 165 7.23 11.31 -35.99
CA LEU A 165 8.64 11.55 -36.38
C LEU A 165 9.31 10.25 -36.88
N THR A 166 8.81 9.09 -36.47
CA THR A 166 9.24 7.81 -37.04
C THR A 166 8.55 7.56 -38.38
N GLU A 167 7.26 7.91 -38.49
CA GLU A 167 6.52 7.83 -39.77
C GLU A 167 7.29 8.66 -40.82
N LYS A 168 7.46 9.95 -40.51
CA LYS A 168 8.35 10.82 -41.28
C LYS A 168 9.80 10.36 -41.01
N GLU A 169 10.68 10.55 -41.99
CA GLU A 169 12.12 10.16 -41.93
C GLU A 169 12.57 9.06 -40.92
N HIS A 170 12.05 7.85 -41.14
CA HIS A 170 12.61 6.61 -40.56
C HIS A 170 13.77 6.10 -41.41
N GLU A 171 13.62 6.20 -42.73
CA GLU A 171 14.59 5.60 -43.69
C GLU A 171 15.99 6.22 -43.65
N ASN A 172 16.09 7.49 -43.25
CA ASN A 172 17.38 8.22 -43.22
C ASN A 172 17.91 8.50 -41.79
N VAL A 173 17.68 7.55 -40.88
CA VAL A 173 18.34 7.51 -39.56
C VAL A 173 18.78 6.10 -39.26
N GLU A 174 19.77 5.99 -38.37
CA GLU A 174 20.58 4.77 -38.23
C GLU A 174 20.45 4.00 -36.90
N GLU A 175 20.18 4.70 -35.79
CA GLU A 175 20.08 4.08 -34.45
C GLU A 175 18.63 3.75 -34.00
N GLY A 176 17.92 2.99 -34.83
CA GLY A 176 16.60 2.42 -34.50
C GLY A 176 15.57 3.45 -34.07
N ASP A 177 15.39 3.59 -32.76
CA ASP A 177 14.57 4.67 -32.16
C ASP A 177 15.33 5.62 -31.23
N GLN A 178 16.63 5.36 -31.02
CA GLN A 178 17.50 6.29 -30.32
C GLN A 178 17.71 7.56 -31.15
N SER A 179 17.81 7.39 -32.47
CA SER A 179 17.90 8.52 -33.41
C SER A 179 16.73 9.48 -33.24
N ILE A 180 15.53 8.89 -33.26
CA ILE A 180 14.27 9.61 -33.22
C ILE A 180 14.18 10.30 -31.86
N LEU A 181 14.41 9.56 -30.79
CA LEU A 181 14.49 10.11 -29.44
C LEU A 181 15.39 11.32 -29.38
N ASN A 182 16.58 11.21 -29.99
CA ASN A 182 17.52 12.35 -30.07
C ASN A 182 17.06 13.48 -31.03
N MET A 183 16.38 13.11 -32.13
CA MET A 183 15.86 14.09 -33.11
C MET A 183 14.84 15.02 -32.43
N LEU A 184 13.91 14.43 -31.69
CA LEU A 184 12.79 15.15 -31.11
C LEU A 184 13.11 15.91 -29.81
N PHE A 185 14.04 15.39 -29.01
CA PHE A 185 14.41 16.00 -27.71
C PHE A 185 15.73 16.77 -27.69
N LYS A 186 16.40 16.83 -28.84
CA LYS A 186 17.56 17.73 -29.10
C LYS A 186 17.39 19.05 -28.34
N ASP A 187 18.40 19.42 -27.54
CA ASP A 187 18.38 20.69 -26.76
C ASP A 187 17.18 20.78 -25.80
N GLN A 188 16.74 19.66 -25.24
CA GLN A 188 15.63 19.71 -24.29
C GLN A 188 15.63 18.60 -23.23
N TYR A 189 16.83 18.19 -22.80
CA TYR A 189 17.00 17.23 -21.72
C TYR A 189 18.09 17.67 -20.75
N SER A 190 17.96 17.34 -19.46
CA SER A 190 19.07 17.53 -18.52
C SER A 190 20.03 16.35 -18.67
N SER A 191 21.24 16.49 -18.13
CA SER A 191 22.27 15.46 -18.28
C SER A 191 22.40 14.59 -17.06
N LEU A 192 22.76 13.33 -17.35
CA LEU A 192 23.10 12.35 -16.35
C LEU A 192 24.60 12.16 -16.44
N GLU A 193 25.23 11.98 -15.27
CA GLU A 193 26.64 11.63 -15.21
C GLU A 193 26.81 10.24 -15.80
N ASP A 194 27.98 9.98 -16.37
CA ASP A 194 28.26 8.72 -17.09
C ASP A 194 28.04 7.44 -16.29
N GLN A 195 28.28 7.51 -14.99
CA GLN A 195 28.11 6.34 -14.14
C GLN A 195 26.67 5.81 -14.04
N TYR A 196 25.69 6.62 -14.44
CA TYR A 196 24.29 6.21 -14.46
C TYR A 196 23.92 5.66 -15.84
N ASN A 197 24.90 5.50 -16.73
CA ASN A 197 24.73 4.76 -17.98
C ASN A 197 26.12 4.45 -18.56
N PHE A 198 26.87 3.69 -17.78
CA PHE A 198 28.27 3.46 -18.04
C PHE A 198 28.39 2.43 -19.14
N GLN A 199 28.62 2.90 -20.37
CA GLN A 199 28.58 2.03 -21.52
C GLN A 199 29.87 1.22 -21.73
N ILE A 200 30.18 0.39 -20.73
CA ILE A 200 31.29 -0.57 -20.77
C ILE A 200 31.27 -1.48 -22.00
N GLY A 201 30.08 -1.71 -22.55
CA GLY A 201 29.94 -2.40 -23.82
C GLY A 201 30.57 -1.71 -25.02
N TYR A 202 30.94 -0.44 -24.89
CA TYR A 202 31.62 0.27 -25.95
C TYR A 202 33.09 -0.19 -26.11
N ASP A 203 33.61 -1.01 -25.19
CA ASP A 203 35.03 -1.42 -25.24
C ASP A 203 35.58 -1.93 -26.57
N TYR A 204 34.87 -2.84 -27.23
CA TYR A 204 35.27 -3.26 -28.59
C TYR A 204 35.34 -2.03 -29.52
N GLY A 205 34.28 -1.24 -29.54
CA GLY A 205 34.21 -0.03 -30.37
C GLY A 205 35.34 0.94 -30.09
N ALA A 206 35.60 1.17 -28.81
CA ALA A 206 36.69 2.02 -28.33
C ALA A 206 38.06 1.46 -28.65
N ALA A 207 38.19 0.13 -28.67
CA ALA A 207 39.42 -0.52 -29.15
C ALA A 207 39.55 -0.43 -30.67
N THR A 208 38.45 -0.48 -31.40
CA THR A 208 38.46 -0.47 -32.87
C THR A 208 38.92 0.88 -33.40
N PHE A 209 38.36 1.95 -32.83
CA PHE A 209 38.66 3.31 -33.27
C PHE A 209 39.82 3.92 -32.48
N LYS A 210 40.49 3.11 -31.68
CA LYS A 210 41.71 3.50 -30.97
C LYS A 210 41.53 4.70 -30.01
N HIS A 211 40.36 4.76 -29.37
CA HIS A 211 40.11 5.70 -28.29
C HIS A 211 40.78 5.20 -27.00
N GLN A 212 42.10 5.38 -26.92
CA GLN A 212 42.90 4.83 -25.80
C GLN A 212 42.50 5.33 -24.43
N PHE A 213 41.97 6.54 -24.35
CA PHE A 213 41.72 7.20 -23.07
C PHE A 213 40.45 6.68 -22.42
N ILE A 214 39.55 6.17 -23.25
CA ILE A 214 38.43 5.38 -22.73
C ILE A 214 38.90 4.40 -21.62
N PHE A 215 40.04 3.76 -21.86
CA PHE A 215 40.55 2.68 -21.00
C PHE A 215 41.21 3.12 -19.70
N ASP A 216 41.42 4.43 -19.54
CA ASP A 216 41.92 4.99 -18.29
C ASP A 216 40.80 5.36 -17.34
N ILE A 217 39.55 5.29 -17.80
CA ILE A 217 38.40 5.64 -16.91
C ILE A 217 38.28 4.61 -15.78
N PRO A 218 38.48 5.04 -14.53
CA PRO A 218 38.54 4.04 -13.47
C PRO A 218 37.16 3.37 -13.26
N LEU A 219 37.21 2.04 -13.08
CA LEU A 219 36.07 1.18 -12.83
C LEU A 219 35.98 0.70 -11.36
N GLU A 220 36.90 1.14 -10.49
CA GLU A 220 36.74 1.07 -9.04
C GLU A 220 36.49 2.50 -8.55
N PRO A 221 35.49 2.75 -7.70
CA PRO A 221 34.41 1.79 -7.39
C PRO A 221 33.54 1.52 -8.64
N LEU A 222 32.71 0.51 -8.56
CA LEU A 222 31.94 0.09 -9.73
C LEU A 222 30.83 1.13 -10.09
N PRO A 223 30.80 1.60 -11.35
CA PRO A 223 29.71 2.48 -11.80
C PRO A 223 28.36 1.94 -11.36
N LEU A 224 27.47 2.84 -10.99
CA LEU A 224 26.13 2.45 -10.58
C LEU A 224 25.31 1.74 -11.63
N ILE A 225 25.48 2.08 -12.88
CA ILE A 225 24.76 1.38 -13.94
C ILE A 225 25.70 1.00 -15.08
N LEU A 226 25.94 -0.30 -15.22
CA LEU A 226 26.76 -0.82 -16.29
C LEU A 226 25.85 -1.20 -17.47
N HIS A 227 26.19 -0.73 -18.66
CA HIS A 227 25.32 -0.89 -19.80
C HIS A 227 26.11 -1.56 -20.92
N TYR A 228 25.83 -2.84 -21.15
CA TYR A 228 26.58 -3.66 -22.06
C TYR A 228 26.10 -3.50 -23.50
N ILE A 229 26.33 -2.33 -24.07
CA ILE A 229 25.92 -2.07 -25.47
C ILE A 229 26.73 -2.86 -26.46
N SER A 230 26.16 -2.95 -27.67
CA SER A 230 26.74 -3.60 -28.88
C SER A 230 26.50 -5.11 -28.95
N GLN A 231 26.90 -5.72 -30.07
CA GLN A 231 26.86 -7.19 -30.26
C GLN A 231 27.78 -8.02 -29.32
N ASP A 232 28.79 -7.39 -28.74
CA ASP A 232 29.65 -8.02 -27.75
C ASP A 232 29.01 -8.07 -26.37
N LYS A 233 28.22 -9.10 -26.14
CA LYS A 233 27.48 -9.22 -24.89
C LYS A 233 28.22 -10.11 -23.89
N PRO A 234 28.19 -9.75 -22.59
CA PRO A 234 28.83 -10.60 -21.60
C PRO A 234 28.19 -12.01 -21.42
N TRP A 235 26.92 -12.13 -21.77
CA TRP A 235 26.23 -13.43 -21.69
C TRP A 235 26.45 -14.37 -22.91
N ASN A 236 27.10 -13.91 -23.97
CA ASN A 236 27.55 -14.82 -25.03
C ASN A 236 28.66 -15.73 -24.58
N GLN A 237 28.83 -16.82 -25.31
CA GLN A 237 29.87 -17.81 -25.04
C GLN A 237 31.22 -17.12 -24.94
N PHE A 238 31.47 -16.26 -25.94
CA PHE A 238 32.68 -15.45 -26.01
C PHE A 238 32.32 -13.96 -26.02
N SER A 239 33.08 -13.17 -25.26
CA SER A 239 33.09 -11.71 -25.45
C SER A 239 34.40 -11.15 -25.02
N VAL A 240 34.71 -10.01 -25.59
CA VAL A 240 35.98 -9.32 -25.38
C VAL A 240 35.93 -8.18 -24.35
N GLY A 241 34.74 -7.63 -24.13
CA GLY A 241 34.55 -6.50 -23.24
C GLY A 241 34.84 -6.83 -21.79
N ARG A 242 35.13 -5.79 -21.02
CA ARG A 242 35.48 -5.93 -19.60
C ARG A 242 34.21 -5.97 -18.78
N LEU A 243 34.35 -6.35 -17.51
CA LEU A 243 33.22 -6.51 -16.60
C LEU A 243 32.17 -7.58 -17.02
N ARG A 244 32.68 -8.61 -17.69
CA ARG A 244 31.89 -9.80 -18.05
C ARG A 244 31.45 -10.49 -16.79
N GLU A 245 32.37 -10.70 -15.87
CA GLU A 245 32.11 -11.37 -14.59
C GLU A 245 30.84 -10.88 -13.88
N VAL A 246 30.53 -9.58 -13.98
CA VAL A 246 29.53 -8.95 -13.14
C VAL A 246 28.11 -9.24 -13.61
N TRP A 247 27.93 -9.28 -14.92
CA TRP A 247 26.63 -9.72 -15.48
C TRP A 247 26.25 -11.08 -14.93
N TRP A 248 27.17 -12.05 -15.09
CA TRP A 248 27.03 -13.41 -14.59
C TRP A 248 26.83 -13.50 -13.07
N GLU A 249 27.45 -12.61 -12.32
CA GLU A 249 27.22 -12.61 -10.85
C GLU A 249 25.73 -12.42 -10.58
N TYR A 250 25.07 -11.52 -11.34
CA TYR A 250 23.65 -11.28 -11.15
C TYR A 250 22.76 -12.36 -11.75
N SER A 251 23.05 -12.78 -12.99
CA SER A 251 22.21 -13.76 -13.67
C SER A 251 22.00 -15.02 -12.84
N LEU A 252 23.11 -15.52 -12.32
CA LEU A 252 23.16 -16.73 -11.50
C LEU A 252 22.78 -16.57 -10.03
N MET A 253 22.50 -15.36 -9.59
CA MET A 253 22.05 -15.13 -8.20
C MET A 253 20.59 -15.57 -8.02
N ASP A 254 20.33 -16.38 -6.98
CA ASP A 254 18.96 -16.73 -6.63
C ASP A 254 18.20 -15.50 -6.07
N TRP A 255 16.91 -15.39 -6.39
CA TRP A 255 16.07 -14.31 -5.84
C TRP A 255 16.08 -14.33 -4.31
N SER A 256 16.19 -15.53 -3.73
CA SER A 256 16.20 -15.74 -2.27
C SER A 256 17.31 -14.98 -1.56
N VAL A 257 18.46 -14.84 -2.21
CA VAL A 257 19.55 -14.03 -1.68
C VAL A 257 19.14 -12.56 -1.55
N ILE A 258 18.47 -12.07 -2.59
CA ILE A 258 18.03 -10.69 -2.69
C ILE A 258 17.00 -10.43 -1.60
N LEU A 259 16.03 -11.32 -1.51
CA LEU A 259 15.00 -11.19 -0.49
C LEU A 259 15.59 -11.34 0.92
N ASN A 260 16.46 -12.31 1.14
CA ASN A 260 17.07 -12.46 2.48
C ASN A 260 17.94 -11.26 2.89
N GLU A 261 18.65 -10.65 1.94
CA GLU A 261 19.35 -9.40 2.24
C GLU A 261 18.38 -8.33 2.77
N TRP A 262 17.23 -8.16 2.12
CA TRP A 262 16.27 -7.14 2.54
C TRP A 262 15.65 -7.46 3.90
N PHE A 263 15.22 -8.71 4.12
CA PHE A 263 14.57 -9.12 5.40
C PHE A 263 15.44 -8.84 6.62
N SER A 264 16.74 -8.98 6.45
CA SER A 264 17.70 -8.70 7.51
C SER A 264 17.84 -7.21 7.87
N LYS A 265 17.55 -6.35 6.88
CA LYS A 265 17.48 -4.89 7.03
C LYS A 265 16.03 -4.40 7.26
N SER A 266 15.16 -5.28 7.76
CA SER A 266 13.77 -4.96 8.17
C SER A 266 12.83 -4.41 7.07
N VAL A 267 13.03 -4.88 5.84
CA VAL A 267 12.19 -4.54 4.70
C VAL A 267 11.54 -5.84 4.25
N LYS A 268 10.26 -6.01 4.61
CA LYS A 268 9.54 -7.26 4.38
C LYS A 268 8.04 -7.00 4.50
N TYR A 269 7.36 -7.11 3.36
CA TYR A 269 5.94 -6.80 3.20
C TYR A 269 5.25 -8.11 2.82
N PRO A 270 3.99 -8.30 3.24
CA PRO A 270 3.30 -9.51 2.75
C PRO A 270 2.98 -9.41 1.24
N SER A 271 2.91 -10.55 0.56
CA SER A 271 2.52 -10.60 -0.85
C SER A 271 1.00 -10.79 -1.02
N LYS A 272 0.47 -10.31 -2.15
CA LYS A 272 -0.94 -10.53 -2.54
C LYS A 272 -1.12 -11.90 -3.23
N SER A 273 -0.79 -13.00 -2.53
CA SER A 273 -1.01 -14.36 -3.06
C SER A 273 -2.49 -14.70 -2.93
N GLN A 274 -3.26 -14.22 -3.91
CA GLN A 274 -4.66 -14.56 -4.11
C GLN A 274 -4.72 -16.05 -4.48
N ILE A 275 -5.68 -16.76 -3.89
CA ILE A 275 -5.96 -18.14 -4.31
C ILE A 275 -7.40 -18.22 -4.81
N PHE A 276 -7.57 -18.87 -5.96
CA PHE A 276 -8.83 -18.88 -6.69
C PHE A 276 -9.95 -19.63 -5.97
N LYS A 277 -11.13 -19.01 -5.92
CA LYS A 277 -12.29 -19.60 -5.27
C LYS A 277 -13.26 -20.24 -6.26
N LEU A 278 -12.97 -20.14 -7.56
CA LEU A 278 -13.83 -20.66 -8.60
C LEU A 278 -13.14 -20.76 -9.94
N GLN A 279 -13.62 -21.65 -10.80
CA GLN A 279 -13.03 -21.83 -12.12
C GLN A 279 -14.07 -21.69 -13.21
N CYS A 280 -13.92 -20.72 -14.12
CA CYS A 280 -14.93 -20.53 -15.17
C CYS A 280 -14.36 -20.77 -16.53
N VAL A 281 -15.21 -21.21 -17.46
CA VAL A 281 -14.79 -21.57 -18.82
C VAL A 281 -15.74 -21.12 -19.94
N ASN A 282 -15.17 -20.78 -21.07
CA ASN A 282 -15.92 -20.47 -22.28
C ASN A 282 -15.19 -21.01 -23.49
N LEU A 283 -15.94 -21.53 -24.45
CA LEU A 283 -15.39 -21.81 -25.76
C LEU A 283 -16.01 -20.78 -26.72
N THR A 284 -15.17 -20.17 -27.53
CA THR A 284 -15.59 -19.10 -28.41
C THR A 284 -15.15 -19.39 -29.82
N ASN A 285 -15.94 -18.90 -30.77
CA ASN A 285 -15.58 -18.84 -32.18
C ASN A 285 -15.62 -17.38 -32.66
N SER A 286 -15.51 -16.44 -31.72
CA SER A 286 -15.41 -15.03 -32.08
C SER A 286 -14.45 -14.30 -31.18
N TRP A 287 -13.99 -13.17 -31.67
CA TRP A 287 -13.23 -12.21 -30.85
C TRP A 287 -13.97 -11.63 -29.63
N CYS A 288 -15.29 -11.52 -29.72
CA CYS A 288 -16.08 -10.84 -28.68
C CYS A 288 -16.72 -11.82 -27.66
N VAL A 289 -16.20 -11.75 -26.43
CA VAL A 289 -16.64 -12.51 -25.32
C VAL A 289 -17.16 -11.46 -24.34
N GLU A 290 -18.50 -11.40 -24.19
CA GLU A 290 -19.20 -10.28 -23.56
C GLU A 290 -18.69 -10.02 -22.15
N LYS A 291 -18.13 -8.83 -21.94
CA LYS A 291 -17.71 -8.36 -20.62
C LYS A 291 -16.54 -9.13 -20.02
N ILE A 292 -15.80 -9.92 -20.80
CA ILE A 292 -14.66 -10.66 -20.22
C ILE A 292 -13.57 -9.78 -19.53
N ASP A 293 -13.23 -8.63 -20.14
CA ASP A 293 -12.33 -7.65 -19.50
C ASP A 293 -12.89 -7.14 -18.16
N TYR A 294 -14.08 -6.56 -18.21
CA TYR A 294 -14.83 -6.16 -17.01
C TYR A 294 -14.84 -7.33 -16.02
N LEU A 295 -15.26 -8.51 -16.48
CA LEU A 295 -15.37 -9.67 -15.57
C LEU A 295 -14.04 -10.05 -14.90
N ALA A 296 -12.96 -10.11 -15.68
CA ALA A 296 -11.65 -10.43 -15.14
C ALA A 296 -11.15 -9.42 -14.11
N GLU A 297 -11.47 -8.15 -14.33
CA GLU A 297 -11.09 -7.07 -13.43
C GLU A 297 -11.88 -7.10 -12.11
N GLN A 298 -13.20 -7.30 -12.20
CA GLN A 298 -14.06 -7.37 -11.02
C GLN A 298 -13.86 -8.61 -10.15
N LEU A 299 -13.43 -9.69 -10.79
CA LEU A 299 -13.37 -10.99 -10.17
C LEU A 299 -11.94 -11.56 -10.23
N PRO A 300 -11.00 -10.98 -9.45
CA PRO A 300 -9.63 -11.51 -9.38
C PRO A 300 -9.51 -12.90 -8.76
N GLU A 301 -10.40 -13.23 -7.83
CA GLU A 301 -10.47 -14.56 -7.23
C GLU A 301 -11.04 -15.70 -8.14
N VAL A 302 -11.45 -15.39 -9.37
CA VAL A 302 -12.00 -16.35 -10.32
C VAL A 302 -10.97 -16.55 -11.40
N HIS A 303 -10.63 -17.80 -11.68
CA HIS A 303 -9.74 -18.12 -12.78
C HIS A 303 -10.62 -18.40 -13.99
N PHE A 304 -10.53 -17.53 -15.00
CA PHE A 304 -11.31 -17.68 -16.25
C PHE A 304 -10.48 -18.37 -17.31
N HIS A 305 -11.10 -19.29 -18.05
CA HIS A 305 -10.44 -20.10 -19.05
C HIS A 305 -11.19 -19.91 -20.37
N ILE A 306 -10.52 -19.33 -21.36
CA ILE A 306 -11.17 -18.97 -22.63
C ILE A 306 -10.49 -19.73 -23.75
N VAL A 307 -11.25 -20.54 -24.46
CA VAL A 307 -10.68 -21.56 -25.32
C VAL A 307 -11.17 -21.33 -26.73
N ALA A 308 -10.34 -21.66 -27.70
CA ALA A 308 -10.75 -21.63 -29.09
C ALA A 308 -10.05 -22.75 -29.80
N TYR A 309 -10.52 -23.06 -31.01
CA TYR A 309 -9.96 -24.11 -31.84
C TYR A 309 -9.07 -23.58 -32.96
N THR A 310 -8.85 -22.26 -32.97
CA THR A 310 -8.11 -21.59 -34.03
C THR A 310 -7.26 -20.51 -33.37
N ASN A 311 -6.60 -19.67 -34.17
CA ASN A 311 -5.93 -18.49 -33.63
C ASN A 311 -6.97 -17.57 -32.99
N MET A 312 -6.55 -16.77 -32.04
CA MET A 312 -7.43 -15.78 -31.43
C MET A 312 -7.05 -14.34 -31.83
N ALA A 313 -8.06 -13.47 -31.82
CA ALA A 313 -7.87 -12.06 -32.07
C ALA A 313 -7.17 -11.38 -30.89
N ASN A 314 -6.59 -10.22 -31.19
CA ASN A 314 -5.82 -9.49 -30.22
C ASN A 314 -6.59 -9.13 -28.95
N GLU A 315 -7.88 -8.79 -29.10
CA GLU A 315 -8.77 -8.43 -27.97
C GLU A 315 -8.72 -9.52 -26.91
N LEU A 316 -8.63 -10.78 -27.36
CA LEU A 316 -8.57 -11.95 -26.50
C LEU A 316 -7.18 -12.30 -26.03
N LEU A 317 -6.20 -12.23 -26.95
CA LEU A 317 -4.79 -12.46 -26.59
C LEU A 317 -4.31 -11.44 -25.54
N ALA A 318 -4.85 -10.21 -25.64
CA ALA A 318 -4.56 -9.15 -24.69
C ALA A 318 -4.91 -9.47 -23.23
N LEU A 319 -5.81 -10.44 -23.04
CA LEU A 319 -6.24 -10.88 -21.73
C LEU A 319 -5.14 -11.51 -20.89
N THR A 320 -4.04 -11.92 -21.54
CA THR A 320 -2.81 -12.25 -20.83
C THR A 320 -2.31 -11.18 -19.83
N ARG A 321 -2.86 -9.96 -19.93
CA ARG A 321 -2.50 -8.90 -19.00
C ARG A 321 -3.04 -9.16 -17.61
N PHE A 322 -4.15 -9.90 -17.54
CA PHE A 322 -4.77 -10.23 -16.28
C PHE A 322 -4.08 -11.45 -15.70
N PRO A 323 -3.76 -11.42 -14.40
CA PRO A 323 -3.15 -12.59 -13.79
C PRO A 323 -4.09 -13.78 -13.67
N ASN A 324 -5.41 -13.56 -13.81
CA ASN A 324 -6.42 -14.58 -13.55
C ASN A 324 -7.19 -15.04 -14.80
N VAL A 325 -6.64 -14.84 -16.00
CA VAL A 325 -7.22 -15.36 -17.23
C VAL A 325 -6.21 -16.21 -18.01
N THR A 326 -6.52 -17.49 -18.24
CA THR A 326 -5.74 -18.26 -19.19
C THR A 326 -6.49 -18.32 -20.52
N VAL A 327 -5.75 -18.30 -21.59
CA VAL A 327 -6.29 -18.24 -22.93
C VAL A 327 -5.63 -19.36 -23.71
N TYR A 328 -6.41 -20.09 -24.50
CA TYR A 328 -6.02 -21.34 -25.15
C TYR A 328 -6.36 -21.29 -26.63
N PRO A 329 -5.57 -20.59 -27.41
CA PRO A 329 -5.81 -20.71 -28.86
C PRO A 329 -5.46 -22.09 -29.38
N ASN A 330 -5.97 -22.40 -30.57
CA ASN A 330 -5.71 -23.69 -31.24
C ASN A 330 -5.80 -24.89 -30.27
N SER A 331 -6.86 -24.91 -29.47
CA SER A 331 -7.18 -26.08 -28.66
C SER A 331 -8.00 -27.05 -29.51
N LEU A 332 -8.51 -28.09 -28.86
CA LEU A 332 -9.25 -29.13 -29.55
C LEU A 332 -10.31 -29.66 -28.56
N PRO A 333 -11.43 -30.21 -29.10
CA PRO A 333 -12.55 -30.69 -28.29
C PRO A 333 -12.19 -31.51 -27.03
N MET A 334 -11.33 -32.53 -27.16
CA MET A 334 -10.96 -33.38 -26.00
C MET A 334 -10.18 -32.66 -24.91
N LEU A 335 -9.54 -31.53 -25.26
CA LEU A 335 -8.78 -30.69 -24.31
C LEU A 335 -9.69 -29.76 -23.58
N LEU A 336 -10.69 -29.27 -24.31
CA LEU A 336 -11.70 -28.45 -23.74
C LEU A 336 -12.44 -29.32 -22.72
N GLU A 337 -12.75 -30.55 -23.10
CA GLU A 337 -13.44 -31.50 -22.24
C GLU A 337 -12.80 -31.55 -20.86
N GLN A 338 -11.46 -31.59 -20.79
CA GLN A 338 -10.75 -31.72 -19.51
C GLN A 338 -10.79 -30.47 -18.67
N ILE A 339 -10.75 -29.32 -19.34
CA ILE A 339 -10.89 -28.02 -18.65
C ILE A 339 -12.30 -27.89 -18.08
N VAL A 340 -13.29 -28.29 -18.89
CA VAL A 340 -14.69 -28.31 -18.43
C VAL A 340 -14.93 -29.21 -17.23
N ILE A 341 -14.36 -30.42 -17.24
CA ILE A 341 -14.41 -31.30 -16.07
C ILE A 341 -13.86 -30.60 -14.81
N ALA A 342 -12.70 -29.95 -14.92
CA ALA A 342 -12.06 -29.37 -13.72
C ALA A 342 -12.72 -28.07 -13.22
N SER A 343 -13.63 -27.50 -14.01
CA SER A 343 -14.21 -26.18 -13.76
C SER A 343 -15.57 -26.20 -13.06
N ASP A 344 -15.89 -25.12 -12.36
CA ASP A 344 -17.14 -24.95 -11.63
C ASP A 344 -18.36 -24.44 -12.42
N LEU A 345 -18.14 -23.50 -13.35
CA LEU A 345 -19.22 -22.75 -14.05
C LEU A 345 -18.89 -22.52 -15.52
N TYR A 346 -19.84 -22.73 -16.43
CA TYR A 346 -19.63 -22.36 -17.82
C TYR A 346 -20.25 -20.98 -18.06
N LEU A 347 -19.47 -20.03 -18.59
CA LEU A 347 -19.98 -18.70 -18.90
C LEU A 347 -20.21 -18.67 -20.39
N ASP A 348 -21.46 -18.67 -20.82
CA ASP A 348 -21.77 -18.74 -22.25
C ASP A 348 -21.82 -17.29 -22.74
N LEU A 349 -20.65 -16.72 -22.96
CA LEU A 349 -20.45 -15.32 -23.31
C LEU A 349 -20.09 -15.06 -24.77
N ASN A 350 -19.78 -16.10 -25.55
CA ASN A 350 -19.30 -15.85 -26.93
C ASN A 350 -20.44 -15.34 -27.81
N HIS A 351 -20.09 -14.62 -28.87
CA HIS A 351 -21.03 -13.87 -29.67
C HIS A 351 -21.42 -14.65 -30.91
N ASP A 352 -22.18 -15.70 -30.64
CA ASP A 352 -23.00 -16.43 -31.62
C ASP A 352 -22.23 -16.90 -32.84
N ARG A 353 -22.66 -18.06 -33.26
CA ARG A 353 -21.85 -19.12 -33.82
C ARG A 353 -21.39 -19.88 -32.58
N LYS A 354 -22.38 -20.49 -31.94
CA LYS A 354 -22.18 -21.33 -30.78
C LYS A 354 -21.68 -22.67 -31.28
N LEU A 355 -20.56 -23.12 -30.69
CA LEU A 355 -20.00 -24.42 -31.04
C LEU A 355 -20.59 -25.52 -30.14
N GLU A 356 -21.22 -26.51 -30.77
CA GLU A 356 -21.97 -27.54 -30.04
C GLU A 356 -21.20 -28.23 -28.87
N ASP A 357 -19.90 -28.50 -29.07
CA ASP A 357 -19.02 -29.22 -28.12
C ASP A 357 -19.26 -28.75 -26.67
N ALA A 358 -19.27 -27.44 -26.47
CA ALA A 358 -19.48 -26.86 -25.13
C ALA A 358 -20.75 -27.33 -24.46
N TYR A 359 -21.84 -27.23 -25.20
CA TYR A 359 -23.15 -27.63 -24.67
C TYR A 359 -23.16 -29.12 -24.44
N GLU A 360 -22.59 -29.91 -25.36
CA GLU A 360 -22.46 -31.37 -25.12
C GLU A 360 -21.67 -31.65 -23.84
N PHE A 361 -20.51 -31.03 -23.66
CA PHE A 361 -19.71 -31.27 -22.43
C PHE A 361 -20.41 -30.73 -21.20
N VAL A 362 -21.17 -29.64 -21.36
CA VAL A 362 -21.83 -29.00 -20.21
C VAL A 362 -22.92 -29.90 -19.63
N LEU A 363 -23.75 -30.48 -20.52
CA LEU A 363 -24.78 -31.44 -20.11
C LEU A 363 -24.16 -32.70 -19.52
N LYS A 364 -23.30 -33.35 -20.30
CA LYS A 364 -22.66 -34.60 -19.88
C LYS A 364 -22.03 -34.54 -18.48
N TYR A 365 -21.27 -33.51 -18.17
CA TYR A 365 -20.64 -33.37 -16.82
C TYR A 365 -21.44 -32.52 -15.83
N LYS A 366 -22.64 -32.12 -16.26
CA LYS A 366 -23.70 -31.55 -15.41
C LYS A 366 -23.16 -30.30 -14.75
N LYS A 367 -22.85 -29.34 -15.62
CA LYS A 367 -22.23 -28.10 -15.23
C LYS A 367 -23.25 -26.98 -15.30
N PRO A 368 -23.36 -26.17 -14.23
CA PRO A 368 -24.21 -24.98 -14.39
C PRO A 368 -23.71 -24.08 -15.54
N MET A 369 -24.61 -23.36 -16.18
CA MET A 369 -24.23 -22.50 -17.29
C MET A 369 -25.07 -21.25 -17.21
N ILE A 370 -24.42 -20.08 -17.20
CA ILE A 370 -25.09 -18.79 -17.23
C ILE A 370 -24.74 -17.98 -18.49
N ALA A 371 -25.51 -16.91 -18.72
CA ALA A 371 -25.27 -16.02 -19.85
C ALA A 371 -25.76 -14.61 -19.61
N PHE A 372 -25.34 -13.73 -20.52
CA PHE A 372 -25.90 -12.40 -20.67
C PHE A 372 -27.08 -12.48 -21.61
N ASP A 373 -28.09 -11.64 -21.36
CA ASP A 373 -29.26 -11.47 -22.23
C ASP A 373 -28.93 -11.39 -23.71
N ASN A 374 -27.79 -10.80 -24.08
CA ASN A 374 -27.43 -10.69 -25.51
C ASN A 374 -26.54 -11.81 -26.01
N THR A 375 -26.41 -12.89 -25.23
CA THR A 375 -25.46 -13.91 -25.58
C THR A 375 -25.96 -15.36 -25.37
N CYS A 376 -27.28 -15.54 -25.36
CA CYS A 376 -27.91 -16.87 -25.25
C CYS A 376 -27.89 -17.58 -26.60
N SER A 377 -27.90 -18.92 -26.55
CA SER A 377 -28.19 -19.71 -27.75
C SER A 377 -29.63 -19.46 -28.13
N GLU A 378 -29.91 -19.54 -29.42
CA GLU A 378 -31.31 -19.45 -29.92
C GLU A 378 -32.04 -20.79 -29.65
N ASN A 379 -31.29 -21.90 -29.79
CA ASN A 379 -31.85 -23.25 -29.66
C ASN A 379 -32.21 -23.63 -28.21
N LEU A 380 -31.29 -24.28 -27.48
CA LEU A 380 -31.62 -24.86 -26.17
C LEU A 380 -32.03 -23.74 -25.20
N SER A 381 -33.35 -23.63 -25.05
CA SER A 381 -34.07 -22.53 -24.39
C SER A 381 -33.77 -22.37 -22.87
N GLU A 382 -34.48 -21.46 -22.21
CA GLU A 382 -34.05 -20.85 -20.93
C GLU A 382 -33.98 -21.73 -19.68
N ILE A 383 -34.40 -23.00 -19.76
CA ILE A 383 -34.17 -24.00 -18.69
C ILE A 383 -32.65 -24.42 -18.64
N SER A 384 -32.02 -24.46 -19.83
CA SER A 384 -30.58 -24.74 -20.00
C SER A 384 -29.67 -23.85 -19.14
N TYR A 385 -30.04 -22.57 -19.02
CA TYR A 385 -29.28 -21.60 -18.26
C TYR A 385 -29.82 -21.51 -16.83
N GLU A 386 -28.93 -21.48 -15.85
CA GLU A 386 -29.32 -21.33 -14.45
C GLU A 386 -29.66 -19.88 -14.13
N GLY A 387 -29.36 -18.97 -15.05
CA GLY A 387 -29.60 -17.53 -14.85
C GLY A 387 -29.15 -16.80 -16.10
N ILE A 388 -29.95 -15.84 -16.57
CA ILE A 388 -29.56 -14.95 -17.66
C ILE A 388 -29.45 -13.57 -17.05
N TYR A 389 -28.31 -12.91 -17.24
CA TYR A 389 -28.01 -11.64 -16.56
C TYR A 389 -27.95 -10.45 -17.53
N PRO A 390 -28.16 -9.22 -16.99
CA PRO A 390 -28.22 -8.05 -17.87
C PRO A 390 -26.85 -7.57 -18.41
N SER A 391 -26.72 -7.51 -19.73
CA SER A 391 -25.51 -7.09 -20.38
C SER A 391 -25.17 -5.61 -20.16
N SER A 392 -26.19 -4.82 -19.82
CA SER A 392 -25.99 -3.43 -19.47
C SER A 392 -25.73 -3.20 -17.98
N ILE A 393 -25.90 -4.22 -17.15
CA ILE A 393 -25.67 -4.10 -15.71
C ILE A 393 -24.86 -5.33 -15.31
N PRO A 394 -23.60 -5.37 -15.75
CA PRO A 394 -22.85 -6.60 -15.60
C PRO A 394 -22.45 -6.88 -14.14
N LYS A 395 -22.54 -5.89 -13.25
CA LYS A 395 -22.43 -6.13 -11.80
C LYS A 395 -23.30 -7.31 -11.26
N LYS A 396 -24.46 -7.55 -11.89
CA LYS A 396 -25.33 -8.69 -11.59
C LYS A 396 -24.73 -10.08 -11.92
N MET A 397 -23.96 -10.14 -13.00
CA MET A 397 -23.25 -11.35 -13.44
C MET A 397 -22.08 -11.67 -12.51
N VAL A 398 -21.42 -10.60 -12.07
CA VAL A 398 -20.43 -10.66 -11.03
C VAL A 398 -20.98 -11.27 -9.75
N ALA A 399 -22.04 -10.67 -9.19
CA ALA A 399 -22.66 -11.16 -7.94
C ALA A 399 -23.11 -12.60 -8.11
N ALA A 400 -23.60 -12.92 -9.31
CA ALA A 400 -24.05 -14.28 -9.63
C ALA A 400 -22.90 -15.27 -9.61
N ILE A 401 -21.77 -14.91 -10.26
CA ILE A 401 -20.58 -15.75 -10.25
C ILE A 401 -20.11 -16.10 -8.82
N ARG A 402 -20.10 -15.11 -7.92
CA ARG A 402 -19.71 -15.33 -6.52
C ARG A 402 -20.64 -16.21 -5.68
N SER A 403 -21.91 -16.29 -6.05
CA SER A 403 -22.87 -17.20 -5.39
C SER A 403 -22.60 -18.69 -5.66
N TYR A 404 -21.82 -19.00 -6.71
CA TYR A 404 -21.25 -20.35 -6.91
C TYR A 404 -19.96 -20.62 -6.13
N MET A 405 -19.49 -19.70 -5.30
CA MET A 405 -18.31 -19.96 -4.46
C MET A 405 -18.70 -20.71 -3.20
N ARG A 406 -17.71 -21.25 -2.47
CA ARG A 406 -17.95 -22.15 -1.32
C ARG A 406 -17.80 -21.46 0.02
N THR B 4 -12.67 43.30 2.35
CA THR B 4 -11.16 43.30 2.34
C THR B 4 -10.58 43.26 3.78
N LYS B 5 -11.00 42.22 4.48
CA LYS B 5 -10.47 41.74 5.77
C LYS B 5 -11.10 42.43 6.97
N ARG B 6 -12.11 41.75 7.54
CA ARG B 6 -12.88 42.21 8.68
C ARG B 6 -12.50 41.39 9.91
N ALA B 7 -12.20 42.08 11.00
CA ALA B 7 -11.74 41.41 12.24
C ALA B 7 -12.90 40.91 13.07
N VAL B 8 -12.74 39.69 13.57
CA VAL B 8 -13.70 39.08 14.47
C VAL B 8 -12.92 38.43 15.60
N VAL B 9 -13.45 38.47 16.81
CA VAL B 9 -12.80 37.81 17.95
C VAL B 9 -13.76 36.91 18.72
N PHE B 10 -13.38 35.64 18.84
CA PHE B 10 -14.07 34.68 19.74
C PHE B 10 -13.16 34.36 20.94
N ALA B 11 -13.76 33.82 22.00
CA ALA B 11 -13.08 33.52 23.27
C ALA B 11 -13.68 32.24 23.89
N GLY B 12 -12.84 31.23 24.05
CA GLY B 12 -13.30 29.97 24.59
C GLY B 12 -12.16 29.00 24.75
N ASP B 13 -12.34 28.08 25.69
CA ASP B 13 -11.39 27.02 25.91
C ASP B 13 -11.83 25.74 25.17
N TYR B 14 -10.98 24.71 25.21
CA TYR B 14 -11.18 23.46 24.45
C TYR B 14 -12.46 22.71 24.78
N ALA B 15 -12.86 22.77 26.06
CA ALA B 15 -14.15 22.23 26.52
C ALA B 15 -15.31 22.74 25.68
N TYR B 16 -15.22 23.98 25.15
CA TYR B 16 -16.27 24.49 24.26
C TYR B 16 -15.94 24.47 22.76
N ILE B 17 -15.11 23.56 22.35
CA ILE B 17 -14.67 23.57 20.95
C ILE B 17 -15.80 23.32 19.93
N ARG B 18 -16.82 22.55 20.33
CA ARG B 18 -17.92 22.23 19.42
C ARG B 18 -18.81 23.44 19.14
N GLN B 19 -19.02 24.23 20.21
CA GLN B 19 -19.75 25.51 20.22
C GLN B 19 -18.99 26.53 19.35
N ILE B 20 -17.69 26.64 19.63
CA ILE B 20 -16.82 27.60 18.98
C ILE B 20 -16.72 27.33 17.50
N GLU B 21 -16.43 26.07 17.13
CA GLU B 21 -16.27 25.71 15.74
C GLU B 21 -17.58 25.90 15.00
N THR B 22 -18.69 25.66 15.67
CA THR B 22 -19.98 25.78 15.04
C THR B 22 -20.32 27.24 14.78
N ALA B 23 -20.18 28.07 15.82
CA ALA B 23 -20.40 29.50 15.70
C ALA B 23 -19.61 30.05 14.52
N MET B 24 -18.33 29.68 14.49
CA MET B 24 -17.43 30.04 13.40
C MET B 24 -17.90 29.54 12.02
N LYS B 25 -18.36 28.29 11.97
CA LYS B 25 -18.90 27.74 10.73
C LYS B 25 -20.05 28.61 10.23
N SER B 26 -20.94 29.00 11.14
CA SER B 26 -22.11 29.78 10.75
C SER B 26 -21.67 31.15 10.21
N LEU B 27 -20.70 31.77 10.90
CA LEU B 27 -20.10 33.03 10.48
C LEU B 27 -19.50 32.92 9.09
N CYS B 28 -18.60 31.95 8.92
CA CYS B 28 -17.90 31.75 7.65
C CYS B 28 -18.80 31.30 6.51
N ARG B 29 -19.90 30.61 6.83
CA ARG B 29 -20.90 30.22 5.83
C ARG B 29 -21.42 31.42 5.06
N HIS B 30 -21.67 32.53 5.75
CA HIS B 30 -22.33 33.69 5.16
C HIS B 30 -21.44 34.93 5.01
N ASN B 31 -20.18 34.85 5.44
CA ASN B 31 -19.28 36.00 5.40
C ASN B 31 -17.87 35.58 5.05
N SER B 32 -17.37 36.11 3.93
CA SER B 32 -15.99 35.88 3.50
C SER B 32 -15.00 36.86 4.12
N HIS B 33 -13.72 36.66 3.84
CA HIS B 33 -12.69 37.65 4.14
C HIS B 33 -12.69 38.11 5.58
N LEU B 34 -12.60 37.15 6.47
CA LEU B 34 -12.66 37.41 7.89
C LEU B 34 -11.33 37.10 8.49
N LYS B 35 -10.89 37.94 9.41
CA LYS B 35 -9.70 37.66 10.17
C LYS B 35 -10.13 37.35 11.57
N ILE B 36 -10.26 36.05 11.84
CA ILE B 36 -10.81 35.63 13.13
C ILE B 36 -9.68 35.46 14.10
N TYR B 37 -9.75 36.20 15.20
CA TYR B 37 -8.90 35.95 16.36
C TYR B 37 -9.62 35.06 17.36
N LEU B 38 -8.94 34.06 17.90
CA LEU B 38 -9.58 33.23 18.95
C LEU B 38 -8.75 33.14 20.22
N LEU B 39 -9.26 33.77 21.27
CA LEU B 39 -8.61 33.80 22.57
C LEU B 39 -8.87 32.51 23.33
N ASN B 40 -7.81 31.86 23.84
CA ASN B 40 -7.94 30.55 24.49
C ASN B 40 -6.69 30.20 25.29
N GLN B 41 -6.82 29.20 26.19
CA GLN B 41 -5.67 28.62 26.92
C GLN B 41 -5.12 27.32 26.32
N ASP B 42 -6.00 26.45 25.83
CA ASP B 42 -5.67 25.03 25.63
C ASP B 42 -6.13 24.35 24.33
N ILE B 43 -6.49 25.11 23.31
CA ILE B 43 -7.02 24.47 22.10
C ILE B 43 -5.81 23.93 21.34
N PRO B 44 -5.78 22.61 21.05
CA PRO B 44 -4.63 22.04 20.38
C PRO B 44 -4.27 22.72 19.09
N GLN B 45 -2.99 22.64 18.75
CA GLN B 45 -2.42 23.32 17.60
C GLN B 45 -2.94 22.80 16.26
N GLU B 46 -3.30 21.53 16.22
CA GLU B 46 -3.70 20.87 14.97
C GLU B 46 -5.09 21.36 14.54
N TRP B 47 -5.94 21.65 15.54
CA TRP B 47 -7.24 22.27 15.27
C TRP B 47 -6.98 23.58 14.53
N PHE B 48 -6.23 24.46 15.19
CA PHE B 48 -5.85 25.74 14.59
C PHE B 48 -5.25 25.56 13.17
N SER B 49 -4.29 24.64 13.01
CA SER B 49 -3.61 24.52 11.71
C SER B 49 -4.58 24.31 10.57
N GLN B 50 -5.54 23.41 10.81
CA GLN B 50 -6.49 23.00 9.79
C GLN B 50 -7.53 24.08 9.59
N ILE B 51 -8.08 24.62 10.69
CA ILE B 51 -9.09 25.67 10.53
C ILE B 51 -8.51 26.94 9.90
N ARG B 52 -7.24 27.22 10.15
CA ARG B 52 -6.55 28.38 9.53
C ARG B 52 -6.51 28.27 8.01
N ILE B 53 -6.27 27.07 7.48
CA ILE B 53 -6.28 26.85 6.04
C ILE B 53 -7.64 27.24 5.45
N TYR B 54 -8.70 26.89 6.15
CA TYR B 54 -10.05 27.19 5.67
C TYR B 54 -10.28 28.71 5.64
N LEU B 55 -9.98 29.37 6.75
CA LEU B 55 -10.08 30.84 6.82
C LEU B 55 -9.31 31.60 5.73
N GLN B 56 -8.11 31.11 5.41
CA GLN B 56 -7.27 31.72 4.38
C GLN B 56 -7.78 31.45 2.97
N GLU B 57 -8.42 30.29 2.77
CA GLU B 57 -9.06 29.95 1.50
C GLU B 57 -10.22 30.89 1.21
N MET B 58 -10.82 31.39 2.27
CA MET B 58 -11.88 32.38 2.16
C MET B 58 -11.38 33.85 2.27
N GLY B 59 -10.09 34.06 2.04
CA GLY B 59 -9.50 35.38 2.02
C GLY B 59 -9.25 35.99 3.38
N GLY B 60 -9.26 35.14 4.40
CA GLY B 60 -9.17 35.58 5.78
C GLY B 60 -8.04 34.90 6.50
N ASP B 61 -8.16 34.75 7.81
CA ASP B 61 -7.11 34.11 8.59
C ASP B 61 -7.66 33.70 9.96
N LEU B 62 -6.85 32.97 10.71
CA LEU B 62 -7.18 32.55 12.04
C LEU B 62 -5.97 32.77 12.93
N ILE B 63 -6.18 33.50 14.02
CA ILE B 63 -5.08 33.87 14.90
C ILE B 63 -5.20 33.25 16.28
N ASP B 64 -4.19 32.46 16.62
CA ASP B 64 -4.15 31.79 17.91
C ASP B 64 -3.67 32.72 19.03
N CYS B 65 -4.63 33.34 19.70
CA CYS B 65 -4.33 34.27 20.78
C CYS B 65 -4.25 33.50 22.09
N LYS B 66 -3.08 32.93 22.34
CA LYS B 66 -2.85 32.11 23.52
C LYS B 66 -2.69 32.98 24.77
N LEU B 67 -3.65 32.87 25.68
CA LEU B 67 -3.60 33.55 26.98
C LEU B 67 -2.84 32.71 28.00
N ILE B 68 -1.55 32.51 27.80
CA ILE B 68 -0.73 31.76 28.75
C ILE B 68 0.38 32.68 29.23
N GLY B 69 0.46 32.87 30.55
CA GLY B 69 1.49 33.74 31.14
C GLY B 69 1.00 34.58 32.33
N SER B 70 1.86 35.49 32.77
CA SER B 70 1.59 36.37 33.91
C SER B 70 0.58 37.48 33.57
N GLN B 71 0.88 38.20 32.47
CA GLN B 71 0.06 39.32 31.94
C GLN B 71 -1.45 39.08 32.12
N PHE B 72 -1.85 37.84 31.86
CA PHE B 72 -3.21 37.40 32.04
C PHE B 72 -3.28 36.72 33.40
N MET B 86 -10.10 32.62 33.16
CA MET B 86 -10.21 33.09 31.74
C MET B 86 -11.66 33.32 31.19
N THR B 87 -12.65 33.57 32.04
CA THR B 87 -13.97 34.00 31.53
C THR B 87 -13.96 35.52 31.19
N PHE B 88 -12.75 36.12 31.28
CA PHE B 88 -12.53 37.56 31.15
C PHE B 88 -11.59 37.83 29.96
N ALA B 89 -11.55 36.89 29.03
CA ALA B 89 -10.69 36.98 27.88
C ALA B 89 -11.04 38.18 27.01
N ARG B 90 -12.31 38.60 27.05
CA ARG B 90 -12.75 39.83 26.40
C ARG B 90 -11.90 41.06 26.77
N TYR B 91 -11.54 41.22 28.05
CA TYR B 91 -10.67 42.33 28.46
C TYR B 91 -9.38 42.42 27.62
N PHE B 92 -8.80 41.29 27.24
CA PHE B 92 -7.52 41.31 26.51
C PHE B 92 -7.62 41.45 24.99
N ILE B 93 -8.79 41.76 24.46
CA ILE B 93 -8.93 41.95 23.02
C ILE B 93 -7.89 42.92 22.41
N PRO B 94 -7.70 44.11 23.04
CA PRO B 94 -6.73 45.07 22.49
C PRO B 94 -5.27 44.66 22.60
N ASP B 95 -4.95 43.69 23.45
CA ASP B 95 -3.61 43.11 23.47
C ASP B 95 -3.29 42.19 22.28
N PHE B 96 -4.29 41.67 21.60
CA PHE B 96 -4.06 40.80 20.42
C PHE B 96 -4.51 41.43 19.12
N VAL B 97 -5.63 42.12 19.13
CA VAL B 97 -6.21 42.62 17.89
C VAL B 97 -5.55 43.92 17.41
N THR B 98 -5.04 43.92 16.18
CA THR B 98 -4.32 45.07 15.61
C THR B 98 -5.21 46.12 14.89
N GLU B 99 -6.34 45.67 14.36
CA GLU B 99 -7.23 46.52 13.59
C GLU B 99 -7.99 47.53 14.47
N ASP B 100 -8.48 48.58 13.81
CA ASP B 100 -9.12 49.73 14.49
C ASP B 100 -10.45 49.30 15.08
N LYS B 101 -11.18 48.49 14.30
CA LYS B 101 -12.48 47.98 14.69
C LYS B 101 -12.53 46.44 14.63
N VAL B 102 -13.14 45.82 15.64
CA VAL B 102 -13.34 44.36 15.71
C VAL B 102 -14.72 44.01 16.27
N LEU B 103 -15.28 42.90 15.74
CA LEU B 103 -16.55 42.31 16.20
C LEU B 103 -16.27 41.14 17.14
N TYR B 104 -16.63 41.33 18.40
CA TYR B 104 -16.57 40.25 19.38
C TYR B 104 -17.84 39.46 19.31
N LEU B 105 -17.71 38.14 19.22
CA LEU B 105 -18.86 37.23 19.30
C LEU B 105 -18.65 36.16 20.36
N ASP B 106 -19.74 35.86 21.05
CA ASP B 106 -19.84 34.69 21.93
C ASP B 106 -19.85 33.42 21.12
N SER B 107 -19.56 32.32 21.79
CA SER B 107 -19.45 31.01 21.09
C SER B 107 -20.78 30.21 21.10
N ASP B 108 -21.74 30.65 21.89
CA ASP B 108 -23.05 30.01 21.95
C ASP B 108 -24.03 30.74 21.04
N LEU B 109 -23.71 30.82 19.75
CA LEU B 109 -24.52 31.58 18.82
C LEU B 109 -24.32 31.15 17.39
N ILE B 110 -25.22 31.64 16.55
CA ILE B 110 -25.26 31.23 15.16
C ILE B 110 -25.49 32.47 14.35
N VAL B 111 -24.68 32.64 13.33
CA VAL B 111 -24.83 33.68 12.33
C VAL B 111 -25.59 33.10 11.15
N THR B 112 -26.64 33.80 10.73
CA THR B 112 -27.49 33.28 9.66
C THR B 112 -27.38 33.98 8.32
N GLY B 113 -26.46 34.92 8.21
CA GLY B 113 -26.38 35.73 7.00
C GLY B 113 -25.28 36.79 6.94
N ASP B 114 -25.35 37.57 5.86
CA ASP B 114 -24.47 38.71 5.63
C ASP B 114 -24.53 39.72 6.77
N LEU B 115 -23.36 39.98 7.38
CA LEU B 115 -23.17 40.96 8.48
C LEU B 115 -22.51 42.28 8.08
N THR B 116 -22.48 42.63 6.78
CA THR B 116 -21.82 43.88 6.31
C THR B 116 -22.37 45.17 6.98
N ASP B 117 -23.68 45.28 7.14
CA ASP B 117 -24.28 46.44 7.83
C ASP B 117 -23.78 46.51 9.29
N LEU B 118 -23.52 45.35 9.91
CA LEU B 118 -22.90 45.33 11.24
C LEU B 118 -21.42 45.70 11.22
N PHE B 119 -20.67 45.12 10.29
CA PHE B 119 -19.25 45.42 10.14
C PHE B 119 -19.00 46.90 9.82
N GLU B 120 -19.84 47.49 8.97
CA GLU B 120 -19.64 48.89 8.47
C GLU B 120 -20.19 50.01 9.36
N LEU B 121 -20.96 49.66 10.40
CA LEU B 121 -21.50 50.64 11.36
C LEU B 121 -20.41 51.55 11.92
N ASP B 122 -20.64 52.86 11.85
CA ASP B 122 -19.71 53.86 12.39
C ASP B 122 -20.05 54.02 13.86
N LEU B 123 -19.06 53.81 14.71
CA LEU B 123 -19.21 53.95 16.16
C LEU B 123 -19.00 55.37 16.61
N GLY B 124 -18.43 56.19 15.72
CA GLY B 124 -18.02 57.54 16.06
C GLY B 124 -17.11 57.44 17.27
N GLU B 125 -17.48 58.11 18.35
CA GLU B 125 -16.66 58.12 19.56
C GLU B 125 -17.15 57.18 20.68
N ASN B 126 -18.10 56.32 20.35
CA ASN B 126 -18.51 55.30 21.27
C ASN B 126 -17.40 54.23 21.45
N TYR B 127 -17.26 53.73 22.68
CA TYR B 127 -16.34 52.63 22.96
C TYR B 127 -16.73 51.30 22.29
N LEU B 128 -18.03 51.06 22.15
CA LEU B 128 -18.53 49.86 21.47
C LEU B 128 -19.94 50.05 21.04
N ALA B 129 -20.47 49.09 20.29
CA ALA B 129 -21.89 48.96 20.01
C ALA B 129 -22.37 47.61 20.48
N ALA B 130 -23.53 47.61 21.13
CA ALA B 130 -24.18 46.43 21.67
C ALA B 130 -25.72 46.53 21.56
N ALA B 131 -26.34 45.37 21.71
CA ALA B 131 -27.81 45.21 21.76
C ALA B 131 -28.22 45.11 23.23
N ARG B 132 -29.47 45.43 23.48
CA ARG B 132 -29.98 45.41 24.85
C ARG B 132 -30.14 43.97 25.33
N SER B 133 -30.07 43.79 26.65
CA SER B 133 -30.33 42.49 27.29
C SER B 133 -31.78 41.99 27.16
N CYS B 134 -31.95 40.92 26.37
CA CYS B 134 -33.22 40.16 26.28
C CYS B 134 -34.42 41.03 25.85
N PHE B 135 -34.23 41.71 24.71
CA PHE B 135 -35.24 42.61 24.11
C PHE B 135 -35.73 43.71 25.06
N GLY B 136 -34.97 43.98 26.12
CA GLY B 136 -35.29 45.06 27.05
C GLY B 136 -35.74 44.60 28.42
N ALA B 137 -35.88 43.29 28.58
CA ALA B 137 -36.23 42.70 29.86
C ALA B 137 -35.13 42.74 30.90
N GLY B 138 -33.87 42.68 30.44
CA GLY B 138 -32.72 42.87 31.31
C GLY B 138 -32.18 44.30 31.35
N VAL B 139 -31.41 44.58 32.39
CA VAL B 139 -30.83 45.91 32.52
C VAL B 139 -29.49 45.91 31.78
N GLY B 140 -29.32 46.92 30.94
CA GLY B 140 -28.12 47.12 30.16
C GLY B 140 -28.19 46.40 28.84
N PHE B 141 -26.98 46.18 28.29
CA PHE B 141 -26.75 45.46 27.03
C PHE B 141 -26.31 44.05 27.29
N ASN B 142 -26.59 43.17 26.35
CA ASN B 142 -25.96 41.85 26.36
C ASN B 142 -24.54 41.95 25.76
N ALA B 143 -23.58 41.28 26.42
CA ALA B 143 -22.16 41.36 26.02
C ALA B 143 -21.76 40.38 24.94
N GLY B 144 -22.70 39.60 24.43
CA GLY B 144 -22.36 38.54 23.52
C GLY B 144 -22.09 38.94 22.09
N VAL B 145 -22.43 40.16 21.73
CA VAL B 145 -22.07 40.71 20.43
C VAL B 145 -21.61 42.14 20.73
N LEU B 146 -20.32 42.39 20.59
CA LEU B 146 -19.77 43.74 20.75
C LEU B 146 -19.05 44.14 19.48
N LEU B 147 -19.50 45.21 18.83
CA LEU B 147 -18.68 45.90 17.82
C LEU B 147 -17.78 46.87 18.58
N ILE B 148 -16.49 46.52 18.65
CA ILE B 148 -15.55 47.20 19.53
C ILE B 148 -14.71 48.17 18.71
N ASN B 149 -14.55 49.41 19.22
CA ASN B 149 -13.56 50.38 18.67
C ASN B 149 -12.27 50.07 19.42
N ASN B 150 -11.49 49.19 18.81
CA ASN B 150 -10.32 48.61 19.44
C ASN B 150 -9.14 49.59 19.51
N LYS B 151 -8.92 50.32 18.42
CA LYS B 151 -8.12 51.58 18.44
C LYS B 151 -8.30 52.41 19.74
N LYS B 152 -9.55 52.69 20.07
CA LYS B 152 -9.92 53.46 21.28
C LYS B 152 -9.79 52.68 22.60
N TRP B 153 -10.09 51.37 22.59
CA TRP B 153 -9.81 50.49 23.75
C TRP B 153 -8.31 50.37 24.03
N GLY B 154 -7.53 50.43 22.96
CA GLY B 154 -6.08 50.54 23.03
C GLY B 154 -5.65 51.84 23.69
N SER B 155 -5.93 52.95 23.02
CA SER B 155 -5.41 54.26 23.48
C SER B 155 -5.87 54.67 24.91
N GLU B 156 -7.06 54.24 25.32
CA GLU B 156 -7.60 54.54 26.64
C GLU B 156 -7.35 53.52 27.70
N THR B 157 -6.48 52.59 27.43
CA THR B 157 -6.09 51.54 28.41
C THR B 157 -7.36 50.87 29.00
N ILE B 158 -8.26 50.50 28.09
CA ILE B 158 -9.56 49.98 28.47
C ILE B 158 -9.41 48.63 29.12
N ARG B 159 -8.46 47.84 28.62
CA ARG B 159 -8.14 46.56 29.21
C ARG B 159 -7.79 46.69 30.70
N GLN B 160 -6.89 47.61 31.02
CA GLN B 160 -6.47 47.76 32.42
C GLN B 160 -7.56 48.38 33.29
N LYS B 161 -8.30 49.36 32.76
CA LYS B 161 -9.49 49.89 33.46
C LYS B 161 -10.51 48.79 33.84
N LEU B 162 -10.75 47.84 32.91
CA LEU B 162 -11.67 46.71 33.12
C LEU B 162 -11.14 45.77 34.20
N ILE B 163 -9.82 45.59 34.25
CA ILE B 163 -9.18 44.82 35.31
C ILE B 163 -9.43 45.56 36.63
N ASP B 164 -8.93 46.79 36.74
CA ASP B 164 -9.08 47.63 37.96
C ASP B 164 -10.50 47.60 38.51
N LEU B 165 -11.47 47.93 37.65
CA LEU B 165 -12.87 48.01 38.05
C LEU B 165 -13.43 46.66 38.48
N THR B 166 -12.90 45.57 37.94
CA THR B 166 -13.26 44.22 38.39
C THR B 166 -12.66 43.94 39.78
N GLU B 167 -11.36 44.19 39.94
CA GLU B 167 -10.68 44.08 41.27
C GLU B 167 -11.48 44.86 42.35
N LYS B 168 -11.92 46.05 41.96
CA LYS B 168 -12.72 46.97 42.78
C LYS B 168 -14.11 46.41 43.17
N GLU B 169 -14.86 45.90 42.19
CA GLU B 169 -16.30 45.56 42.38
C GLU B 169 -16.70 44.17 41.82
N HIS B 170 -15.90 43.15 42.16
CA HIS B 170 -16.15 41.76 41.69
C HIS B 170 -17.35 41.07 42.38
N GLU B 171 -17.46 41.21 43.70
CA GLU B 171 -18.58 40.60 44.49
C GLU B 171 -19.74 41.58 44.69
N ASN B 172 -19.54 42.84 44.25
CA ASN B 172 -20.56 43.90 44.36
C ASN B 172 -21.71 43.71 43.35
N VAL B 173 -21.41 43.12 42.19
CA VAL B 173 -22.43 42.87 41.15
C VAL B 173 -22.41 41.44 40.61
N GLU B 174 -23.53 41.10 39.99
CA GLU B 174 -23.85 39.76 39.50
C GLU B 174 -23.80 39.81 37.97
N GLU B 175 -23.67 38.65 37.33
CA GLU B 175 -23.48 38.51 35.86
C GLU B 175 -22.02 38.78 35.36
N GLY B 176 -21.03 38.38 36.15
CA GLY B 176 -19.61 38.29 35.74
C GLY B 176 -18.99 39.51 35.06
N ASP B 177 -18.26 39.29 33.96
CA ASP B 177 -17.71 40.43 33.19
C ASP B 177 -18.77 41.18 32.37
N GLN B 178 -19.97 40.63 32.17
CA GLN B 178 -21.08 41.37 31.53
C GLN B 178 -21.48 42.60 32.36
N SER B 179 -21.55 42.46 33.68
CA SER B 179 -21.92 43.58 34.54
C SER B 179 -20.86 44.69 34.47
N ILE B 180 -19.59 44.27 34.57
CA ILE B 180 -18.43 45.17 34.57
C ILE B 180 -18.40 46.04 33.31
N LEU B 181 -18.55 45.39 32.17
CA LEU B 181 -18.67 46.09 30.88
C LEU B 181 -19.75 47.15 30.88
N ASN B 182 -20.92 46.81 31.42
CA ASN B 182 -22.04 47.77 31.57
C ASN B 182 -21.75 48.95 32.51
N MET B 183 -21.03 48.69 33.60
CA MET B 183 -20.61 49.75 34.53
C MET B 183 -19.61 50.73 33.90
N LEU B 184 -18.58 50.20 33.24
CA LEU B 184 -17.57 51.05 32.66
C LEU B 184 -18.07 51.81 31.45
N PHE B 185 -18.93 51.21 30.64
CA PHE B 185 -19.43 51.88 29.41
C PHE B 185 -20.84 52.52 29.51
N LYS B 186 -21.34 52.68 30.74
CA LYS B 186 -22.69 53.21 31.03
C LYS B 186 -23.08 54.39 30.13
N ASP B 187 -24.05 54.17 29.25
CA ASP B 187 -24.47 55.21 28.29
C ASP B 187 -23.26 56.01 27.67
N GLN B 188 -22.23 55.27 27.26
CA GLN B 188 -21.17 55.76 26.37
C GLN B 188 -20.92 54.62 25.36
N TYR B 189 -22.03 54.06 24.87
CA TYR B 189 -22.04 52.96 23.92
C TYR B 189 -23.16 53.12 22.89
N SER B 190 -22.83 52.87 21.63
CA SER B 190 -23.78 52.98 20.52
C SER B 190 -24.75 51.78 20.60
N SER B 191 -25.70 51.69 19.69
CA SER B 191 -26.77 50.72 19.85
C SER B 191 -26.98 49.76 18.66
N LEU B 192 -27.23 48.50 18.99
CA LEU B 192 -27.50 47.48 17.97
C LEU B 192 -28.93 46.99 18.05
N GLU B 193 -29.55 46.88 16.89
CA GLU B 193 -30.85 46.24 16.76
C GLU B 193 -30.81 44.81 17.32
N ASP B 194 -31.91 44.42 17.92
CA ASP B 194 -32.09 43.05 18.42
C ASP B 194 -31.68 41.92 17.46
N GLN B 195 -31.87 42.09 16.15
CA GLN B 195 -31.50 41.05 15.18
C GLN B 195 -29.99 40.72 15.05
N TYR B 196 -29.12 41.61 15.53
CA TYR B 196 -27.67 41.30 15.57
C TYR B 196 -27.24 40.68 16.91
N ASN B 197 -28.19 40.38 17.79
CA ASN B 197 -27.93 39.60 19.01
C ASN B 197 -29.29 39.16 19.58
N PHE B 198 -29.97 38.32 18.79
CA PHE B 198 -31.34 37.91 19.02
C PHE B 198 -31.32 36.80 20.04
N GLN B 199 -31.65 37.12 21.27
CA GLN B 199 -31.42 36.19 22.36
C GLN B 199 -32.52 35.12 22.51
N ILE B 200 -32.61 34.22 21.52
CA ILE B 200 -33.61 33.17 21.51
C ILE B 200 -33.48 32.22 22.70
N GLY B 201 -32.28 32.15 23.24
CA GLY B 201 -32.05 31.53 24.53
C GLY B 201 -32.86 32.08 25.69
N TYR B 202 -33.46 33.26 25.53
CA TYR B 202 -34.31 33.83 26.56
C TYR B 202 -35.64 33.08 26.71
N ASP B 203 -36.05 32.35 25.67
CA ASP B 203 -37.33 31.60 25.72
C ASP B 203 -37.72 30.97 27.06
N TYR B 204 -36.88 30.12 27.64
CA TYR B 204 -37.18 29.57 28.99
C TYR B 204 -37.52 30.68 30.01
N GLY B 205 -36.67 31.73 30.06
CA GLY B 205 -36.86 32.86 30.98
C GLY B 205 -38.13 33.66 30.71
N ALA B 206 -38.37 33.99 29.43
CA ALA B 206 -39.60 34.67 29.04
C ALA B 206 -40.85 33.90 29.52
N ALA B 207 -40.95 32.63 29.15
CA ALA B 207 -42.03 31.72 29.63
C ALA B 207 -42.08 31.62 31.18
N THR B 208 -40.93 31.65 31.84
CA THR B 208 -40.89 31.64 33.32
C THR B 208 -41.61 32.86 33.92
N PHE B 209 -41.30 34.06 33.42
CA PHE B 209 -41.88 35.33 33.92
C PHE B 209 -43.06 35.80 33.06
N LYS B 210 -43.65 34.87 32.33
CA LYS B 210 -44.88 35.09 31.59
C LYS B 210 -44.83 36.38 30.72
N HIS B 211 -43.66 36.66 30.15
CA HIS B 211 -43.52 37.74 29.21
C HIS B 211 -44.09 37.28 27.86
N GLN B 212 -45.42 37.29 27.78
CA GLN B 212 -46.14 36.75 26.64
C GLN B 212 -45.78 37.39 25.29
N PHE B 213 -45.36 38.66 25.32
CA PHE B 213 -45.17 39.42 24.08
C PHE B 213 -43.83 39.11 23.43
N ILE B 214 -42.89 38.59 24.22
CA ILE B 214 -41.65 38.08 23.66
C ILE B 214 -41.94 37.11 22.51
N PHE B 215 -42.94 36.25 22.72
CA PHE B 215 -43.30 35.19 21.78
C PHE B 215 -44.08 35.65 20.54
N ASP B 216 -44.43 36.92 20.50
CA ASP B 216 -44.99 37.55 19.29
C ASP B 216 -43.95 38.12 18.29
N ILE B 217 -42.66 38.11 18.63
CA ILE B 217 -41.62 38.69 17.77
C ILE B 217 -41.43 37.70 16.66
N PRO B 218 -41.53 38.12 15.39
CA PRO B 218 -41.37 37.15 14.31
C PRO B 218 -39.98 36.49 14.31
N LEU B 219 -39.95 35.18 14.10
CA LEU B 219 -38.72 34.45 13.87
C LEU B 219 -38.50 34.21 12.38
N GLU B 220 -39.25 34.94 11.53
CA GLU B 220 -39.10 34.88 10.09
C GLU B 220 -39.28 36.31 9.54
N PRO B 221 -38.38 36.81 8.70
CA PRO B 221 -37.09 36.17 8.37
C PRO B 221 -36.22 35.87 9.60
N LEU B 222 -35.37 34.88 9.46
CA LEU B 222 -34.52 34.44 10.56
C LEU B 222 -33.58 35.60 10.99
N PRO B 223 -33.52 35.96 12.29
CA PRO B 223 -32.55 36.96 12.75
C PRO B 223 -31.11 36.62 12.36
N LEU B 224 -30.35 37.63 11.96
CA LEU B 224 -28.96 37.49 11.53
C LEU B 224 -28.00 36.85 12.53
N ILE B 225 -28.22 37.08 13.80
CA ILE B 225 -27.42 36.42 14.83
C ILE B 225 -28.35 35.85 15.88
N LEU B 226 -28.35 34.52 16.02
CA LEU B 226 -29.11 33.83 17.07
C LEU B 226 -28.23 33.52 18.28
N HIS B 227 -28.59 34.07 19.43
CA HIS B 227 -27.76 33.94 20.62
C HIS B 227 -28.42 33.07 21.68
N TYR B 228 -27.95 31.84 21.79
CA TYR B 228 -28.58 30.84 22.63
C TYR B 228 -28.14 31.02 24.06
N ILE B 229 -28.59 32.10 24.71
CA ILE B 229 -28.22 32.35 26.13
C ILE B 229 -28.86 31.31 27.08
N SER B 230 -28.48 31.36 28.34
CA SER B 230 -29.04 30.56 29.47
C SER B 230 -28.44 29.17 29.50
N GLN B 231 -28.88 28.36 30.47
CA GLN B 231 -28.46 26.96 30.54
C GLN B 231 -29.28 26.06 29.57
N ASP B 232 -30.40 26.59 29.08
CA ASP B 232 -31.19 25.88 28.09
C ASP B 232 -30.54 25.94 26.70
N LYS B 233 -29.54 25.10 26.49
CA LYS B 233 -28.76 25.15 25.27
C LYS B 233 -29.31 24.20 24.24
N PRO B 234 -29.33 24.61 22.98
CA PRO B 234 -29.84 23.72 21.91
C PRO B 234 -29.05 22.42 21.69
N TRP B 235 -27.75 22.42 22.00
CA TRP B 235 -26.87 21.23 21.89
C TRP B 235 -26.94 20.21 23.04
N ASN B 236 -27.74 20.49 24.07
CA ASN B 236 -28.08 19.44 25.03
C ASN B 236 -29.02 18.39 24.44
N GLN B 237 -29.06 17.24 25.12
CA GLN B 237 -29.92 16.12 24.73
C GLN B 237 -31.34 16.64 24.66
N PHE B 238 -31.71 17.36 25.71
CA PHE B 238 -33.00 17.99 25.86
C PHE B 238 -32.90 19.49 25.94
N SER B 239 -33.82 20.18 25.27
CA SER B 239 -33.98 21.62 25.44
C SER B 239 -35.38 22.03 25.07
N VAL B 240 -35.77 23.17 25.61
CA VAL B 240 -37.13 23.69 25.48
C VAL B 240 -37.30 24.93 24.62
N GLY B 241 -36.21 25.64 24.36
CA GLY B 241 -36.24 26.85 23.58
C GLY B 241 -36.40 26.56 22.09
N ARG B 242 -36.86 27.58 21.37
CA ARG B 242 -37.04 27.49 19.93
C ARG B 242 -35.73 27.60 19.16
N LEU B 243 -35.85 27.20 17.89
CA LEU B 243 -34.77 27.29 16.92
C LEU B 243 -33.55 26.40 17.21
N ARG B 244 -33.82 25.28 17.91
CA ARG B 244 -32.86 24.22 18.20
C ARG B 244 -32.31 23.64 16.94
N GLU B 245 -33.19 23.36 15.99
CA GLU B 245 -32.82 22.84 14.69
C GLU B 245 -31.64 23.58 14.04
N VAL B 246 -31.58 24.89 14.20
CA VAL B 246 -30.60 25.73 13.50
C VAL B 246 -29.19 25.55 14.05
N TRP B 247 -29.05 25.46 15.37
CA TRP B 247 -27.73 25.21 15.94
C TRP B 247 -27.17 23.90 15.35
N TRP B 248 -28.01 22.87 15.30
CA TRP B 248 -27.63 21.58 14.78
C TRP B 248 -27.37 21.58 13.25
N GLU B 249 -28.10 22.40 12.49
CA GLU B 249 -27.84 22.53 11.05
C GLU B 249 -26.40 22.89 10.83
N TYR B 250 -25.87 23.82 11.65
CA TYR B 250 -24.49 24.29 11.50
C TYR B 250 -23.46 23.33 12.11
N SER B 251 -23.73 22.80 13.32
CA SER B 251 -22.79 21.87 13.94
C SER B 251 -22.41 20.75 13.02
N LEU B 252 -23.42 20.15 12.37
CA LEU B 252 -23.22 18.99 11.52
C LEU B 252 -22.86 19.30 10.08
N MET B 253 -22.72 20.57 9.74
CA MET B 253 -22.24 21.01 8.42
C MET B 253 -20.71 20.80 8.27
N ASP B 254 -20.36 20.05 7.23
CA ASP B 254 -18.96 19.85 6.86
C ASP B 254 -18.41 21.18 6.34
N TRP B 255 -17.15 21.46 6.67
CA TRP B 255 -16.47 22.66 6.17
C TRP B 255 -16.50 22.68 4.65
N SER B 256 -16.43 21.52 3.99
CA SER B 256 -16.48 21.44 2.52
C SER B 256 -17.68 22.14 1.88
N VAL B 257 -18.82 22.21 2.56
CA VAL B 257 -20.02 22.84 2.01
C VAL B 257 -19.83 24.35 1.97
N ILE B 258 -19.26 24.86 3.06
CA ILE B 258 -18.94 26.28 3.23
C ILE B 258 -17.90 26.66 2.18
N LEU B 259 -16.83 25.86 2.10
CA LEU B 259 -15.73 26.16 1.20
C LEU B 259 -16.22 26.09 -0.24
N ASN B 260 -16.84 24.96 -0.61
CA ASN B 260 -17.26 24.76 -1.99
C ASN B 260 -18.22 25.83 -2.48
N GLU B 261 -19.07 26.35 -1.58
CA GLU B 261 -19.98 27.46 -1.90
C GLU B 261 -19.18 28.75 -2.21
N TRP B 262 -18.36 29.19 -1.27
CA TRP B 262 -17.52 30.35 -1.54
C TRP B 262 -16.73 30.20 -2.86
N PHE B 263 -16.11 29.03 -3.09
CA PHE B 263 -15.32 28.75 -4.31
C PHE B 263 -16.12 28.92 -5.62
N SER B 264 -17.40 28.55 -5.56
CA SER B 264 -18.30 28.67 -6.73
C SER B 264 -18.85 30.08 -6.87
N LYS B 265 -18.63 30.89 -5.85
CA LYS B 265 -19.02 32.29 -5.85
C LYS B 265 -17.82 33.22 -6.04
N SER B 266 -16.80 32.74 -6.72
CA SER B 266 -15.60 33.53 -7.03
C SER B 266 -14.74 33.95 -5.81
N VAL B 267 -14.88 33.29 -4.66
CA VAL B 267 -13.95 33.51 -3.51
C VAL B 267 -13.09 32.26 -3.28
N LYS B 268 -11.82 32.33 -3.67
CA LYS B 268 -10.92 31.17 -3.57
C LYS B 268 -9.48 31.63 -3.60
N TYR B 269 -8.86 31.66 -2.43
CA TYR B 269 -7.46 32.03 -2.30
C TYR B 269 -6.59 30.79 -1.99
N PRO B 270 -5.28 30.84 -2.32
CA PRO B 270 -4.43 29.69 -1.94
C PRO B 270 -4.12 29.75 -0.44
N SER B 271 -4.03 28.60 0.21
CA SER B 271 -3.69 28.59 1.64
C SER B 271 -2.20 28.81 1.85
N LYS B 272 -1.86 29.68 2.81
CA LYS B 272 -0.45 30.00 3.13
C LYS B 272 0.08 28.90 4.06
N SER B 273 0.11 27.70 3.51
CA SER B 273 0.28 26.45 4.23
C SER B 273 1.72 26.00 3.92
N GLN B 274 2.51 25.76 4.96
CA GLN B 274 3.96 25.52 4.81
C GLN B 274 4.40 24.18 5.39
N ILE B 275 5.01 23.37 4.53
CA ILE B 275 5.57 22.09 4.93
C ILE B 275 6.99 22.26 5.46
N PHE B 276 7.34 21.46 6.46
CA PHE B 276 8.60 21.60 7.19
C PHE B 276 9.82 21.06 6.40
N LYS B 277 10.86 21.89 6.31
CA LYS B 277 12.14 21.51 5.72
C LYS B 277 13.16 21.00 6.73
N LEU B 278 12.83 20.96 8.02
CA LEU B 278 13.77 20.54 9.06
C LEU B 278 13.12 20.24 10.40
N GLN B 279 13.72 19.32 11.15
CA GLN B 279 13.23 18.96 12.48
C GLN B 279 14.36 19.18 13.47
N CYS B 280 14.11 20.03 14.47
CA CYS B 280 15.13 20.43 15.44
C CYS B 280 14.61 20.03 16.78
N VAL B 281 15.48 19.72 17.72
CA VAL B 281 15.00 19.20 19.01
C VAL B 281 15.79 19.69 20.18
N ASN B 282 15.11 19.94 21.29
CA ASN B 282 15.80 20.29 22.53
C ASN B 282 15.15 19.59 23.72
N LEU B 283 15.97 19.15 24.67
CA LEU B 283 15.50 18.75 26.00
C LEU B 283 16.02 19.81 26.98
N THR B 284 15.13 20.25 27.86
CA THR B 284 15.42 21.30 28.79
C THR B 284 15.02 20.88 30.20
N ASN B 285 15.76 21.38 31.19
CA ASN B 285 15.35 21.35 32.57
C ASN B 285 15.15 22.75 33.11
N SER B 286 14.85 23.69 32.21
CA SER B 286 14.71 25.11 32.56
C SER B 286 13.62 25.83 31.75
N TRP B 287 12.95 26.77 32.40
CA TRP B 287 12.03 27.66 31.67
C TRP B 287 12.67 28.38 30.49
N CYS B 288 13.96 28.67 30.58
CA CYS B 288 14.66 29.52 29.61
C CYS B 288 15.42 28.70 28.54
N VAL B 289 14.90 28.69 27.34
CA VAL B 289 15.52 28.08 26.19
C VAL B 289 15.89 29.26 25.28
N GLU B 290 17.20 29.48 25.13
CA GLU B 290 17.71 30.73 24.54
C GLU B 290 17.15 30.98 23.12
N LYS B 291 16.47 32.12 22.96
CA LYS B 291 15.92 32.61 21.67
C LYS B 291 14.91 31.69 20.97
N ILE B 292 14.28 30.78 21.73
CA ILE B 292 13.34 29.86 21.10
C ILE B 292 12.19 30.60 20.36
N ASP B 293 11.66 31.65 21.02
CA ASP B 293 10.59 32.46 20.47
C ASP B 293 11.06 33.09 19.20
N TYR B 294 12.18 33.79 19.27
CA TYR B 294 12.81 34.41 18.12
C TYR B 294 13.04 33.40 16.96
N LEU B 295 13.59 32.21 17.26
CA LEU B 295 13.87 31.23 16.19
C LEU B 295 12.60 30.64 15.58
N ALA B 296 11.57 30.46 16.42
CA ALA B 296 10.24 30.01 15.95
C ALA B 296 9.59 30.97 14.98
N GLU B 297 9.62 32.29 15.22
CA GLU B 297 9.02 33.26 14.25
C GLU B 297 9.88 33.43 13.00
N GLN B 298 11.19 33.29 13.16
CA GLN B 298 12.13 33.46 12.07
C GLN B 298 12.19 32.24 11.17
N LEU B 299 11.89 31.07 11.74
CA LEU B 299 12.03 29.83 11.02
C LEU B 299 10.71 29.09 10.89
N PRO B 300 9.73 29.69 10.17
CA PRO B 300 8.39 29.04 10.05
C PRO B 300 8.41 27.64 9.38
N GLU B 301 9.39 27.43 8.51
CA GLU B 301 9.63 26.15 7.85
C GLU B 301 10.46 25.11 8.68
N VAL B 302 10.74 25.39 9.95
CA VAL B 302 11.40 24.42 10.83
C VAL B 302 10.43 23.99 11.89
N HIS B 303 10.26 22.67 12.07
CA HIS B 303 9.49 22.15 13.20
C HIS B 303 10.40 22.00 14.44
N PHE B 304 10.17 22.80 15.47
CA PHE B 304 10.93 22.70 16.73
C PHE B 304 10.26 21.80 17.74
N HIS B 305 11.03 20.92 18.37
CA HIS B 305 10.51 19.99 19.38
C HIS B 305 11.21 20.24 20.73
N ILE B 306 10.47 20.76 21.69
CA ILE B 306 10.99 21.17 22.97
C ILE B 306 10.45 20.22 24.02
N VAL B 307 11.31 19.39 24.55
CA VAL B 307 10.91 18.28 25.42
C VAL B 307 11.38 18.57 26.82
N ALA B 308 10.63 18.09 27.81
CA ALA B 308 11.06 18.11 29.21
C ALA B 308 10.48 16.91 29.92
N TYR B 309 11.09 16.55 31.05
CA TYR B 309 10.65 15.40 31.86
C TYR B 309 9.72 15.76 33.03
N THR B 310 9.32 17.04 33.13
CA THR B 310 8.36 17.49 34.15
C THR B 310 7.36 18.46 33.52
N ASN B 311 6.57 19.14 34.36
CA ASN B 311 5.75 20.24 33.85
C ASN B 311 6.65 21.27 33.29
N MET B 312 6.09 22.14 32.46
CA MET B 312 6.86 23.18 31.81
C MET B 312 6.32 24.53 32.22
N ALA B 313 7.20 25.52 32.33
CA ALA B 313 6.80 26.88 32.72
C ALA B 313 6.04 27.54 31.61
N ASN B 314 5.35 28.59 32.00
CA ASN B 314 4.44 29.29 31.09
C ASN B 314 5.12 29.83 29.87
N GLU B 315 6.38 30.24 30.03
CA GLU B 315 7.19 30.73 28.89
C GLU B 315 7.30 29.70 27.77
N LEU B 316 7.28 28.40 28.10
CA LEU B 316 7.40 27.34 27.11
C LEU B 316 6.04 26.82 26.66
N LEU B 317 5.10 26.68 27.59
CA LEU B 317 3.70 26.37 27.24
C LEU B 317 3.11 27.38 26.25
N ALA B 318 3.49 28.65 26.38
CA ALA B 318 3.07 29.68 25.43
C ALA B 318 3.57 29.49 24.00
N LEU B 319 4.57 28.64 23.80
CA LEU B 319 5.05 28.35 22.44
C LEU B 319 3.98 27.65 21.57
N THR B 320 2.95 27.11 22.21
CA THR B 320 1.77 26.60 21.48
C THR B 320 1.17 27.62 20.51
N ARG B 321 1.39 28.91 20.78
CA ARG B 321 0.97 29.96 19.85
C ARG B 321 1.60 29.85 18.46
N PHE B 322 2.76 29.21 18.34
CA PHE B 322 3.42 29.02 17.04
C PHE B 322 2.91 27.71 16.40
N PRO B 323 2.59 27.75 15.10
CA PRO B 323 2.14 26.52 14.46
C PRO B 323 3.27 25.53 14.14
N ASN B 324 4.52 25.86 14.48
CA ASN B 324 5.68 25.02 14.19
C ASN B 324 6.56 24.64 15.40
N VAL B 325 6.06 24.82 16.61
CA VAL B 325 6.75 24.34 17.82
C VAL B 325 5.87 23.30 18.51
N THR B 326 6.42 22.13 18.82
CA THR B 326 5.65 21.16 19.62
C THR B 326 6.38 21.02 20.92
N VAL B 327 5.65 21.13 22.00
CA VAL B 327 6.21 21.12 23.32
C VAL B 327 5.73 19.78 23.94
N TYR B 328 6.58 19.11 24.71
CA TYR B 328 6.29 17.79 25.27
C TYR B 328 6.57 17.77 26.77
N PRO B 329 5.69 18.39 27.57
CA PRO B 329 5.85 18.27 29.01
C PRO B 329 5.63 16.85 29.45
N ASN B 330 6.29 16.48 30.56
CA ASN B 330 6.17 15.16 31.17
C ASN B 330 6.47 14.02 30.20
N SER B 331 7.52 14.22 29.40
CA SER B 331 8.08 13.13 28.58
C SER B 331 9.00 12.20 29.41
N LEU B 332 9.60 11.22 28.75
CA LEU B 332 10.53 10.26 29.36
C LEU B 332 11.69 10.02 28.42
N PRO B 333 12.81 9.49 28.93
CA PRO B 333 14.01 9.35 28.11
C PRO B 333 13.81 8.63 26.74
N MET B 334 13.06 7.53 26.75
CA MET B 334 12.86 6.71 25.55
C MET B 334 11.91 7.34 24.52
N LEU B 335 11.10 8.31 24.93
CA LEU B 335 10.23 9.06 24.01
C LEU B 335 11.04 10.15 23.33
N LEU B 336 11.92 10.75 24.10
CA LEU B 336 12.83 11.73 23.56
C LEU B 336 13.70 11.10 22.51
N GLU B 337 14.20 9.90 22.79
CA GLU B 337 15.03 9.11 21.87
C GLU B 337 14.42 9.03 20.47
N GLN B 338 13.13 8.69 20.41
CA GLN B 338 12.45 8.53 19.12
C GLN B 338 12.36 9.86 18.38
N ILE B 339 12.17 10.94 19.13
CA ILE B 339 12.17 12.29 18.54
C ILE B 339 13.55 12.60 17.96
N VAL B 340 14.59 12.36 18.75
CA VAL B 340 15.96 12.57 18.28
C VAL B 340 16.23 11.82 16.99
N ILE B 341 15.91 10.52 16.97
CA ILE B 341 16.07 9.66 15.78
C ILE B 341 15.38 10.32 14.57
N ALA B 342 14.13 10.71 14.76
CA ALA B 342 13.33 11.32 13.69
C ALA B 342 13.87 12.67 13.22
N SER B 343 14.60 13.38 14.07
CA SER B 343 14.95 14.77 13.81
C SER B 343 16.33 14.98 13.18
N ASP B 344 16.48 16.06 12.42
CA ASP B 344 17.72 16.36 11.67
C ASP B 344 18.87 17.03 12.43
N LEU B 345 18.55 17.76 13.50
CA LEU B 345 19.52 18.64 14.17
C LEU B 345 19.14 18.82 15.65
N TYR B 346 20.12 18.79 16.54
CA TYR B 346 19.85 19.13 17.94
C TYR B 346 20.33 20.56 18.27
N LEU B 347 19.43 21.37 18.85
CA LEU B 347 19.70 22.75 19.21
C LEU B 347 19.88 22.81 20.72
N ASP B 348 21.14 22.89 21.18
CA ASP B 348 21.44 22.84 22.61
C ASP B 348 21.30 24.26 23.20
N LEU B 349 20.06 24.65 23.45
CA LEU B 349 19.75 26.02 23.86
C LEU B 349 19.33 26.21 25.30
N ASN B 350 19.14 25.15 26.05
CA ASN B 350 18.58 25.29 27.41
C ASN B 350 19.57 25.86 28.43
N HIS B 351 19.10 26.73 29.31
CA HIS B 351 19.91 27.31 30.41
C HIS B 351 19.94 26.34 31.59
N ASP B 352 20.82 26.65 32.54
CA ASP B 352 21.04 25.84 33.76
C ASP B 352 21.49 24.42 33.38
N ARG B 353 20.96 23.42 34.08
CA ARG B 353 21.46 22.03 34.00
C ARG B 353 21.21 21.31 32.67
N LYS B 354 22.29 20.84 32.06
CA LYS B 354 22.19 19.91 30.94
C LYS B 354 21.83 18.48 31.44
N LEU B 355 20.94 17.82 30.69
CA LEU B 355 20.58 16.44 30.96
C LEU B 355 21.30 15.52 29.95
N GLU B 356 22.14 14.62 30.48
CA GLU B 356 23.04 13.82 29.66
C GLU B 356 22.29 12.95 28.64
N ASP B 357 21.05 12.55 28.92
CA ASP B 357 20.27 11.74 27.96
C ASP B 357 20.33 12.32 26.53
N ALA B 358 20.22 13.64 26.41
CA ALA B 358 20.29 14.32 25.10
C ALA B 358 21.59 14.07 24.40
N TYR B 359 22.67 14.17 25.15
CA TYR B 359 24.03 14.04 24.60
C TYR B 359 24.33 12.59 24.27
N GLU B 360 24.03 11.70 25.22
CA GLU B 360 24.10 10.26 24.97
C GLU B 360 23.38 9.95 23.66
N PHE B 361 22.17 10.51 23.45
CA PHE B 361 21.38 10.26 22.21
C PHE B 361 21.95 10.91 20.97
N VAL B 362 22.28 12.20 21.06
CA VAL B 362 22.89 12.93 19.95
C VAL B 362 24.11 12.15 19.39
N LEU B 363 24.99 11.74 20.31
CA LEU B 363 26.28 11.12 19.96
C LEU B 363 26.14 9.60 19.67
N LYS B 364 24.95 9.04 19.92
CA LYS B 364 24.61 7.64 19.58
C LYS B 364 23.94 7.51 18.20
N TYR B 365 23.19 8.51 17.77
CA TYR B 365 22.57 8.49 16.44
C TYR B 365 23.24 9.44 15.47
N LYS B 366 24.48 9.84 15.84
CA LYS B 366 25.33 10.79 15.08
C LYS B 366 24.50 11.94 14.56
N LYS B 367 23.99 12.72 15.50
CA LYS B 367 23.16 13.88 15.16
C LYS B 367 24.01 15.12 15.30
N PRO B 368 24.02 15.98 14.27
CA PRO B 368 24.66 17.29 14.44
C PRO B 368 24.02 18.09 15.57
N MET B 369 24.80 18.89 16.26
CA MET B 369 24.30 19.68 17.38
C MET B 369 24.97 21.04 17.44
N ILE B 370 24.15 22.09 17.50
CA ILE B 370 24.66 23.46 17.64
C ILE B 370 24.22 24.05 18.96
N ALA B 371 24.78 25.23 19.26
CA ALA B 371 24.51 25.95 20.47
C ALA B 371 24.77 27.44 20.33
N PHE B 372 24.32 28.20 21.31
CA PHE B 372 24.61 29.61 21.43
C PHE B 372 25.78 29.73 22.35
N ASP B 373 26.58 30.77 22.13
CA ASP B 373 27.76 31.05 22.94
C ASP B 373 27.49 31.07 24.43
N ASN B 374 26.27 31.42 24.85
CA ASN B 374 25.90 31.37 26.28
C ASN B 374 25.20 30.09 26.82
N THR B 375 25.23 29.01 26.04
CA THR B 375 24.51 27.78 26.42
C THR B 375 25.27 26.50 26.09
N CYS B 376 26.61 26.52 26.12
CA CYS B 376 27.41 25.29 25.97
C CYS B 376 27.47 24.55 27.28
N SER B 377 27.66 23.24 27.19
CA SER B 377 27.96 22.47 28.37
C SER B 377 29.24 23.01 28.99
N GLU B 378 29.26 23.12 30.32
CA GLU B 378 30.50 23.29 31.09
C GLU B 378 31.56 22.21 30.77
N ASN B 379 31.09 20.96 30.68
CA ASN B 379 31.90 19.76 30.42
C ASN B 379 32.10 19.61 28.90
N LEU B 380 31.90 18.41 28.36
CA LEU B 380 31.84 18.14 26.90
C LEU B 380 32.38 19.25 26.02
N SER B 381 33.71 19.19 25.83
CA SER B 381 34.46 19.96 24.82
C SER B 381 33.64 20.63 23.69
N GLU B 382 34.25 21.63 23.06
CA GLU B 382 33.57 22.51 22.11
C GLU B 382 33.36 21.99 20.67
N ILE B 383 33.69 20.73 20.37
CA ILE B 383 33.54 20.21 18.98
C ILE B 383 33.45 18.66 18.76
N SER B 384 32.41 17.87 19.12
CA SER B 384 31.23 18.10 19.99
C SER B 384 30.04 18.89 19.40
N TYR B 385 30.14 20.23 19.35
CA TYR B 385 29.18 21.11 18.64
C TYR B 385 29.65 21.38 17.22
N GLU B 386 28.76 21.45 16.23
CA GLU B 386 29.20 21.78 14.85
C GLU B 386 29.39 23.28 14.65
N GLY B 387 28.81 24.07 15.55
CA GLY B 387 29.04 25.52 15.61
C GLY B 387 28.54 26.06 16.94
N ILE B 388 29.18 27.13 17.42
CA ILE B 388 28.70 27.93 18.55
C ILE B 388 28.34 29.27 17.95
N TYR B 389 27.09 29.70 18.11
CA TYR B 389 26.65 30.95 17.48
C TYR B 389 26.42 32.09 18.49
N PRO B 390 26.58 33.36 18.04
CA PRO B 390 26.37 34.50 18.94
C PRO B 390 24.90 34.70 19.37
N SER B 391 24.69 34.67 20.69
CA SER B 391 23.38 34.89 21.27
C SER B 391 22.81 36.30 21.08
N SER B 392 23.68 37.27 20.77
CA SER B 392 23.25 38.63 20.45
C SER B 392 23.03 38.93 18.95
N ILE B 393 23.48 38.04 18.06
CA ILE B 393 23.14 38.13 16.63
C ILE B 393 22.51 36.79 16.18
N PRO B 394 21.33 36.44 16.74
CA PRO B 394 20.77 35.14 16.44
C PRO B 394 20.39 34.87 15.00
N LYS B 395 20.42 35.89 14.16
CA LYS B 395 20.23 35.69 12.75
C LYS B 395 21.32 34.72 12.24
N LYS B 396 22.51 34.71 12.82
CA LYS B 396 23.55 33.70 12.48
C LYS B 396 23.04 32.27 12.76
N MET B 397 22.44 32.06 13.94
CA MET B 397 21.82 30.80 14.28
C MET B 397 20.75 30.40 13.25
N VAL B 398 19.94 31.35 12.79
CA VAL B 398 18.96 31.12 11.72
C VAL B 398 19.57 30.67 10.41
N ALA B 399 20.58 31.39 9.92
CA ALA B 399 21.31 30.98 8.71
C ALA B 399 21.96 29.59 8.85
N ALA B 400 22.55 29.32 10.02
CA ALA B 400 23.12 28.01 10.33
C ALA B 400 22.10 26.85 10.28
N ILE B 401 20.89 27.11 10.81
CA ILE B 401 19.81 26.13 10.80
C ILE B 401 19.32 25.91 9.37
N ARG B 402 19.19 26.99 8.61
CA ARG B 402 18.86 26.89 7.18
C ARG B 402 19.84 26.03 6.36
N SER B 403 21.11 26.01 6.76
CA SER B 403 22.18 25.27 6.05
C SER B 403 22.16 23.75 6.15
N TYR B 404 21.42 23.19 7.12
CA TYR B 404 21.13 21.73 7.17
C TYR B 404 19.94 21.24 6.26
N MET B 405 19.18 22.16 5.67
CA MET B 405 18.09 21.83 4.75
C MET B 405 18.59 21.28 3.41
N ARG B 406 17.69 20.65 2.66
CA ARG B 406 18.02 19.99 1.38
C ARG B 406 17.15 20.55 0.27
N LYS C 5 -23.20 -7.05 5.22
CA LYS C 5 -23.45 -6.09 6.33
C LYS C 5 -22.90 -6.57 7.66
N ARG C 6 -21.86 -5.88 8.13
CA ARG C 6 -21.03 -6.31 9.24
C ARG C 6 -21.34 -5.41 10.43
N ALA C 7 -21.45 -6.01 11.60
CA ALA C 7 -21.92 -5.30 12.77
C ALA C 7 -20.77 -4.88 13.66
N VAL C 8 -20.84 -3.65 14.10
CA VAL C 8 -19.86 -3.03 14.93
C VAL C 8 -20.64 -2.34 16.02
N VAL C 9 -20.09 -2.34 17.23
CA VAL C 9 -20.76 -1.71 18.35
C VAL C 9 -19.75 -0.85 19.11
N PHE C 10 -20.13 0.41 19.33
CA PHE C 10 -19.32 1.41 20.07
C PHE C 10 -20.06 1.69 21.35
N ALA C 11 -19.41 2.34 22.31
CA ALA C 11 -20.12 2.66 23.55
C ALA C 11 -19.52 3.82 24.27
N GLY C 12 -20.30 4.89 24.38
CA GLY C 12 -19.88 6.06 25.13
C GLY C 12 -20.89 7.16 25.10
N ASP C 13 -20.75 8.07 26.04
CA ASP C 13 -21.65 9.20 26.19
C ASP C 13 -21.19 10.43 25.41
N TYR C 14 -22.10 11.42 25.37
CA TYR C 14 -21.97 12.71 24.67
C TYR C 14 -20.67 13.46 24.90
N ALA C 15 -20.25 13.53 26.16
CA ALA C 15 -18.95 14.12 26.54
C ALA C 15 -17.78 13.60 25.71
N TYR C 16 -17.85 12.33 25.23
CA TYR C 16 -16.83 11.72 24.35
C TYR C 16 -17.23 11.66 22.89
N ILE C 17 -18.19 12.48 22.47
CA ILE C 17 -18.67 12.43 21.07
C ILE C 17 -17.58 12.77 20.03
N ARG C 18 -16.63 13.62 20.39
CA ARG C 18 -15.47 13.94 19.53
C ARG C 18 -14.62 12.70 19.21
N GLN C 19 -14.36 11.89 20.24
CA GLN C 19 -13.60 10.64 20.12
C GLN C 19 -14.41 9.58 19.35
N ILE C 20 -15.68 9.39 19.75
CA ILE C 20 -16.59 8.44 19.07
C ILE C 20 -16.74 8.72 17.60
N GLU C 21 -17.14 9.95 17.27
CA GLU C 21 -17.31 10.32 15.87
C GLU C 21 -16.00 10.12 15.07
N THR C 22 -14.88 10.45 15.69
CA THR C 22 -13.58 10.27 15.03
C THR C 22 -13.30 8.79 14.82
N ALA C 23 -13.42 8.02 15.90
CA ALA C 23 -13.30 6.58 15.75
C ALA C 23 -14.14 6.07 14.58
N MET C 24 -15.40 6.52 14.49
CA MET C 24 -16.33 6.04 13.49
C MET C 24 -15.95 6.48 12.07
N LYS C 25 -15.49 7.73 11.90
CA LYS C 25 -14.99 8.21 10.60
C LYS C 25 -13.85 7.34 10.09
N SER C 26 -12.94 7.00 10.98
CA SER C 26 -11.77 6.20 10.60
C SER C 26 -12.25 4.85 10.10
N LEU C 27 -13.14 4.24 10.87
CA LEU C 27 -13.74 2.96 10.47
C LEU C 27 -14.45 3.02 9.10
N CYS C 28 -15.40 3.94 8.95
CA CYS C 28 -16.10 4.16 7.70
C CYS C 28 -15.19 4.57 6.53
N ARG C 29 -14.09 5.27 6.82
CA ARG C 29 -13.16 5.67 5.75
C ARG C 29 -12.72 4.44 4.98
N HIS C 30 -12.50 3.34 5.69
CA HIS C 30 -11.92 2.14 5.13
C HIS C 30 -12.84 0.95 4.99
N ASN C 31 -14.06 1.03 5.48
CA ASN C 31 -14.97 -0.10 5.48
C ASN C 31 -16.40 0.35 5.19
N SER C 32 -17.03 -0.29 4.20
CA SER C 32 -18.41 0.03 3.78
C SER C 32 -19.28 -0.96 4.44
N HIS C 33 -20.60 -0.83 4.23
CA HIS C 33 -21.58 -1.83 4.64
C HIS C 33 -21.45 -2.14 6.13
N LEU C 34 -21.54 -1.10 6.95
CA LEU C 34 -21.40 -1.28 8.40
C LEU C 34 -22.67 -1.01 9.12
N LYS C 35 -23.14 -1.97 9.90
CA LYS C 35 -24.27 -1.75 10.77
C LYS C 35 -23.68 -1.38 12.12
N ILE C 36 -23.66 -0.08 12.42
CA ILE C 36 -23.02 0.37 13.65
C ILE C 36 -24.09 0.56 14.70
N TYR C 37 -23.88 -0.10 15.85
CA TYR C 37 -24.68 0.12 17.06
C TYR C 37 -23.89 1.02 17.98
N LEU C 38 -24.54 1.97 18.63
CA LEU C 38 -23.82 2.84 19.58
C LEU C 38 -24.63 2.94 20.86
N LEU C 39 -24.07 2.40 21.93
CA LEU C 39 -24.69 2.38 23.24
C LEU C 39 -24.30 3.64 23.96
N ASN C 40 -25.32 4.46 24.27
CA ASN C 40 -25.16 5.77 24.88
C ASN C 40 -26.38 6.12 25.72
N GLN C 41 -26.26 7.06 26.67
CA GLN C 41 -27.39 7.59 27.49
C GLN C 41 -28.01 8.89 27.01
N ASP C 42 -27.13 9.80 26.55
CA ASP C 42 -27.43 11.23 26.38
C ASP C 42 -27.04 11.85 25.04
N ILE C 43 -26.75 11.05 24.00
CA ILE C 43 -26.32 11.62 22.72
C ILE C 43 -27.57 12.12 22.03
N PRO C 44 -27.62 13.41 21.69
CA PRO C 44 -28.77 14.03 21.02
C PRO C 44 -29.14 13.36 19.72
N GLN C 45 -30.42 13.44 19.40
CA GLN C 45 -31.00 12.69 18.27
C GLN C 45 -30.59 13.22 16.90
N GLU C 46 -30.30 14.53 16.85
CA GLU C 46 -29.91 15.23 15.62
C GLU C 46 -28.58 14.67 15.11
N TRP C 47 -27.72 14.32 16.07
CA TRP C 47 -26.44 13.70 15.72
C TRP C 47 -26.65 12.35 15.05
N PHE C 48 -27.40 11.49 15.74
CA PHE C 48 -27.80 10.20 15.18
C PHE C 48 -28.41 10.37 13.78
N SER C 49 -29.40 11.25 13.61
CA SER C 49 -30.11 11.43 12.31
C SER C 49 -29.19 11.72 11.12
N GLN C 50 -28.28 12.65 11.33
CA GLN C 50 -27.33 13.03 10.30
C GLN C 50 -26.32 11.91 10.06
N ILE C 51 -25.71 11.41 11.12
CA ILE C 51 -24.70 10.37 10.96
C ILE C 51 -25.30 9.07 10.36
N ARG C 52 -26.57 8.79 10.65
CA ARG C 52 -27.25 7.59 10.11
C ARG C 52 -27.35 7.62 8.58
N ILE C 53 -27.56 8.81 8.03
CA ILE C 53 -27.66 8.98 6.59
C ILE C 53 -26.34 8.55 6.00
N TYR C 54 -25.25 8.97 6.64
CA TYR C 54 -23.93 8.70 6.08
C TYR C 54 -23.70 7.20 6.01
N LEU C 55 -23.97 6.52 7.11
CA LEU C 55 -23.84 5.04 7.16
C LEU C 55 -24.73 4.31 6.12
N GLN C 56 -25.91 4.85 5.83
CA GLN C 56 -26.86 4.21 4.90
C GLN C 56 -26.40 4.36 3.48
N GLU C 57 -25.93 5.57 3.15
CA GLU C 57 -25.34 5.87 1.85
C GLU C 57 -24.11 5.02 1.53
N MET C 58 -23.44 4.51 2.57
CA MET C 58 -22.35 3.56 2.39
C MET C 58 -22.78 2.08 2.55
N GLY C 59 -24.08 1.81 2.43
CA GLY C 59 -24.61 0.46 2.48
C GLY C 59 -24.82 -0.12 3.86
N GLY C 60 -24.81 0.72 4.90
CA GLY C 60 -24.87 0.28 6.29
C GLY C 60 -26.02 0.98 7.00
N ASP C 61 -25.82 1.23 8.30
CA ASP C 61 -26.83 1.81 9.19
C ASP C 61 -26.20 2.16 10.55
N LEU C 62 -26.90 3.02 11.29
CA LEU C 62 -26.51 3.41 12.63
C LEU C 62 -27.70 3.25 13.52
N ILE C 63 -27.53 2.59 14.66
CA ILE C 63 -28.60 2.21 15.53
C ILE C 63 -28.35 2.79 16.90
N ASP C 64 -29.25 3.66 17.34
CA ASP C 64 -29.16 4.28 18.64
C ASP C 64 -29.62 3.31 19.74
N CYS C 65 -28.69 2.73 20.47
CA CYS C 65 -29.01 1.87 21.62
C CYS C 65 -29.01 2.71 22.87
N LYS C 66 -30.19 3.20 23.25
CA LYS C 66 -30.34 4.05 24.43
C LYS C 66 -30.38 3.21 25.73
N LEU C 67 -29.39 3.45 26.59
CA LEU C 67 -29.30 2.82 27.90
C LEU C 67 -30.02 3.70 28.86
N ILE C 68 -31.35 3.74 28.71
CA ILE C 68 -32.22 4.51 29.61
C ILE C 68 -33.27 3.54 30.18
N GLY C 69 -33.35 3.51 31.51
CA GLY C 69 -34.16 2.52 32.23
C GLY C 69 -33.34 1.94 33.36
N SER C 70 -34.01 1.46 34.40
CA SER C 70 -33.32 0.80 35.54
C SER C 70 -32.68 -0.54 35.14
N GLN C 71 -33.24 -1.18 34.12
CA GLN C 71 -32.73 -2.48 33.63
C GLN C 71 -31.24 -2.44 33.24
N PHE C 72 -30.74 -1.26 32.88
CA PHE C 72 -29.32 -1.03 32.54
C PHE C 72 -28.51 -0.56 33.74
N MET C 86 -23.47 2.42 32.46
CA MET C 86 -22.78 3.02 31.27
C MET C 86 -21.24 2.86 31.25
N THR C 87 -20.62 2.67 32.41
CA THR C 87 -19.20 2.39 32.40
C THR C 87 -19.10 0.90 32.04
N PHE C 88 -20.20 0.18 32.28
CA PHE C 88 -20.28 -1.23 31.97
C PHE C 88 -21.17 -1.43 30.75
N ALA C 89 -21.24 -0.43 29.88
CA ALA C 89 -22.17 -0.48 28.74
C ALA C 89 -21.97 -1.74 27.89
N ARG C 90 -20.70 -2.12 27.71
CA ARG C 90 -20.30 -3.34 27.00
C ARG C 90 -21.13 -4.56 27.35
N TYR C 91 -21.40 -4.74 28.65
CA TYR C 91 -22.15 -5.89 29.11
C TYR C 91 -23.46 -6.05 28.36
N PHE C 92 -24.12 -4.93 28.05
CA PHE C 92 -25.45 -4.96 27.48
C PHE C 92 -25.50 -5.18 25.97
N ILE C 93 -24.39 -5.57 25.37
CA ILE C 93 -24.31 -5.73 23.92
C ILE C 93 -25.36 -6.71 23.35
N PRO C 94 -25.46 -7.95 23.90
CA PRO C 94 -26.42 -8.95 23.36
C PRO C 94 -27.89 -8.56 23.44
N ASP C 95 -28.24 -7.74 24.44
CA ASP C 95 -29.57 -7.14 24.53
C ASP C 95 -29.91 -6.19 23.40
N PHE C 96 -28.92 -5.67 22.67
CA PHE C 96 -29.17 -4.78 21.52
C PHE C 96 -28.83 -5.40 20.18
N VAL C 97 -27.72 -6.12 20.09
CA VAL C 97 -27.22 -6.56 18.81
C VAL C 97 -27.94 -7.82 18.35
N THR C 98 -28.49 -7.76 17.13
CA THR C 98 -29.32 -8.85 16.60
C THR C 98 -28.50 -9.88 15.86
N GLU C 99 -27.32 -9.49 15.37
CA GLU C 99 -26.47 -10.41 14.60
C GLU C 99 -25.75 -11.41 15.51
N ASP C 100 -25.26 -12.49 14.91
CA ASP C 100 -24.63 -13.60 15.66
C ASP C 100 -23.19 -13.26 16.04
N LYS C 101 -22.52 -12.53 15.14
CA LYS C 101 -21.19 -11.97 15.38
C LYS C 101 -21.22 -10.43 15.30
N VAL C 102 -20.54 -9.78 16.26
CA VAL C 102 -20.33 -8.34 16.29
C VAL C 102 -18.92 -7.96 16.75
N LEU C 103 -18.35 -6.91 16.14
CA LEU C 103 -17.05 -6.33 16.53
C LEU C 103 -17.24 -5.14 17.44
N TYR C 104 -16.89 -5.28 18.73
CA TYR C 104 -16.90 -4.17 19.65
C TYR C 104 -15.59 -3.38 19.52
N LEU C 105 -15.69 -2.05 19.51
CA LEU C 105 -14.54 -1.13 19.44
C LEU C 105 -14.65 0.00 20.45
N ASP C 106 -13.60 0.27 21.21
CA ASP C 106 -13.48 1.48 22.05
C ASP C 106 -13.53 2.77 21.22
N SER C 107 -13.71 3.87 21.94
CA SER C 107 -13.81 5.24 21.35
C SER C 107 -12.46 5.88 21.02
N ASP C 108 -11.50 5.62 21.89
CA ASP C 108 -10.17 6.22 21.77
C ASP C 108 -9.28 5.46 20.78
N LEU C 109 -9.76 5.26 19.56
CA LEU C 109 -9.00 4.49 18.61
C LEU C 109 -9.20 4.90 17.20
N ILE C 110 -8.34 4.36 16.32
CA ILE C 110 -8.33 4.70 14.90
C ILE C 110 -8.19 3.44 14.06
N VAL C 111 -9.09 3.32 13.09
CA VAL C 111 -9.01 2.30 12.05
C VAL C 111 -8.31 2.89 10.82
N THR C 112 -7.24 2.22 10.37
CA THR C 112 -6.42 2.68 9.24
C THR C 112 -6.61 1.91 7.95
N GLY C 113 -7.45 0.87 7.96
CA GLY C 113 -7.69 0.07 6.75
C GLY C 113 -8.80 -0.96 6.81
N ASP C 114 -8.85 -1.76 5.73
CA ASP C 114 -9.77 -2.86 5.51
C ASP C 114 -9.63 -3.82 6.67
N LEU C 115 -10.73 -4.07 7.39
CA LEU C 115 -10.79 -5.03 8.52
C LEU C 115 -11.41 -6.38 8.18
N THR C 116 -11.50 -6.73 6.89
CA THR C 116 -12.24 -7.92 6.46
C THR C 116 -11.76 -9.22 7.14
N ASP C 117 -10.46 -9.47 7.20
CA ASP C 117 -9.93 -10.61 7.95
C ASP C 117 -10.42 -10.66 9.43
N LEU C 118 -10.64 -9.52 10.04
CA LEU C 118 -11.13 -9.49 11.41
C LEU C 118 -12.63 -9.80 11.40
N PHE C 119 -13.40 -9.11 10.55
CA PHE C 119 -14.84 -9.37 10.44
C PHE C 119 -15.16 -10.85 10.06
N GLU C 120 -14.30 -11.46 9.22
CA GLU C 120 -14.50 -12.83 8.72
C GLU C 120 -13.83 -13.94 9.55
N LEU C 121 -13.10 -13.61 10.61
CA LEU C 121 -12.49 -14.62 11.46
C LEU C 121 -13.58 -15.49 12.07
N ASP C 122 -13.33 -16.81 12.13
CA ASP C 122 -14.24 -17.78 12.78
C ASP C 122 -13.88 -17.91 14.25
N LEU C 123 -14.85 -17.64 15.12
CA LEU C 123 -14.63 -17.76 16.57
C LEU C 123 -14.73 -19.19 17.13
N GLY C 124 -15.33 -20.10 16.36
CA GLY C 124 -15.54 -21.47 16.82
C GLY C 124 -16.48 -21.44 18.02
N GLU C 125 -16.11 -22.13 19.10
CA GLU C 125 -16.91 -22.16 20.34
C GLU C 125 -16.42 -21.16 21.37
N ASN C 126 -15.43 -20.34 21.00
CA ASN C 126 -14.97 -19.24 21.83
C ASN C 126 -16.04 -18.16 21.96
N TYR C 127 -16.11 -17.57 23.15
CA TYR C 127 -16.96 -16.46 23.42
C TYR C 127 -16.55 -15.18 22.68
N LEU C 128 -15.26 -15.01 22.41
CA LEU C 128 -14.74 -13.82 21.75
C LEU C 128 -13.30 -13.98 21.36
N ALA C 129 -12.84 -13.07 20.51
CA ALA C 129 -11.42 -12.95 20.15
C ALA C 129 -10.91 -11.60 20.60
N ALA C 130 -9.79 -11.59 21.32
CA ALA C 130 -9.11 -10.35 21.75
C ALA C 130 -7.60 -10.39 21.51
N ALA C 131 -7.02 -9.20 21.42
CA ALA C 131 -5.59 -9.05 21.31
C ALA C 131 -5.09 -8.97 22.71
N ARG C 132 -3.82 -9.25 22.92
CA ARG C 132 -3.24 -9.20 24.27
C ARG C 132 -3.03 -7.78 24.78
N SER C 133 -2.83 -7.67 26.08
CA SER C 133 -2.63 -6.39 26.75
C SER C 133 -1.20 -5.89 26.60
N CYS C 134 -1.06 -4.79 25.85
CA CYS C 134 0.18 -3.98 25.77
C CYS C 134 1.34 -4.83 25.24
N PHE C 135 1.09 -5.49 24.13
CA PHE C 135 2.08 -6.33 23.45
C PHE C 135 2.63 -7.52 24.26
N GLY C 136 2.03 -7.82 25.42
CA GLY C 136 2.57 -8.82 26.37
C GLY C 136 2.82 -8.26 27.76
N ALA C 137 3.12 -6.98 27.85
CA ALA C 137 3.47 -6.30 29.10
C ALA C 137 2.50 -6.48 30.24
N GLY C 138 1.21 -6.42 29.94
CA GLY C 138 0.14 -6.59 30.93
C GLY C 138 -0.53 -7.97 30.95
N VAL C 139 -1.27 -8.22 32.01
CA VAL C 139 -1.96 -9.49 32.18
C VAL C 139 -3.13 -9.55 31.20
N GLY C 140 -3.31 -10.71 30.58
CA GLY C 140 -4.52 -11.02 29.82
C GLY C 140 -4.66 -10.35 28.46
N PHE C 141 -5.91 -9.97 28.15
CA PHE C 141 -6.27 -9.28 26.91
C PHE C 141 -6.81 -7.86 27.13
N ASN C 142 -6.54 -6.98 26.16
CA ASN C 142 -7.09 -5.63 26.15
C ASN C 142 -8.50 -5.67 25.56
N ALA C 143 -9.43 -5.01 26.25
CA ALA C 143 -10.85 -5.14 25.99
C ALA C 143 -11.38 -4.13 24.97
N GLY C 144 -10.53 -3.24 24.48
CA GLY C 144 -10.94 -2.24 23.48
C GLY C 144 -11.34 -2.77 22.12
N VAL C 145 -10.94 -4.00 21.80
CA VAL C 145 -11.34 -4.66 20.57
C VAL C 145 -11.78 -6.10 20.88
N LEU C 146 -13.07 -6.31 20.85
CA LEU C 146 -13.65 -7.60 21.08
C LEU C 146 -14.47 -8.01 19.83
N LEU C 147 -14.05 -9.09 19.19
CA LEU C 147 -14.86 -9.69 18.16
C LEU C 147 -15.66 -10.72 18.93
N ILE C 148 -16.95 -10.39 19.11
CA ILE C 148 -17.83 -11.07 20.02
C ILE C 148 -18.72 -12.09 19.29
N ASN C 149 -18.83 -13.29 19.88
CA ASN C 149 -19.80 -14.32 19.48
C ASN C 149 -21.11 -14.06 20.23
N ASN C 150 -21.84 -13.10 19.68
CA ASN C 150 -23.04 -12.55 20.29
C ASN C 150 -24.14 -13.61 20.53
N LYS C 151 -24.31 -14.49 19.56
CA LYS C 151 -25.17 -15.69 19.67
C LYS C 151 -24.99 -16.40 21.02
N LYS C 152 -23.75 -16.78 21.35
CA LYS C 152 -23.41 -17.36 22.69
C LYS C 152 -23.52 -16.36 23.84
N TRP C 153 -23.24 -15.08 23.62
CA TRP C 153 -23.42 -14.08 24.69
C TRP C 153 -24.89 -14.01 25.10
N GLY C 154 -25.77 -14.09 24.11
CA GLY C 154 -27.22 -14.16 24.36
C GLY C 154 -27.67 -15.49 24.99
N SER C 155 -27.31 -16.59 24.33
CA SER C 155 -27.65 -17.96 24.77
C SER C 155 -27.24 -18.26 26.20
N GLU C 156 -25.98 -17.95 26.53
CA GLU C 156 -25.40 -18.28 27.83
C GLU C 156 -25.61 -17.19 28.88
N THR C 157 -26.50 -16.23 28.59
CA THR C 157 -26.82 -15.12 29.50
C THR C 157 -25.54 -14.44 30.01
N ILE C 158 -24.68 -14.06 29.07
CA ILE C 158 -23.39 -13.42 29.37
C ILE C 158 -23.52 -12.02 30.00
N ARG C 159 -24.57 -11.28 29.63
CA ARG C 159 -24.84 -10.01 30.31
C ARG C 159 -24.95 -10.15 31.84
N GLN C 160 -25.87 -10.98 32.32
CA GLN C 160 -26.08 -11.14 33.76
C GLN C 160 -24.87 -11.77 34.45
N LYS C 161 -24.25 -12.80 33.84
CA LYS C 161 -23.02 -13.39 34.38
C LYS C 161 -21.90 -12.34 34.62
N LEU C 162 -21.75 -11.40 33.69
CA LEU C 162 -20.80 -10.30 33.81
C LEU C 162 -21.21 -9.28 34.89
N ILE C 163 -22.51 -9.14 35.13
CA ILE C 163 -23.04 -8.28 36.21
C ILE C 163 -22.87 -8.95 37.58
N ASP C 164 -23.18 -10.26 37.68
CA ASP C 164 -23.03 -11.02 38.94
C ASP C 164 -21.59 -11.07 39.41
N LEU C 165 -20.70 -11.47 38.50
CA LEU C 165 -19.26 -11.46 38.75
C LEU C 165 -18.74 -10.07 39.19
N THR C 166 -19.37 -9.00 38.69
CA THR C 166 -18.95 -7.63 38.99
C THR C 166 -19.34 -7.14 40.39
N GLU C 167 -20.59 -7.31 40.80
CA GLU C 167 -21.05 -6.78 42.11
C GLU C 167 -20.32 -7.43 43.29
N LYS C 168 -20.07 -8.72 43.18
CA LYS C 168 -19.03 -9.38 43.97
C LYS C 168 -17.66 -9.04 43.37
N GLU C 169 -16.68 -8.77 44.23
CA GLU C 169 -15.31 -8.41 43.82
C GLU C 169 -15.21 -7.43 42.64
N HIS C 170 -15.48 -6.16 42.94
CA HIS C 170 -15.03 -5.01 42.11
C HIS C 170 -14.00 -4.11 42.81
N GLU C 171 -13.92 -4.16 44.15
CA GLU C 171 -12.96 -3.37 44.96
C GLU C 171 -11.54 -3.47 44.40
N ASN C 172 -10.91 -4.64 44.55
CA ASN C 172 -9.51 -4.82 44.13
C ASN C 172 -9.36 -5.62 42.83
N VAL C 173 -9.81 -5.00 41.75
CA VAL C 173 -9.48 -5.37 40.38
C VAL C 173 -9.00 -4.07 39.76
N GLU C 174 -7.72 -4.03 39.35
CA GLU C 174 -7.08 -2.77 38.97
C GLU C 174 -7.41 -2.25 37.55
N GLU C 175 -7.80 -3.14 36.63
CA GLU C 175 -8.17 -2.77 35.24
C GLU C 175 -9.70 -2.78 34.97
N GLY C 176 -10.50 -2.19 35.87
CA GLY C 176 -11.95 -1.96 35.63
C GLY C 176 -12.78 -3.16 35.19
N ASP C 177 -13.69 -2.92 34.25
CA ASP C 177 -14.51 -3.98 33.64
C ASP C 177 -13.74 -4.91 32.71
N GLN C 178 -12.60 -4.42 32.21
CA GLN C 178 -11.65 -5.23 31.47
C GLN C 178 -11.13 -6.42 32.32
N SER C 179 -10.84 -6.18 33.59
CA SER C 179 -10.48 -7.23 34.52
C SER C 179 -11.62 -8.25 34.67
N ILE C 180 -12.85 -7.77 34.85
CA ILE C 180 -14.00 -8.70 34.95
C ILE C 180 -14.17 -9.56 33.72
N LEU C 181 -14.08 -8.95 32.55
CA LEU C 181 -14.13 -9.69 31.28
C LEU C 181 -13.04 -10.76 31.18
N ASN C 182 -11.86 -10.43 31.69
CA ASN C 182 -10.75 -11.39 31.72
C ASN C 182 -11.04 -12.58 32.63
N MET C 183 -11.60 -12.31 33.82
CA MET C 183 -12.00 -13.34 34.78
C MET C 183 -13.05 -14.30 34.21
N LEU C 184 -14.09 -13.77 33.57
CA LEU C 184 -15.13 -14.62 33.00
C LEU C 184 -14.66 -15.46 31.82
N PHE C 185 -13.81 -14.88 30.98
CA PHE C 185 -13.42 -15.53 29.72
C PHE C 185 -11.98 -16.09 29.69
N LYS C 186 -11.28 -16.05 30.82
CA LYS C 186 -9.99 -16.73 30.96
C LYS C 186 -10.03 -18.08 30.22
N ASP C 187 -9.08 -18.26 29.29
CA ASP C 187 -8.94 -19.54 28.52
C ASP C 187 -10.14 -19.90 27.65
N GLN C 188 -11.02 -18.95 27.40
CA GLN C 188 -12.20 -19.24 26.59
C GLN C 188 -12.30 -18.27 25.44
N TYR C 189 -11.15 -17.70 25.08
CA TYR C 189 -11.09 -16.73 24.01
C TYR C 189 -10.01 -16.99 23.00
N SER C 190 -10.30 -16.56 21.79
CA SER C 190 -9.43 -16.69 20.62
C SER C 190 -8.48 -15.46 20.54
N SER C 191 -7.40 -15.57 19.75
CA SER C 191 -6.34 -14.52 19.69
C SER C 191 -6.34 -13.61 18.46
N LEU C 192 -6.24 -12.31 18.72
CA LEU C 192 -6.09 -11.31 17.65
C LEU C 192 -4.66 -10.87 17.62
N GLU C 193 -4.12 -10.74 16.41
CA GLU C 193 -2.79 -10.13 16.25
C GLU C 193 -2.74 -8.72 16.86
N ASP C 194 -1.60 -8.35 17.42
CA ASP C 194 -1.36 -7.01 17.93
C ASP C 194 -1.82 -5.84 17.02
N GLN C 195 -1.80 -6.00 15.70
CA GLN C 195 -2.20 -4.93 14.80
C GLN C 195 -3.71 -4.67 14.72
N TYR C 196 -4.51 -5.55 15.31
CA TYR C 196 -5.95 -5.32 15.46
C TYR C 196 -6.33 -4.65 16.81
N ASN C 197 -5.34 -4.26 17.59
CA ASN C 197 -5.56 -3.49 18.79
C ASN C 197 -4.17 -3.03 19.25
N PHE C 198 -3.57 -2.18 18.41
CA PHE C 198 -2.16 -1.79 18.55
C PHE C 198 -2.14 -0.63 19.53
N GLN C 199 -1.76 -0.96 20.75
CA GLN C 199 -1.87 -0.02 21.85
C GLN C 199 -0.71 0.97 21.96
N ILE C 200 -0.59 1.82 20.92
CA ILE C 200 0.37 2.93 20.88
C ILE C 200 0.32 3.85 22.13
N GLY C 201 -0.82 3.91 22.79
CA GLY C 201 -0.99 4.62 24.02
C GLY C 201 -0.11 4.16 25.14
N TYR C 202 0.28 2.88 25.10
CA TYR C 202 1.25 2.34 26.01
C TYR C 202 2.65 3.04 25.98
N ASP C 203 2.96 3.81 24.93
CA ASP C 203 4.26 4.49 24.83
C ASP C 203 4.78 5.03 26.16
N TYR C 204 4.04 5.90 26.83
CA TYR C 204 4.48 6.40 28.12
C TYR C 204 4.83 5.25 29.05
N GLY C 205 3.91 4.29 29.14
CA GLY C 205 4.09 3.07 29.91
C GLY C 205 5.35 2.29 29.57
N ALA C 206 5.57 2.03 28.28
CA ALA C 206 6.71 1.29 27.79
C ALA C 206 7.97 2.01 28.17
N ALA C 207 7.99 3.32 27.90
CA ALA C 207 9.12 4.16 28.28
C ALA C 207 9.34 4.25 29.83
N THR C 208 8.26 4.26 30.61
CA THR C 208 8.33 4.23 32.08
C THR C 208 9.08 3.00 32.57
N PHE C 209 8.70 1.82 32.06
CA PHE C 209 9.28 0.51 32.45
C PHE C 209 10.48 0.04 31.58
N LYS C 210 11.02 0.94 30.76
CA LYS C 210 12.25 0.70 30.00
C LYS C 210 12.11 -0.44 28.98
N HIS C 211 10.90 -0.65 28.47
CA HIS C 211 10.67 -1.68 27.44
C HIS C 211 11.16 -1.15 26.08
N GLN C 212 12.48 -1.17 25.90
CA GLN C 212 13.15 -0.56 24.75
C GLN C 212 12.68 -1.01 23.35
N PHE C 213 12.22 -2.25 23.24
CA PHE C 213 11.95 -2.90 21.94
C PHE C 213 10.53 -2.71 21.46
N ILE C 214 9.61 -2.32 22.34
CA ILE C 214 8.31 -1.84 21.91
C ILE C 214 8.46 -0.69 20.89
N PHE C 215 9.46 0.15 21.13
CA PHE C 215 9.80 1.26 20.24
C PHE C 215 10.40 0.82 18.88
N ASP C 216 10.80 -0.46 18.75
CA ASP C 216 11.31 -1.05 17.50
C ASP C 216 10.27 -1.75 16.64
N ILE C 217 9.04 -1.92 17.14
CA ILE C 217 7.99 -2.59 16.38
C ILE C 217 7.63 -1.69 15.17
N PRO C 218 7.69 -2.21 13.92
CA PRO C 218 7.33 -1.45 12.73
C PRO C 218 5.96 -0.73 12.79
N LEU C 219 5.99 0.56 12.51
CA LEU C 219 4.77 1.35 12.37
C LEU C 219 4.49 1.58 10.88
N GLU C 220 5.20 0.87 10.01
CA GLU C 220 4.98 0.99 8.58
C GLU C 220 4.90 -0.42 7.97
N PRO C 221 3.83 -0.76 7.26
CA PRO C 221 2.60 0.05 7.17
C PRO C 221 1.87 0.15 8.51
N LEU C 222 0.99 1.11 8.66
CA LEU C 222 0.30 1.30 9.89
C LEU C 222 -0.52 0.12 10.35
N PRO C 223 -0.49 -0.14 11.64
CA PRO C 223 -1.34 -1.18 12.15
C PRO C 223 -2.78 -0.88 11.80
N LEU C 224 -3.55 -1.90 11.51
CA LEU C 224 -4.96 -1.75 11.16
C LEU C 224 -5.78 -1.02 12.20
N ILE C 225 -5.49 -1.24 13.45
CA ILE C 225 -6.19 -0.50 14.52
C ILE C 225 -5.21 0.08 15.56
N LEU C 226 -5.27 1.39 15.69
CA LEU C 226 -4.46 2.13 16.62
C LEU C 226 -5.30 2.50 17.83
N HIS C 227 -4.87 2.08 19.00
CA HIS C 227 -5.64 2.23 20.20
C HIS C 227 -4.83 3.09 21.12
N TYR C 228 -5.36 4.26 21.47
CA TYR C 228 -4.65 5.27 22.25
C TYR C 228 -5.04 5.08 23.70
N ILE C 229 -4.56 4.01 24.30
CA ILE C 229 -4.86 3.73 25.72
C ILE C 229 -4.15 4.73 26.62
N SER C 230 -4.52 4.72 27.90
CA SER C 230 -3.92 5.54 28.99
C SER C 230 -4.49 6.98 28.98
N GLN C 231 -4.10 7.78 29.98
CA GLN C 231 -4.44 9.22 30.01
C GLN C 231 -3.70 10.09 28.98
N ASP C 232 -2.64 9.56 28.38
CA ASP C 232 -1.91 10.26 27.36
C ASP C 232 -2.64 10.23 26.00
N LYS C 233 -3.70 11.00 25.90
CA LYS C 233 -4.56 10.98 24.72
C LYS C 233 -4.05 11.94 23.65
N PRO C 234 -4.09 11.54 22.37
CA PRO C 234 -3.58 12.42 21.31
C PRO C 234 -4.41 13.68 21.01
N TRP C 235 -5.67 13.64 21.39
CA TRP C 235 -6.55 14.82 21.28
C TRP C 235 -6.35 15.90 22.36
N ASN C 236 -5.67 15.58 23.46
CA ASN C 236 -5.27 16.59 24.47
C ASN C 236 -4.35 17.66 23.85
N GLN C 237 -4.12 18.73 24.62
CA GLN C 237 -3.30 19.84 24.12
C GLN C 237 -1.90 19.37 23.90
N PHE C 238 -1.39 18.63 24.89
CA PHE C 238 -0.05 18.04 24.85
C PHE C 238 -0.16 16.54 25.03
N SER C 239 0.76 15.81 24.42
CA SER C 239 0.88 14.37 24.59
C SER C 239 2.23 13.92 24.05
N VAL C 240 2.76 12.90 24.70
CA VAL C 240 4.11 12.41 24.43
C VAL C 240 4.18 11.14 23.59
N GLY C 241 3.07 10.44 23.47
CA GLY C 241 2.98 9.23 22.69
C GLY C 241 3.00 9.46 21.19
N ARG C 242 3.59 8.53 20.47
CA ARG C 242 3.69 8.60 19.00
C ARG C 242 2.32 8.44 18.34
N LEU C 243 2.26 8.78 17.05
CA LEU C 243 1.05 8.73 16.20
C LEU C 243 -0.09 9.74 16.53
N ARG C 244 0.27 10.83 17.20
CA ARG C 244 -0.64 11.91 17.44
C ARG C 244 -1.19 12.46 16.08
N GLU C 245 -0.35 12.56 15.06
CA GLU C 245 -0.82 13.06 13.76
C GLU C 245 -2.00 12.29 13.19
N VAL C 246 -2.03 10.99 13.44
CA VAL C 246 -3.05 10.15 12.80
C VAL C 246 -4.45 10.45 13.34
N TRP C 247 -4.57 10.64 14.65
CA TRP C 247 -5.88 10.88 15.28
C TRP C 247 -6.54 12.11 14.72
N TRP C 248 -5.74 13.19 14.64
CA TRP C 248 -6.16 14.49 14.09
C TRP C 248 -6.51 14.45 12.59
N GLU C 249 -5.75 13.68 11.81
CA GLU C 249 -6.10 13.51 10.40
C GLU C 249 -7.58 13.09 10.25
N TYR C 250 -8.10 12.24 11.15
CA TYR C 250 -9.48 11.75 11.07
C TYR C 250 -10.52 12.66 11.76
N SER C 251 -10.13 13.22 12.90
CA SER C 251 -10.97 14.14 13.66
C SER C 251 -11.44 15.29 12.79
N LEU C 252 -10.50 15.84 12.02
CA LEU C 252 -10.75 16.98 11.16
C LEU C 252 -11.18 16.63 9.73
N MET C 253 -11.34 15.35 9.42
CA MET C 253 -11.77 14.92 8.09
C MET C 253 -13.26 15.11 7.96
N ASP C 254 -13.67 15.88 6.95
CA ASP C 254 -15.10 16.07 6.71
C ASP C 254 -15.69 14.75 6.22
N TRP C 255 -16.92 14.47 6.62
CA TRP C 255 -17.64 13.26 6.22
C TRP C 255 -17.74 13.11 4.68
N SER C 256 -17.86 14.26 3.98
CA SER C 256 -17.90 14.33 2.53
C SER C 256 -16.70 13.66 1.84
N VAL C 257 -15.55 13.71 2.52
CA VAL C 257 -14.33 13.09 2.00
C VAL C 257 -14.50 11.56 1.94
N ILE C 258 -14.88 10.99 3.08
CA ILE C 258 -15.22 9.56 3.24
C ILE C 258 -16.25 9.11 2.18
N LEU C 259 -17.38 9.84 2.11
CA LEU C 259 -18.47 9.55 1.20
C LEU C 259 -18.06 9.55 -0.29
N ASN C 260 -17.52 10.69 -0.74
CA ASN C 260 -17.04 10.87 -2.14
C ASN C 260 -15.98 9.84 -2.57
N GLU C 261 -15.16 9.40 -1.62
CA GLU C 261 -14.19 8.36 -1.88
C GLU C 261 -14.95 7.07 -2.21
N TRP C 262 -15.92 6.70 -1.36
CA TRP C 262 -16.74 5.49 -1.61
C TRP C 262 -17.53 5.58 -2.92
N PHE C 263 -18.22 6.71 -3.13
CA PHE C 263 -19.03 6.95 -4.35
C PHE C 263 -18.21 6.71 -5.59
N SER C 264 -17.02 7.28 -5.65
CA SER C 264 -16.17 7.13 -6.84
C SER C 264 -15.76 5.65 -7.08
N LYS C 265 -15.66 4.88 -6.00
CA LYS C 265 -15.44 3.44 -6.13
C LYS C 265 -16.76 2.67 -6.46
N SER C 266 -17.83 3.39 -6.83
CA SER C 266 -19.16 2.84 -7.14
C SER C 266 -19.87 2.13 -5.98
N VAL C 267 -19.68 2.68 -4.78
CA VAL C 267 -20.36 2.20 -3.56
C VAL C 267 -21.27 3.35 -3.07
N LYS C 268 -22.50 3.37 -3.59
CA LYS C 268 -23.49 4.42 -3.28
C LYS C 268 -24.85 3.82 -3.12
N TYR C 269 -25.56 4.26 -2.08
CA TYR C 269 -26.86 3.74 -1.73
C TYR C 269 -27.77 4.90 -1.36
N PRO C 270 -29.08 4.79 -1.62
CA PRO C 270 -29.95 5.85 -1.12
C PRO C 270 -30.23 5.70 0.39
N SER C 271 -30.39 6.83 1.05
CA SER C 271 -30.72 6.86 2.48
C SER C 271 -32.23 6.74 2.70
N LYS C 272 -32.62 6.21 3.86
CA LYS C 272 -34.03 6.06 4.24
C LYS C 272 -34.56 7.28 5.00
N SER C 273 -33.97 8.46 4.79
CA SER C 273 -34.35 9.66 5.53
C SER C 273 -35.60 10.27 4.91
N GLN C 274 -36.75 9.95 5.49
CA GLN C 274 -38.03 10.52 5.04
C GLN C 274 -38.39 11.80 5.78
N ILE C 275 -38.98 12.75 5.06
CA ILE C 275 -39.52 13.97 5.66
C ILE C 275 -40.81 13.62 6.40
N PHE C 276 -41.07 14.35 7.49
CA PHE C 276 -42.29 14.17 8.26
C PHE C 276 -43.52 14.69 7.49
N LYS C 277 -44.61 13.91 7.50
CA LYS C 277 -45.91 14.28 6.88
C LYS C 277 -46.98 14.79 7.86
N LEU C 278 -46.69 14.70 9.16
CA LEU C 278 -47.59 15.27 10.15
C LEU C 278 -46.82 15.58 11.43
N GLN C 279 -47.28 16.58 12.17
CA GLN C 279 -46.70 16.95 13.47
C GLN C 279 -47.74 16.76 14.56
N CYS C 280 -47.44 15.88 15.53
CA CYS C 280 -48.37 15.59 16.61
C CYS C 280 -47.79 15.97 17.96
N VAL C 281 -48.66 16.36 18.88
CA VAL C 281 -48.20 16.88 20.15
C VAL C 281 -49.07 16.37 21.28
N ASN C 282 -48.44 16.14 22.44
CA ASN C 282 -49.15 15.87 23.66
C ASN C 282 -48.43 16.49 24.83
N LEU C 283 -49.22 17.11 25.71
CA LEU C 283 -48.75 17.64 26.98
C LEU C 283 -49.13 16.64 28.03
N THR C 284 -48.13 16.15 28.77
CA THR C 284 -48.39 15.13 29.80
C THR C 284 -47.94 15.56 31.17
N ASN C 285 -48.58 14.95 32.16
CA ASN C 285 -48.20 15.03 33.55
C ASN C 285 -48.16 13.62 34.12
N SER C 286 -47.88 12.62 33.27
CA SER C 286 -47.70 11.22 33.73
C SER C 286 -46.65 10.44 32.93
N TRP C 287 -46.10 9.38 33.54
CA TRP C 287 -45.21 8.44 32.85
C TRP C 287 -45.89 7.74 31.71
N CYS C 288 -47.23 7.70 31.74
CA CYS C 288 -47.98 6.92 30.82
C CYS C 288 -48.54 7.76 29.65
N VAL C 289 -47.97 7.57 28.46
CA VAL C 289 -48.60 8.09 27.25
C VAL C 289 -49.06 6.92 26.34
N GLU C 290 -50.38 6.69 26.35
CA GLU C 290 -50.97 5.44 25.89
C GLU C 290 -50.51 5.15 24.49
N LYS C 291 -49.79 4.03 24.38
CA LYS C 291 -49.31 3.50 23.11
C LYS C 291 -48.32 4.41 22.39
N ILE C 292 -47.70 5.33 23.12
CA ILE C 292 -46.74 6.21 22.47
C ILE C 292 -45.64 5.41 21.73
N ASP C 293 -45.08 4.39 22.39
CA ASP C 293 -43.96 3.59 21.84
C ASP C 293 -44.46 2.90 20.58
N TYR C 294 -45.63 2.25 20.70
CA TYR C 294 -46.27 1.61 19.58
C TYR C 294 -46.51 2.58 18.41
N LEU C 295 -47.10 3.74 18.71
CA LEU C 295 -47.39 4.74 17.67
C LEU C 295 -46.10 5.26 16.99
N ALA C 296 -45.09 5.54 17.80
CA ALA C 296 -43.79 5.98 17.32
C ALA C 296 -43.26 5.00 16.32
N GLU C 297 -43.22 3.70 16.68
CA GLU C 297 -42.66 2.66 15.80
C GLU C 297 -43.49 2.50 14.51
N GLN C 298 -44.82 2.59 14.63
CA GLN C 298 -45.74 2.50 13.46
C GLN C 298 -45.83 3.70 12.54
N LEU C 299 -45.60 4.89 13.08
CA LEU C 299 -45.71 6.15 12.31
C LEU C 299 -44.37 6.92 12.19
N PRO C 300 -43.37 6.36 11.49
CA PRO C 300 -42.05 7.04 11.34
C PRO C 300 -42.13 8.39 10.60
N GLU C 301 -43.17 8.53 9.80
CA GLU C 301 -43.48 9.77 9.10
C GLU C 301 -44.32 10.79 9.90
N VAL C 302 -44.47 10.60 11.20
CA VAL C 302 -45.12 11.57 12.08
C VAL C 302 -44.10 11.91 13.10
N HIS C 303 -43.91 13.18 13.37
CA HIS C 303 -43.00 13.66 14.39
C HIS C 303 -43.87 13.88 15.61
N PHE C 304 -43.63 13.13 16.67
CA PHE C 304 -44.39 13.26 17.93
C PHE C 304 -43.67 14.18 18.89
N HIS C 305 -44.39 15.08 19.54
CA HIS C 305 -43.79 16.07 20.47
C HIS C 305 -44.44 15.83 21.82
N ILE C 306 -43.69 15.24 22.74
CA ILE C 306 -44.24 14.91 24.05
C ILE C 306 -43.67 15.92 25.00
N VAL C 307 -44.54 16.78 25.54
CA VAL C 307 -44.12 17.86 26.43
C VAL C 307 -44.53 17.63 27.88
N ALA C 308 -43.69 18.05 28.81
CA ALA C 308 -44.08 18.12 30.22
C ALA C 308 -43.56 19.38 30.84
N TYR C 309 -44.06 19.71 32.03
CA TYR C 309 -43.65 20.91 32.77
C TYR C 309 -42.71 20.58 33.94
N THR C 310 -42.32 19.30 34.07
CA THR C 310 -41.46 18.79 35.16
C THR C 310 -40.38 17.88 34.56
N ASN C 311 -39.59 17.20 35.39
CA ASN C 311 -38.82 16.05 34.94
C ASN C 311 -39.74 14.99 34.37
N MET C 312 -39.17 14.10 33.58
CA MET C 312 -39.94 13.04 32.95
C MET C 312 -39.35 11.71 33.39
N ALA C 313 -40.18 10.70 33.51
CA ALA C 313 -39.72 9.37 33.86
C ALA C 313 -38.97 8.71 32.71
N ASN C 314 -38.10 7.78 33.07
CA ASN C 314 -37.29 7.04 32.09
C ASN C 314 -38.07 6.49 30.92
N GLU C 315 -39.26 5.97 31.20
CA GLU C 315 -40.16 5.36 30.21
C GLU C 315 -40.48 6.33 29.06
N LEU C 316 -40.43 7.63 29.35
CA LEU C 316 -40.57 8.68 28.35
C LEU C 316 -39.23 9.17 27.82
N LEU C 317 -38.27 9.41 28.71
CA LEU C 317 -36.92 9.81 28.27
C LEU C 317 -36.33 8.84 27.27
N ALA C 318 -36.70 7.56 27.40
CA ALA C 318 -36.29 6.50 26.48
C ALA C 318 -36.84 6.61 25.05
N LEU C 319 -37.77 7.51 24.82
CA LEU C 319 -38.34 7.74 23.50
C LEU C 319 -37.29 8.34 22.61
N THR C 320 -36.29 8.95 23.21
CA THR C 320 -35.12 9.36 22.44
C THR C 320 -34.55 8.30 21.49
N ARG C 321 -34.87 7.03 21.71
CA ARG C 321 -34.42 5.99 20.80
C ARG C 321 -35.08 6.09 19.42
N PHE C 322 -36.27 6.67 19.37
CA PHE C 322 -36.98 6.85 18.11
C PHE C 322 -36.47 8.09 17.35
N PRO C 323 -36.28 7.98 16.02
CA PRO C 323 -35.96 9.16 15.18
C PRO C 323 -37.07 10.22 15.10
N ASN C 324 -38.30 9.85 15.45
CA ASN C 324 -39.47 10.69 15.21
C ASN C 324 -40.16 11.19 16.45
N VAL C 325 -39.52 11.07 17.61
CA VAL C 325 -40.11 11.60 18.85
C VAL C 325 -39.22 12.65 19.48
N THR C 326 -39.73 13.87 19.67
CA THR C 326 -39.01 14.81 20.53
C THR C 326 -39.66 14.87 21.89
N VAL C 327 -38.85 14.84 22.92
CA VAL C 327 -39.28 14.89 24.31
C VAL C 327 -38.82 16.23 24.90
N TYR C 328 -39.70 16.90 25.64
CA TYR C 328 -39.44 18.24 26.22
C TYR C 328 -39.63 18.27 27.73
N PRO C 329 -38.70 17.70 28.48
CA PRO C 329 -38.81 17.85 29.94
C PRO C 329 -38.64 19.30 30.34
N ASN C 330 -39.24 19.66 31.46
CA ASN C 330 -39.23 21.02 32.06
C ASN C 330 -39.52 22.17 31.10
N SER C 331 -40.55 21.98 30.29
CA SER C 331 -41.07 23.04 29.47
C SER C 331 -42.05 23.87 30.33
N LEU C 332 -42.62 24.90 29.72
CA LEU C 332 -43.52 25.86 30.34
C LEU C 332 -44.66 26.19 29.40
N PRO C 333 -45.77 26.72 29.91
CA PRO C 333 -47.00 26.94 29.10
C PRO C 333 -46.83 27.68 27.80
N MET C 334 -46.06 28.75 27.81
CA MET C 334 -45.86 29.56 26.60
C MET C 334 -45.07 28.85 25.49
N LEU C 335 -44.20 27.91 25.88
CA LEU C 335 -43.46 27.10 24.89
C LEU C 335 -44.33 26.02 24.27
N LEU C 336 -45.05 25.33 25.13
CA LEU C 336 -46.11 24.44 24.69
C LEU C 336 -47.00 25.14 23.68
N GLU C 337 -47.40 26.38 24.01
CA GLU C 337 -48.24 27.14 23.09
C GLU C 337 -47.71 27.17 21.65
N GLN C 338 -46.42 27.44 21.46
CA GLN C 338 -45.85 27.54 20.10
C GLN C 338 -45.75 26.19 19.42
N ILE C 339 -45.56 25.15 20.21
CA ILE C 339 -45.52 23.80 19.66
C ILE C 339 -46.93 23.47 19.12
N VAL C 340 -47.94 23.75 19.94
CA VAL C 340 -49.31 23.58 19.52
C VAL C 340 -49.65 24.39 18.25
N ILE C 341 -49.26 25.67 18.19
CA ILE C 341 -49.46 26.46 16.96
C ILE C 341 -48.87 25.74 15.73
N ALA C 342 -47.62 25.32 15.83
CA ALA C 342 -46.90 24.68 14.72
C ALA C 342 -47.22 23.21 14.51
N SER C 343 -48.26 22.68 15.17
CA SER C 343 -48.65 21.26 15.10
C SER C 343 -49.89 21.05 14.23
N ASP C 344 -50.02 19.85 13.70
CA ASP C 344 -51.17 19.49 12.88
C ASP C 344 -52.31 18.85 13.67
N LEU C 345 -51.97 18.13 14.75
CA LEU C 345 -52.94 17.33 15.50
C LEU C 345 -52.56 17.13 16.95
N TYR C 346 -53.50 17.38 17.87
CA TYR C 346 -53.27 17.07 19.28
C TYR C 346 -53.75 15.67 19.68
N LEU C 347 -52.85 14.86 20.22
CA LEU C 347 -53.17 13.50 20.63
C LEU C 347 -53.33 13.49 22.15
N ASP C 348 -54.56 13.46 22.63
CA ASP C 348 -54.80 13.46 24.05
C ASP C 348 -54.63 12.05 24.63
N LEU C 349 -53.38 11.65 24.87
CA LEU C 349 -53.01 10.25 25.20
C LEU C 349 -52.55 10.03 26.67
N ASN C 350 -52.47 11.10 27.45
CA ASN C 350 -51.88 10.96 28.77
C ASN C 350 -52.85 10.50 29.84
N HIS C 351 -52.41 9.56 30.67
CA HIS C 351 -53.21 9.12 31.84
C HIS C 351 -53.23 10.16 32.91
N ASP C 352 -54.28 10.13 33.72
CA ASP C 352 -54.32 10.83 35.01
C ASP C 352 -54.49 12.38 34.80
N ARG C 353 -53.83 13.18 35.58
CA ARG C 353 -53.97 14.59 35.44
C ARG C 353 -53.95 15.15 34.05
N LYS C 354 -55.06 15.74 33.64
CA LYS C 354 -55.10 16.54 32.42
C LYS C 354 -54.79 17.98 32.77
N LEU C 355 -53.90 18.60 31.98
CA LEU C 355 -53.48 19.99 32.20
C LEU C 355 -54.26 20.88 31.22
N GLU C 356 -55.04 21.83 31.76
CA GLU C 356 -55.97 22.65 30.95
C GLU C 356 -55.30 23.48 29.86
N ASP C 357 -54.00 23.82 30.03
CA ASP C 357 -53.26 24.61 29.01
C ASP C 357 -53.36 24.01 27.61
N ALA C 358 -53.34 22.69 27.56
CA ALA C 358 -53.47 22.00 26.28
C ALA C 358 -54.80 22.31 25.63
N TYR C 359 -55.88 22.09 26.37
CA TYR C 359 -57.24 22.25 25.81
C TYR C 359 -57.50 23.70 25.41
N GLU C 360 -57.13 24.63 26.30
CA GLU C 360 -57.14 26.07 26.01
C GLU C 360 -56.48 26.32 24.62
N PHE C 361 -55.25 25.82 24.43
CA PHE C 361 -54.52 26.10 23.19
C PHE C 361 -55.06 25.37 21.96
N VAL C 362 -55.51 24.11 22.12
CA VAL C 362 -56.24 23.41 21.04
C VAL C 362 -57.50 24.17 20.58
N LEU C 363 -58.31 24.64 21.53
CA LEU C 363 -59.49 25.48 21.23
C LEU C 363 -59.07 26.71 20.42
N LYS C 364 -58.21 27.53 21.02
CA LYS C 364 -57.78 28.83 20.48
C LYS C 364 -57.15 28.80 19.09
N TYR C 365 -56.49 27.71 18.73
CA TYR C 365 -55.84 27.61 17.43
C TYR C 365 -56.60 26.64 16.50
N LYS C 366 -57.80 26.24 16.93
CA LYS C 366 -58.70 25.38 16.16
C LYS C 366 -57.97 24.14 15.67
N LYS C 367 -57.29 23.47 16.59
CA LYS C 367 -56.53 22.26 16.26
C LYS C 367 -57.40 21.02 16.47
N PRO C 368 -57.28 20.05 15.54
CA PRO C 368 -57.97 18.80 15.77
C PRO C 368 -57.36 18.00 16.94
N MET C 369 -58.20 17.23 17.63
CA MET C 369 -57.79 16.51 18.81
C MET C 369 -58.43 15.11 18.79
N ILE C 370 -57.61 14.07 18.99
CA ILE C 370 -58.12 12.73 19.17
C ILE C 370 -57.59 12.06 20.45
N ALA C 371 -58.26 10.98 20.84
CA ALA C 371 -57.90 10.26 22.05
C ALA C 371 -58.18 8.78 21.94
N PHE C 372 -57.76 8.07 22.99
CA PHE C 372 -58.09 6.67 23.18
C PHE C 372 -59.25 6.63 24.12
N ASP C 373 -59.97 5.52 24.07
CA ASP C 373 -61.12 5.32 24.92
C ASP C 373 -60.80 5.42 26.43
N ASN C 374 -59.54 5.18 26.83
CA ASN C 374 -59.14 5.28 28.23
C ASN C 374 -58.34 6.54 28.60
N THR C 375 -58.19 7.44 27.62
CA THR C 375 -57.50 8.71 27.81
C THR C 375 -58.35 9.95 27.47
N CYS C 376 -59.67 9.81 27.35
CA CYS C 376 -60.59 10.96 27.23
C CYS C 376 -60.69 11.78 28.53
N SER C 377 -60.81 13.09 28.42
CA SER C 377 -61.02 13.89 29.63
C SER C 377 -62.39 13.61 30.28
N GLU C 378 -62.43 13.69 31.62
CA GLU C 378 -63.67 13.47 32.38
C GLU C 378 -64.59 14.67 32.24
N ASN C 379 -64.00 15.86 32.37
CA ASN C 379 -64.62 17.13 32.06
C ASN C 379 -64.78 17.11 30.50
N LEU C 380 -64.47 18.19 29.79
CA LEU C 380 -64.28 18.16 28.30
C LEU C 380 -65.30 17.59 27.32
N SER C 381 -66.21 16.68 27.69
CA SER C 381 -67.35 16.32 26.82
C SER C 381 -66.96 15.61 25.51
N GLU C 382 -67.48 14.40 25.28
CA GLU C 382 -67.05 13.59 24.11
C GLU C 382 -67.53 14.07 22.70
N ILE C 383 -67.72 15.38 22.50
CA ILE C 383 -67.84 16.01 21.13
C ILE C 383 -66.65 16.92 20.76
N SER C 384 -65.85 17.34 21.75
CA SER C 384 -64.59 18.06 21.48
C SER C 384 -63.49 17.18 20.82
N TYR C 385 -63.64 15.86 20.85
CA TYR C 385 -62.75 14.96 20.12
C TYR C 385 -63.27 14.69 18.73
N GLU C 386 -62.40 14.78 17.72
CA GLU C 386 -62.78 14.42 16.34
C GLU C 386 -62.91 12.91 16.08
N GLY C 387 -62.41 12.10 17.01
CA GLY C 387 -62.45 10.65 16.92
C GLY C 387 -61.96 10.17 18.28
N ILE C 388 -62.53 9.06 18.79
CA ILE C 388 -62.02 8.42 20.02
C ILE C 388 -61.80 6.98 19.70
N TYR C 389 -60.53 6.55 19.66
CA TYR C 389 -60.17 5.21 19.20
C TYR C 389 -59.91 4.22 20.36
N PRO C 390 -60.05 2.90 20.08
CA PRO C 390 -59.92 1.88 21.14
C PRO C 390 -58.46 1.50 21.51
N SER C 391 -58.15 1.55 22.82
CA SER C 391 -56.80 1.39 23.27
C SER C 391 -56.23 -0.01 23.07
N SER C 392 -57.09 -1.00 22.90
CA SER C 392 -56.63 -2.36 22.57
C SER C 392 -56.65 -2.73 21.09
N ILE C 393 -56.98 -1.78 20.21
CA ILE C 393 -56.75 -1.91 18.74
C ILE C 393 -56.19 -0.57 18.24
N PRO C 394 -54.95 -0.22 18.66
CA PRO C 394 -54.37 1.08 18.32
C PRO C 394 -53.98 1.27 16.85
N LYS C 395 -54.06 0.21 16.05
CA LYS C 395 -53.89 0.29 14.60
C LYS C 395 -54.99 1.16 13.98
N LYS C 396 -56.13 1.27 14.66
CA LYS C 396 -57.17 2.19 14.25
C LYS C 396 -56.75 3.63 14.53
N MET C 397 -56.26 3.88 15.73
CA MET C 397 -55.61 5.16 16.07
C MET C 397 -54.56 5.54 15.03
N VAL C 398 -53.77 4.56 14.61
CA VAL C 398 -52.72 4.75 13.56
C VAL C 398 -53.34 5.26 12.28
N ALA C 399 -54.38 4.57 11.81
CA ALA C 399 -55.11 4.92 10.57
C ALA C 399 -55.75 6.30 10.69
N ALA C 400 -56.26 6.63 11.87
CA ALA C 400 -56.88 7.94 12.14
C ALA C 400 -55.90 9.08 11.94
N ILE C 401 -54.70 8.88 12.47
CA ILE C 401 -53.64 9.86 12.34
C ILE C 401 -53.23 10.09 10.89
N ARG C 402 -53.13 9.03 10.09
CA ARG C 402 -52.74 9.17 8.68
C ARG C 402 -53.78 9.92 7.81
N SER C 403 -55.04 9.90 8.24
CA SER C 403 -56.09 10.67 7.58
C SER C 403 -56.04 12.18 7.85
N TYR C 404 -54.99 12.69 8.49
CA TYR C 404 -54.77 14.14 8.55
C TYR C 404 -53.64 14.57 7.63
N MET C 405 -52.96 13.62 7.03
CA MET C 405 -51.84 13.89 6.11
C MET C 405 -52.31 14.44 4.76
N ARG C 406 -51.74 15.59 4.36
CA ARG C 406 -52.08 16.25 3.10
C ARG C 406 -50.81 16.45 2.30
N THR D 4 27.70 -43.02 -3.17
CA THR D 4 28.25 -43.27 -4.55
C THR D 4 27.40 -42.58 -5.64
N LYS D 5 28.07 -42.14 -6.71
CA LYS D 5 27.46 -41.32 -7.78
C LYS D 5 26.70 -42.07 -8.90
N ARG D 6 25.48 -41.61 -9.24
CA ARG D 6 24.66 -42.11 -10.37
C ARG D 6 24.79 -41.18 -11.56
N ALA D 7 24.97 -41.76 -12.73
CA ALA D 7 25.35 -41.00 -13.93
C ALA D 7 24.14 -40.64 -14.80
N VAL D 8 23.99 -39.35 -15.06
CA VAL D 8 22.93 -38.84 -15.94
C VAL D 8 23.61 -38.03 -17.04
N VAL D 9 22.98 -38.00 -18.21
CA VAL D 9 23.44 -37.14 -19.31
C VAL D 9 22.30 -36.40 -20.01
N PHE D 10 22.46 -35.08 -20.16
CA PHE D 10 21.66 -34.26 -21.08
C PHE D 10 22.41 -33.85 -22.37
N ALA D 11 21.70 -33.39 -23.38
CA ALA D 11 22.35 -32.74 -24.54
C ALA D 11 21.52 -31.57 -24.98
N GLY D 12 22.11 -30.39 -25.00
CA GLY D 12 21.46 -29.21 -25.54
C GLY D 12 22.39 -28.02 -25.72
N ASP D 13 22.05 -27.16 -26.67
CA ASP D 13 22.74 -25.89 -26.85
C ASP D 13 22.14 -24.80 -25.91
N TYR D 14 22.84 -23.66 -25.84
CA TYR D 14 22.55 -22.50 -24.95
C TYR D 14 21.17 -21.87 -25.15
N ALA D 15 20.68 -21.91 -26.39
CA ALA D 15 19.31 -21.50 -26.73
C ALA D 15 18.24 -22.21 -25.90
N TYR D 16 18.52 -23.46 -25.48
CA TYR D 16 17.64 -24.23 -24.56
C TYR D 16 18.14 -24.26 -23.09
N ILE D 17 18.91 -23.26 -22.69
CA ILE D 17 19.44 -23.31 -21.33
C ILE D 17 18.33 -23.23 -20.29
N ARG D 18 17.23 -22.55 -20.57
CA ARG D 18 16.10 -22.48 -19.64
C ARG D 18 15.43 -23.81 -19.41
N GLN D 19 15.30 -24.61 -20.46
CA GLN D 19 14.65 -25.94 -20.43
C GLN D 19 15.59 -26.93 -19.68
N ILE D 20 16.85 -26.90 -20.12
CA ILE D 20 17.92 -27.75 -19.59
C ILE D 20 18.11 -27.51 -18.10
N GLU D 21 18.28 -26.26 -17.72
CA GLU D 21 18.45 -25.91 -16.32
C GLU D 21 17.26 -26.41 -15.53
N THR D 22 16.06 -26.31 -16.11
CA THR D 22 14.86 -26.70 -15.40
C THR D 22 14.78 -28.19 -15.22
N ALA D 23 14.99 -28.92 -16.31
CA ALA D 23 15.08 -30.37 -16.25
C ALA D 23 16.00 -30.79 -15.13
N MET D 24 17.20 -30.22 -15.15
CA MET D 24 18.21 -30.48 -14.13
C MET D 24 17.78 -30.09 -12.74
N LYS D 25 17.09 -28.96 -12.59
CA LYS D 25 16.54 -28.56 -11.29
C LYS D 25 15.58 -29.60 -10.70
N SER D 26 14.71 -30.16 -11.54
CA SER D 26 13.69 -31.08 -11.07
C SER D 26 14.35 -32.37 -10.62
N LEU D 27 15.16 -32.91 -11.52
CA LEU D 27 16.05 -34.06 -11.25
C LEU D 27 16.73 -33.96 -9.90
N CYS D 28 17.50 -32.90 -9.72
CA CYS D 28 18.26 -32.69 -8.53
C CYS D 28 17.38 -32.49 -7.29
N ARG D 29 16.20 -31.91 -7.47
CA ARG D 29 15.27 -31.73 -6.36
C ARG D 29 14.99 -33.04 -5.65
N HIS D 30 14.84 -34.11 -6.42
CA HIS D 30 14.44 -35.41 -5.89
C HIS D 30 15.54 -36.50 -5.90
N ASN D 31 16.76 -36.15 -6.28
CA ASN D 31 17.83 -37.15 -6.39
C ASN D 31 19.17 -36.54 -6.09
N SER D 32 19.78 -37.00 -4.98
CA SER D 32 21.18 -36.65 -4.65
C SER D 32 22.18 -37.45 -5.48
N HIS D 33 23.45 -37.11 -5.33
CA HIS D 33 24.57 -37.92 -5.83
C HIS D 33 24.54 -38.15 -7.32
N LEU D 34 24.46 -37.06 -8.07
CA LEU D 34 24.26 -37.11 -9.51
C LEU D 34 25.47 -36.59 -10.19
N LYS D 35 26.03 -37.41 -11.05
CA LYS D 35 27.12 -36.97 -11.86
C LYS D 35 26.48 -36.70 -13.22
N ILE D 36 26.16 -35.44 -13.45
CA ILE D 36 25.45 -35.03 -14.67
C ILE D 36 26.51 -34.64 -15.68
N TYR D 37 26.42 -35.22 -16.87
CA TYR D 37 27.27 -34.88 -18.00
C TYR D 37 26.40 -34.06 -18.92
N LEU D 38 26.84 -32.89 -19.37
CA LEU D 38 26.01 -32.06 -20.26
C LEU D 38 26.68 -31.88 -21.58
N LEU D 39 26.19 -32.57 -22.59
CA LEU D 39 26.74 -32.40 -23.94
C LEU D 39 26.24 -31.09 -24.50
N ASN D 40 27.15 -30.26 -24.95
CA ASN D 40 26.79 -28.99 -25.55
C ASN D 40 27.90 -28.48 -26.43
N GLN D 41 27.59 -27.41 -27.14
CA GLN D 41 28.53 -26.75 -28.05
C GLN D 41 28.93 -25.32 -27.60
N ASP D 42 27.93 -24.57 -27.12
CA ASP D 42 28.04 -23.13 -26.86
C ASP D 42 27.66 -22.64 -25.45
N ILE D 43 27.37 -23.52 -24.52
CA ILE D 43 26.98 -23.04 -23.19
C ILE D 43 28.18 -22.38 -22.50
N PRO D 44 28.06 -21.09 -22.15
CA PRO D 44 29.16 -20.38 -21.44
C PRO D 44 29.62 -21.06 -20.15
N GLN D 45 30.87 -20.77 -19.78
CA GLN D 45 31.59 -21.47 -18.71
C GLN D 45 31.25 -21.00 -17.32
N GLU D 46 30.77 -19.74 -17.20
CA GLU D 46 30.32 -19.19 -15.91
C GLU D 46 29.09 -19.94 -15.39
N TRP D 47 28.25 -20.41 -16.31
CA TRP D 47 27.08 -21.23 -15.98
C TRP D 47 27.48 -22.59 -15.41
N PHE D 48 28.41 -23.26 -16.09
CA PHE D 48 29.01 -24.50 -15.60
C PHE D 48 29.73 -24.34 -14.26
N SER D 49 30.44 -23.24 -14.03
CA SER D 49 31.15 -23.05 -12.75
C SER D 49 30.18 -23.01 -11.58
N GLN D 50 29.04 -22.33 -11.81
CA GLN D 50 28.10 -22.09 -10.73
C GLN D 50 27.27 -23.33 -10.47
N ILE D 51 26.68 -23.88 -11.54
CA ILE D 51 25.85 -25.08 -11.43
C ILE D 51 26.66 -26.30 -10.90
N ARG D 52 27.91 -26.48 -11.38
CA ARG D 52 28.84 -27.51 -10.84
C ARG D 52 29.02 -27.43 -9.32
N ILE D 53 29.09 -26.22 -8.77
CA ILE D 53 29.14 -26.05 -7.30
C ILE D 53 27.93 -26.73 -6.64
N TYR D 54 26.74 -26.46 -7.16
CA TYR D 54 25.55 -27.08 -6.58
C TYR D 54 25.60 -28.62 -6.68
N LEU D 55 25.84 -29.12 -7.88
CA LEU D 55 25.88 -30.56 -8.08
C LEU D 55 26.85 -31.22 -7.08
N GLN D 56 28.02 -30.63 -6.93
CA GLN D 56 29.00 -31.14 -5.97
C GLN D 56 28.46 -31.11 -4.56
N GLU D 57 27.83 -30.00 -4.17
CA GLU D 57 27.26 -29.85 -2.81
C GLU D 57 26.24 -30.94 -2.48
N MET D 58 25.59 -31.50 -3.50
CA MET D 58 24.65 -32.62 -3.32
C MET D 58 25.27 -34.01 -3.54
N GLY D 59 26.61 -34.05 -3.46
CA GLY D 59 27.39 -35.29 -3.58
C GLY D 59 27.54 -35.79 -5.01
N GLY D 60 27.60 -34.88 -5.96
CA GLY D 60 27.62 -35.22 -7.38
C GLY D 60 28.70 -34.44 -8.11
N ASP D 61 28.47 -34.17 -9.40
CA ASP D 61 29.38 -33.35 -10.20
C ASP D 61 28.66 -32.95 -11.48
N LEU D 62 29.27 -32.02 -12.21
CA LEU D 62 28.77 -31.57 -13.51
C LEU D 62 29.90 -31.55 -14.50
N ILE D 63 29.73 -32.26 -15.60
CA ILE D 63 30.79 -32.43 -16.57
C ILE D 63 30.43 -31.73 -17.89
N ASP D 64 31.12 -30.64 -18.18
CA ASP D 64 30.97 -29.90 -19.43
C ASP D 64 31.58 -30.72 -20.60
N CYS D 65 30.72 -31.31 -21.42
CA CYS D 65 31.17 -32.11 -22.56
C CYS D 65 31.08 -31.28 -23.80
N LYS D 66 32.16 -30.61 -24.17
CA LYS D 66 32.13 -29.81 -25.41
C LYS D 66 32.21 -30.58 -26.75
N LEU D 67 31.15 -30.50 -27.54
CA LEU D 67 31.10 -31.02 -28.93
C LEU D 67 31.65 -29.96 -29.91
N ILE D 68 32.95 -29.74 -29.81
CA ILE D 68 33.70 -28.78 -30.64
C ILE D 68 34.81 -29.60 -31.32
N GLY D 69 34.84 -29.56 -32.65
CA GLY D 69 35.79 -30.39 -33.45
C GLY D 69 35.10 -30.93 -34.69
N SER D 70 35.86 -31.33 -35.71
CA SER D 70 35.24 -31.87 -36.95
C SER D 70 34.61 -33.25 -36.72
N GLN D 71 35.22 -34.05 -35.84
CA GLN D 71 34.67 -35.36 -35.44
C GLN D 71 33.27 -35.40 -34.76
N PHE D 72 32.45 -34.35 -34.90
CA PHE D 72 31.20 -34.19 -34.14
C PHE D 72 30.02 -33.81 -35.04
N THR D 87 20.35 -31.64 -33.84
CA THR D 87 21.46 -32.17 -33.04
C THR D 87 21.35 -33.69 -32.81
N PHE D 88 22.47 -34.37 -33.06
CA PHE D 88 22.55 -35.82 -32.86
C PHE D 88 23.56 -36.15 -31.77
N ALA D 89 23.68 -35.22 -30.81
CA ALA D 89 24.63 -35.30 -29.70
C ALA D 89 24.56 -36.60 -28.92
N ARG D 90 23.34 -37.10 -28.74
CA ARG D 90 23.08 -38.43 -28.14
C ARG D 90 24.08 -39.48 -28.57
N TYR D 91 24.37 -39.51 -29.88
CA TYR D 91 25.28 -40.49 -30.45
C TYR D 91 26.64 -40.54 -29.72
N PHE D 92 27.13 -39.36 -29.31
CA PHE D 92 28.46 -39.23 -28.68
C PHE D 92 28.53 -39.53 -27.18
N ILE D 93 27.41 -39.92 -26.59
CA ILE D 93 27.40 -40.31 -25.19
C ILE D 93 28.57 -41.23 -24.80
N PRO D 94 28.81 -42.33 -25.54
CA PRO D 94 29.89 -43.21 -25.08
C PRO D 94 31.31 -42.62 -25.18
N ASP D 95 31.50 -41.63 -26.05
CA ASP D 95 32.75 -40.85 -26.14
C ASP D 95 33.06 -39.93 -24.94
N PHE D 96 32.07 -39.61 -24.09
CA PHE D 96 32.30 -38.73 -22.91
C PHE D 96 32.06 -39.40 -21.57
N VAL D 97 31.10 -40.32 -21.53
CA VAL D 97 30.71 -40.94 -20.29
C VAL D 97 31.63 -42.10 -20.02
N THR D 98 32.04 -42.20 -18.76
CA THR D 98 33.00 -43.21 -18.32
C THR D 98 32.37 -44.38 -17.58
N GLU D 99 31.33 -44.12 -16.77
CA GLU D 99 30.63 -45.19 -16.04
C GLU D 99 29.97 -46.21 -17.00
N ASP D 100 29.60 -47.36 -16.47
CA ASP D 100 29.07 -48.47 -17.28
C ASP D 100 27.62 -48.22 -17.79
N LYS D 101 26.81 -47.65 -16.90
CA LYS D 101 25.39 -47.36 -17.14
C LYS D 101 25.14 -45.86 -16.94
N VAL D 102 24.46 -45.26 -17.90
CA VAL D 102 24.05 -43.87 -17.78
C VAL D 102 22.63 -43.68 -18.25
N LEU D 103 21.91 -42.77 -17.57
CA LEU D 103 20.56 -42.30 -17.96
C LEU D 103 20.63 -41.01 -18.85
N TYR D 104 20.28 -41.14 -20.12
CA TYR D 104 20.07 -39.97 -20.97
C TYR D 104 18.65 -39.39 -20.71
N LEU D 105 18.57 -38.06 -20.65
CA LEU D 105 17.30 -37.34 -20.51
C LEU D 105 17.26 -36.15 -21.44
N ASP D 106 16.14 -36.02 -22.15
CA ASP D 106 15.80 -34.78 -22.84
C ASP D 106 15.70 -33.63 -21.87
N SER D 107 15.69 -32.44 -22.41
CA SER D 107 15.63 -31.21 -21.60
C SER D 107 14.22 -30.62 -21.49
N ASP D 108 13.31 -31.08 -22.36
CA ASP D 108 11.89 -30.69 -22.30
C ASP D 108 11.09 -31.58 -21.36
N LEU D 109 11.55 -31.69 -20.12
CA LEU D 109 10.99 -32.65 -19.17
C LEU D 109 11.26 -32.35 -17.70
N ILE D 110 10.49 -33.01 -16.86
CA ILE D 110 10.46 -32.71 -15.45
C ILE D 110 10.48 -34.02 -14.66
N VAL D 111 11.30 -34.05 -13.62
CA VAL D 111 11.37 -35.16 -12.70
C VAL D 111 10.64 -34.81 -11.42
N THR D 112 9.69 -35.66 -11.03
CA THR D 112 8.82 -35.40 -9.88
C THR D 112 9.13 -36.21 -8.63
N GLY D 113 10.03 -37.19 -8.73
CA GLY D 113 10.42 -37.98 -7.56
C GLY D 113 11.67 -38.86 -7.69
N ASP D 114 11.78 -39.77 -6.68
CA ASP D 114 12.92 -40.66 -6.44
C ASP D 114 13.06 -41.68 -7.56
N LEU D 115 14.15 -41.60 -8.33
CA LEU D 115 14.37 -42.42 -9.55
C LEU D 115 15.23 -43.68 -9.32
N THR D 116 15.47 -44.00 -8.04
CA THR D 116 16.21 -45.21 -7.61
C THR D 116 15.97 -46.43 -8.48
N ASP D 117 14.71 -46.88 -8.54
CA ASP D 117 14.34 -48.06 -9.34
C ASP D 117 14.90 -47.94 -10.74
N LEU D 118 14.63 -46.81 -11.38
CA LEU D 118 15.13 -46.55 -12.74
C LEU D 118 16.65 -46.63 -12.84
N PHE D 119 17.35 -46.07 -11.85
CA PHE D 119 18.82 -46.14 -11.82
C PHE D 119 19.29 -47.58 -11.63
N GLU D 120 18.74 -48.26 -10.62
CA GLU D 120 19.19 -49.61 -10.22
C GLU D 120 18.73 -50.80 -11.13
N LEU D 121 17.98 -50.52 -12.19
CA LEU D 121 17.51 -51.57 -13.14
C LEU D 121 18.59 -52.24 -14.01
N ASP D 122 18.55 -53.59 -14.07
CA ASP D 122 19.50 -54.38 -14.88
C ASP D 122 19.01 -54.46 -16.33
N LEU D 123 19.90 -54.11 -17.25
CA LEU D 123 19.64 -54.16 -18.69
C LEU D 123 19.90 -55.54 -19.26
N GLY D 124 20.63 -56.38 -18.50
CA GLY D 124 21.15 -57.64 -19.00
C GLY D 124 22.00 -57.34 -20.22
N GLU D 125 21.76 -58.05 -21.31
CA GLU D 125 22.53 -57.88 -22.53
C GLU D 125 21.91 -56.84 -23.48
N ASN D 126 20.88 -56.12 -23.00
CA ASN D 126 20.25 -55.04 -23.79
C ASN D 126 21.15 -53.80 -23.92
N TYR D 127 21.20 -53.27 -25.14
CA TYR D 127 21.84 -51.99 -25.47
C TYR D 127 21.27 -50.77 -24.70
N LEU D 128 19.96 -50.80 -24.38
CA LEU D 128 19.28 -49.74 -23.57
C LEU D 128 17.90 -50.16 -23.04
N ALA D 129 17.42 -49.47 -21.99
CA ALA D 129 15.98 -49.50 -21.62
C ALA D 129 15.28 -48.25 -22.20
N ALA D 130 14.06 -48.41 -22.71
CA ALA D 130 13.29 -47.30 -23.34
C ALA D 130 11.76 -47.51 -23.29
N ALA D 131 11.02 -46.46 -22.92
CA ALA D 131 9.56 -46.53 -22.90
C ALA D 131 9.01 -46.38 -24.29
N ARG D 132 7.78 -46.84 -24.47
CA ARG D 132 7.11 -46.82 -25.78
C ARG D 132 6.75 -45.40 -26.18
N SER D 133 6.60 -45.17 -27.49
CA SER D 133 6.18 -43.89 -28.02
C SER D 133 4.68 -43.62 -27.71
N CYS D 134 4.41 -42.53 -26.99
CA CYS D 134 3.03 -42.02 -26.83
C CYS D 134 2.02 -43.06 -26.34
N PHE D 135 2.37 -43.78 -25.27
CA PHE D 135 1.43 -44.74 -24.64
C PHE D 135 0.98 -45.94 -25.50
N GLY D 136 1.64 -46.14 -26.62
CA GLY D 136 1.30 -47.19 -27.57
C GLY D 136 0.90 -46.64 -28.91
N ALA D 137 0.70 -45.33 -29.02
CA ALA D 137 0.19 -44.72 -30.26
C ALA D 137 1.22 -44.61 -31.35
N GLY D 138 2.50 -44.43 -30.98
CA GLY D 138 3.57 -44.36 -31.96
C GLY D 138 4.24 -45.70 -32.19
N VAL D 139 4.94 -45.80 -33.32
CA VAL D 139 5.84 -46.93 -33.57
C VAL D 139 7.05 -46.81 -32.65
N GLY D 140 7.58 -47.94 -32.23
CA GLY D 140 8.84 -47.98 -31.53
C GLY D 140 8.81 -47.37 -30.14
N PHE D 141 10.00 -46.95 -29.71
CA PHE D 141 10.22 -46.31 -28.41
C PHE D 141 10.47 -44.80 -28.57
N ASN D 142 10.32 -44.10 -27.44
CA ASN D 142 10.55 -42.66 -27.38
C ASN D 142 11.99 -42.46 -26.95
N ALA D 143 12.69 -41.55 -27.63
CA ALA D 143 14.13 -41.41 -27.44
C ALA D 143 14.51 -40.51 -26.25
N GLY D 144 13.52 -39.99 -25.53
CA GLY D 144 13.74 -38.92 -24.60
C GLY D 144 14.22 -39.35 -23.24
N VAL D 145 14.06 -40.64 -22.94
CA VAL D 145 14.64 -41.23 -21.71
C VAL D 145 15.29 -42.56 -22.06
N LEU D 146 16.60 -42.65 -21.90
CA LEU D 146 17.35 -43.89 -22.21
C LEU D 146 18.25 -44.29 -21.03
N LEU D 147 17.92 -45.39 -20.35
CA LEU D 147 18.90 -46.10 -19.52
C LEU D 147 19.81 -46.80 -20.55
N ILE D 148 21.06 -46.30 -20.67
CA ILE D 148 22.03 -46.76 -21.70
C ILE D 148 23.11 -47.68 -21.06
N ASN D 149 23.45 -48.76 -21.79
CA ASN D 149 24.57 -49.64 -21.44
C ASN D 149 25.81 -49.08 -22.12
N ASN D 150 26.38 -48.07 -21.46
CA ASN D 150 27.50 -47.31 -21.98
C ASN D 150 28.72 -48.18 -22.31
N LYS D 151 28.96 -49.19 -21.46
CA LYS D 151 30.07 -50.15 -21.66
C LYS D 151 29.95 -50.86 -23.01
N LYS D 152 28.73 -51.32 -23.30
CA LYS D 152 28.41 -51.99 -24.56
C LYS D 152 28.26 -51.01 -25.73
N TRP D 153 27.79 -49.79 -25.50
CA TRP D 153 27.72 -48.77 -26.58
C TRP D 153 29.13 -48.43 -27.10
N GLY D 154 30.06 -48.29 -26.16
CA GLY D 154 31.47 -48.06 -26.49
C GLY D 154 32.15 -49.29 -27.08
N SER D 155 32.22 -50.36 -26.29
CA SER D 155 32.89 -51.60 -26.72
C SER D 155 32.25 -52.32 -27.93
N GLU D 156 31.13 -51.81 -28.45
CA GLU D 156 30.49 -52.33 -29.67
C GLU D 156 30.46 -51.28 -30.79
N THR D 157 31.16 -50.17 -30.59
CA THR D 157 31.18 -49.01 -31.52
C THR D 157 29.79 -48.48 -31.97
N ILE D 158 28.87 -48.47 -31.02
CA ILE D 158 27.50 -47.96 -31.26
C ILE D 158 27.45 -46.52 -31.79
N ARG D 159 28.36 -45.67 -31.34
CA ARG D 159 28.41 -44.30 -31.84
C ARG D 159 28.61 -44.29 -33.35
N GLN D 160 29.72 -44.87 -33.81
CA GLN D 160 30.00 -44.90 -35.25
C GLN D 160 28.93 -45.66 -36.06
N LYS D 161 28.34 -46.70 -35.43
CA LYS D 161 27.25 -47.43 -36.09
C LYS D 161 26.02 -46.52 -36.32
N LEU D 162 25.62 -45.76 -35.27
CA LEU D 162 24.54 -44.74 -35.37
C LEU D 162 24.83 -43.63 -36.40
N ILE D 163 26.09 -43.23 -36.48
CA ILE D 163 26.56 -42.22 -37.45
C ILE D 163 26.42 -42.75 -38.88
N ASP D 164 27.01 -43.93 -39.11
CA ASP D 164 27.01 -44.55 -40.45
C ASP D 164 25.59 -44.90 -40.91
N LEU D 165 24.74 -45.33 -39.98
CA LEU D 165 23.33 -45.61 -40.31
C LEU D 165 22.57 -44.34 -40.70
N THR D 166 22.98 -43.21 -40.15
CA THR D 166 22.39 -41.91 -40.45
C THR D 166 22.84 -41.31 -41.80
N GLU D 167 24.10 -41.51 -42.20
CA GLU D 167 24.60 -41.16 -43.57
C GLU D 167 23.81 -41.91 -44.65
N LYS D 168 23.71 -43.23 -44.43
CA LYS D 168 22.94 -44.14 -45.23
C LYS D 168 21.49 -43.97 -44.82
N GLU D 169 20.75 -43.11 -45.50
CA GLU D 169 19.36 -42.98 -45.16
C GLU D 169 19.04 -42.22 -43.93
N HIS D 170 18.84 -40.93 -44.10
CA HIS D 170 18.43 -40.07 -43.01
C HIS D 170 17.14 -39.47 -43.47
N GLU D 171 17.05 -39.19 -44.77
CA GLU D 171 15.85 -38.65 -45.34
C GLU D 171 14.79 -39.73 -45.21
N ASN D 172 15.07 -40.90 -45.77
CA ASN D 172 14.10 -41.98 -45.68
C ASN D 172 13.68 -42.35 -44.28
N VAL D 173 13.61 -41.37 -43.38
CA VAL D 173 13.24 -41.66 -42.01
C VAL D 173 12.66 -40.43 -41.33
N GLU D 174 11.37 -40.50 -41.10
CA GLU D 174 10.67 -39.45 -40.42
C GLU D 174 11.00 -39.64 -38.95
N GLU D 175 11.35 -38.53 -38.29
CA GLU D 175 11.55 -38.43 -36.82
C GLU D 175 13.02 -38.44 -36.31
N GLY D 176 13.91 -37.87 -37.11
CA GLY D 176 15.28 -37.53 -36.69
C GLY D 176 16.14 -38.70 -36.23
N ASP D 177 16.92 -38.46 -35.19
CA ASP D 177 17.74 -39.51 -34.56
C ASP D 177 16.95 -40.55 -33.76
N GLN D 178 15.73 -40.21 -33.36
CA GLN D 178 14.84 -41.17 -32.71
C GLN D 178 14.50 -42.35 -33.65
N SER D 179 14.18 -42.05 -34.90
CA SER D 179 13.91 -43.09 -35.85
C SER D 179 15.15 -43.98 -36.11
N ILE D 180 16.34 -43.37 -36.14
CA ILE D 180 17.59 -44.10 -36.35
C ILE D 180 17.92 -45.02 -35.15
N LEU D 181 17.75 -44.55 -33.93
CA LEU D 181 17.91 -45.38 -32.74
C LEU D 181 16.93 -46.54 -32.70
N ASN D 182 15.72 -46.33 -33.21
CA ASN D 182 14.72 -47.39 -33.37
C ASN D 182 15.18 -48.40 -34.44
N MET D 183 15.47 -47.87 -35.62
CA MET D 183 15.90 -48.65 -36.78
C MET D 183 17.14 -49.54 -36.55
N LEU D 184 17.99 -49.16 -35.61
CA LEU D 184 19.19 -49.93 -35.25
C LEU D 184 18.93 -50.93 -34.12
N PHE D 185 18.28 -50.46 -33.06
CA PHE D 185 18.04 -51.30 -31.87
C PHE D 185 16.70 -52.08 -31.83
N LYS D 186 15.97 -52.19 -32.95
CA LYS D 186 14.71 -52.96 -32.96
C LYS D 186 14.90 -54.34 -32.32
N ASP D 187 14.03 -54.64 -31.37
CA ASP D 187 14.06 -55.89 -30.54
C ASP D 187 15.44 -56.18 -29.87
N GLN D 188 16.17 -55.11 -29.55
CA GLN D 188 17.44 -55.24 -28.82
C GLN D 188 17.45 -54.38 -27.55
N TYR D 189 16.24 -53.99 -27.12
CA TYR D 189 16.04 -53.17 -25.94
C TYR D 189 15.00 -53.76 -25.00
N SER D 190 15.23 -53.65 -23.68
CA SER D 190 14.19 -53.92 -22.68
C SER D 190 13.35 -52.65 -22.57
N SER D 191 12.26 -52.72 -21.80
CA SER D 191 11.26 -51.64 -21.79
C SER D 191 10.95 -51.02 -20.39
N LEU D 192 10.97 -49.69 -20.34
CA LEU D 192 10.62 -48.92 -19.14
C LEU D 192 9.12 -48.71 -19.08
N GLU D 193 8.61 -48.59 -17.86
CA GLU D 193 7.18 -48.29 -17.68
C GLU D 193 6.85 -46.87 -18.22
N ASP D 194 5.58 -46.64 -18.58
CA ASP D 194 5.10 -45.32 -19.02
C ASP D 194 5.42 -44.12 -18.10
N GLN D 195 5.41 -44.30 -16.79
CA GLN D 195 5.67 -43.18 -15.88
C GLN D 195 7.13 -42.64 -15.84
N TYR D 196 8.09 -43.40 -16.38
CA TYR D 196 9.49 -42.93 -16.53
C TYR D 196 9.74 -42.23 -17.88
N ASN D 197 8.67 -41.99 -18.64
CA ASN D 197 8.70 -41.14 -19.83
C ASN D 197 7.26 -40.85 -20.29
N PHE D 198 6.52 -40.25 -19.36
CA PHE D 198 5.09 -39.95 -19.50
C PHE D 198 4.88 -38.76 -20.43
N GLN D 199 4.55 -39.07 -21.69
CA GLN D 199 4.51 -38.06 -22.74
C GLN D 199 3.21 -37.23 -22.79
N ILE D 200 2.98 -36.52 -21.69
CA ILE D 200 1.91 -35.55 -21.56
C ILE D 200 1.80 -34.56 -22.75
N GLY D 201 2.93 -34.32 -23.40
CA GLY D 201 2.94 -33.47 -24.56
C GLY D 201 2.26 -34.05 -25.78
N TYR D 202 1.94 -35.34 -25.72
CA TYR D 202 1.08 -36.00 -26.73
C TYR D 202 -0.37 -35.42 -26.74
N ASP D 203 -0.80 -34.79 -25.63
CA ASP D 203 -2.18 -34.28 -25.51
C ASP D 203 -2.76 -33.72 -26.81
N TYR D 204 -2.08 -32.78 -27.46
CA TYR D 204 -2.64 -32.23 -28.69
C TYR D 204 -2.87 -33.33 -29.77
N GLY D 205 -1.88 -34.21 -29.95
CA GLY D 205 -2.01 -35.34 -30.89
C GLY D 205 -3.08 -36.38 -30.50
N ALA D 206 -3.15 -36.71 -29.21
CA ALA D 206 -4.22 -37.53 -28.67
C ALA D 206 -5.58 -36.94 -29.03
N ALA D 207 -5.77 -35.66 -28.72
CA ALA D 207 -7.01 -34.95 -29.01
C ALA D 207 -7.27 -34.89 -30.50
N THR D 208 -6.21 -34.80 -31.28
CA THR D 208 -6.26 -34.75 -32.75
C THR D 208 -6.82 -36.05 -33.33
N PHE D 209 -6.29 -37.17 -32.82
CA PHE D 209 -6.65 -38.52 -33.27
C PHE D 209 -7.79 -39.14 -32.45
N LYS D 210 -8.42 -38.36 -31.59
CA LYS D 210 -9.61 -38.81 -30.84
C LYS D 210 -9.30 -40.02 -29.89
N HIS D 211 -8.06 -40.12 -29.43
CA HIS D 211 -7.66 -41.18 -28.50
C HIS D 211 -8.16 -40.85 -27.12
N GLN D 212 -9.45 -41.09 -26.91
CA GLN D 212 -10.15 -40.65 -25.70
C GLN D 212 -9.63 -41.22 -24.40
N PHE D 213 -9.08 -42.42 -24.42
CA PHE D 213 -8.69 -43.04 -23.17
C PHE D 213 -7.35 -42.54 -22.64
N ILE D 214 -6.57 -41.87 -23.50
CA ILE D 214 -5.33 -41.21 -23.05
C ILE D 214 -5.57 -40.17 -21.93
N PHE D 215 -6.70 -39.45 -22.01
CA PHE D 215 -7.07 -38.44 -21.02
C PHE D 215 -7.61 -39.06 -19.70
N ASP D 216 -7.90 -40.37 -19.73
CA ASP D 216 -8.32 -41.16 -18.57
C ASP D 216 -7.15 -41.71 -17.73
N ILE D 217 -5.91 -41.64 -18.22
CA ILE D 217 -4.79 -42.09 -17.42
C ILE D 217 -4.63 -41.17 -16.19
N PRO D 218 -4.49 -41.75 -14.97
CA PRO D 218 -4.27 -40.88 -13.78
C PRO D 218 -2.98 -40.05 -13.77
N LEU D 219 -3.14 -38.77 -13.42
CA LEU D 219 -2.03 -37.83 -13.23
C LEU D 219 -1.82 -37.50 -11.75
N GLU D 220 -2.32 -38.38 -10.91
CA GLU D 220 -2.17 -38.30 -9.46
C GLU D 220 -2.04 -39.72 -8.94
N PRO D 221 -0.97 -40.08 -8.25
CA PRO D 221 0.18 -39.21 -7.98
C PRO D 221 0.96 -38.93 -9.27
N LEU D 222 1.71 -37.86 -9.28
CA LEU D 222 2.43 -37.46 -10.45
C LEU D 222 3.42 -38.42 -11.02
N PRO D 223 3.32 -38.68 -12.32
CA PRO D 223 4.37 -39.51 -12.91
C PRO D 223 5.79 -39.03 -12.61
N LEU D 224 6.67 -40.00 -12.44
CA LEU D 224 8.07 -39.71 -12.11
C LEU D 224 8.82 -38.85 -13.15
N ILE D 225 8.63 -39.12 -14.45
CA ILE D 225 9.17 -38.25 -15.50
C ILE D 225 8.08 -37.76 -16.48
N LEU D 226 7.90 -36.44 -16.54
CA LEU D 226 6.97 -35.80 -17.47
C LEU D 226 7.75 -35.29 -18.65
N HIS D 227 7.35 -35.71 -19.83
CA HIS D 227 8.08 -35.36 -21.01
C HIS D 227 7.15 -34.62 -21.96
N TYR D 228 7.39 -33.31 -22.08
CA TYR D 228 6.49 -32.44 -22.77
C TYR D 228 6.80 -32.46 -24.25
N ILE D 229 6.57 -33.59 -24.93
CA ILE D 229 6.93 -33.70 -26.34
C ILE D 229 6.13 -32.74 -27.18
N SER D 230 6.50 -32.66 -28.46
CA SER D 230 5.81 -31.86 -29.49
C SER D 230 6.13 -30.33 -29.45
N GLN D 231 5.53 -29.62 -30.41
CA GLN D 231 5.68 -28.17 -30.57
C GLN D 231 4.87 -27.41 -29.49
N ASP D 232 3.90 -28.08 -28.87
CA ASP D 232 3.10 -27.51 -27.81
C ASP D 232 3.80 -27.57 -26.45
N LYS D 233 4.76 -26.67 -26.26
CA LYS D 233 5.57 -26.67 -25.05
C LYS D 233 4.95 -25.87 -23.92
N PRO D 234 5.03 -26.33 -22.66
CA PRO D 234 4.44 -25.59 -21.53
C PRO D 234 5.06 -24.20 -21.22
N TRP D 235 6.31 -24.00 -21.61
CA TRP D 235 6.99 -22.71 -21.36
C TRP D 235 6.67 -21.63 -22.38
N ASN D 236 6.09 -21.99 -23.54
CA ASN D 236 5.57 -21.00 -24.49
C ASN D 236 4.49 -20.08 -23.86
N GLN D 237 4.13 -19.03 -24.58
CA GLN D 237 3.13 -18.09 -24.07
C GLN D 237 1.82 -18.83 -23.87
N PHE D 238 1.44 -19.53 -24.93
CA PHE D 238 0.20 -20.30 -25.00
C PHE D 238 0.55 -21.77 -25.16
N SER D 239 -0.02 -22.62 -24.29
CA SER D 239 0.01 -24.07 -24.45
C SER D 239 -1.36 -24.69 -24.07
N VAL D 240 -1.77 -25.69 -24.86
CA VAL D 240 -3.04 -26.40 -24.61
C VAL D 240 -2.91 -27.71 -23.80
N GLY D 241 -1.72 -28.31 -23.81
CA GLY D 241 -1.45 -29.51 -23.04
C GLY D 241 -1.51 -29.38 -21.52
N ARG D 242 -1.85 -30.49 -20.87
CA ARG D 242 -1.96 -30.52 -19.41
C ARG D 242 -0.63 -30.46 -18.68
N LEU D 243 -0.69 -30.25 -17.38
CA LEU D 243 0.48 -30.12 -16.52
C LEU D 243 1.46 -28.99 -16.87
N ARG D 244 0.95 -27.97 -17.58
CA ARG D 244 1.69 -26.75 -17.87
C ARG D 244 2.22 -26.12 -16.58
N GLU D 245 1.39 -26.08 -15.55
CA GLU D 245 1.80 -25.53 -14.24
C GLU D 245 3.02 -26.19 -13.61
N VAL D 246 3.28 -27.46 -13.89
CA VAL D 246 4.40 -28.17 -13.22
C VAL D 246 5.76 -27.70 -13.73
N TRP D 247 5.87 -27.50 -15.04
CA TRP D 247 7.13 -27.04 -15.64
C TRP D 247 7.56 -25.74 -14.94
N TRP D 248 6.59 -24.85 -14.76
CA TRP D 248 6.81 -23.55 -14.13
C TRP D 248 7.20 -23.65 -12.65
N GLU D 249 6.71 -24.66 -11.92
CA GLU D 249 7.14 -24.87 -10.51
C GLU D 249 8.66 -25.00 -10.45
N TYR D 250 9.24 -25.83 -11.31
CA TYR D 250 10.68 -26.09 -11.30
C TYR D 250 11.47 -24.97 -11.93
N SER D 251 11.01 -24.46 -13.07
CA SER D 251 11.67 -23.34 -13.76
C SER D 251 11.89 -22.14 -12.87
N LEU D 252 10.88 -21.78 -12.07
CA LEU D 252 10.96 -20.62 -11.15
C LEU D 252 11.44 -20.96 -9.75
N MET D 253 11.94 -22.18 -9.56
CA MET D 253 12.46 -22.61 -8.28
C MET D 253 13.90 -22.17 -8.24
N ASP D 254 14.26 -21.47 -7.16
CA ASP D 254 15.63 -21.06 -6.88
C ASP D 254 16.44 -22.30 -6.54
N TRP D 255 17.68 -22.35 -7.01
CA TRP D 255 18.61 -23.43 -6.61
C TRP D 255 18.74 -23.60 -5.07
N SER D 256 18.59 -22.52 -4.31
CA SER D 256 18.76 -22.56 -2.85
C SER D 256 17.64 -23.31 -2.15
N VAL D 257 16.49 -23.45 -2.82
CA VAL D 257 15.40 -24.28 -2.33
C VAL D 257 15.83 -25.73 -2.39
N ILE D 258 16.27 -26.14 -3.58
CA ILE D 258 16.73 -27.49 -3.85
C ILE D 258 17.81 -27.90 -2.85
N LEU D 259 18.80 -27.04 -2.64
CA LEU D 259 19.90 -27.30 -1.72
C LEU D 259 19.49 -27.40 -0.26
N ASN D 260 18.65 -26.49 0.20
CA ASN D 260 18.24 -26.46 1.63
C ASN D 260 17.48 -27.69 2.04
N GLU D 261 16.69 -28.24 1.13
CA GLU D 261 16.09 -29.58 1.29
C GLU D 261 17.11 -30.66 1.67
N TRP D 262 18.17 -30.77 0.87
CA TRP D 262 19.24 -31.74 1.11
C TRP D 262 20.17 -31.39 2.31
N PHE D 263 20.40 -30.10 2.58
CA PHE D 263 21.15 -29.70 3.81
C PHE D 263 20.29 -29.74 5.09
N SER D 264 18.97 -29.90 4.93
CA SER D 264 18.06 -30.23 6.05
C SER D 264 18.14 -31.72 6.47
N LYS D 265 18.28 -32.61 5.48
CA LYS D 265 18.44 -34.07 5.70
C LYS D 265 19.92 -34.54 5.66
N SER D 266 20.83 -33.66 6.11
CA SER D 266 22.27 -33.95 6.32
C SER D 266 23.03 -34.59 5.11
N VAL D 267 22.57 -34.29 3.90
CA VAL D 267 23.26 -34.63 2.63
C VAL D 267 23.94 -33.35 2.07
N LYS D 268 25.16 -33.06 2.53
CA LYS D 268 25.89 -31.80 2.24
C LYS D 268 27.39 -32.08 2.10
N TYR D 269 27.98 -31.71 0.96
CA TYR D 269 29.38 -32.01 0.69
C TYR D 269 30.11 -30.70 0.38
N PRO D 270 31.46 -30.68 0.54
CA PRO D 270 32.15 -29.45 0.22
C PRO D 270 32.29 -29.32 -1.30
N SER D 271 32.17 -28.10 -1.81
CA SER D 271 32.32 -27.83 -3.24
C SER D 271 33.80 -27.81 -3.63
N LYS D 272 34.12 -27.24 -4.79
CA LYS D 272 35.48 -26.77 -5.05
C LYS D 272 35.44 -25.42 -5.79
N SER D 273 34.88 -24.41 -5.12
CA SER D 273 34.91 -23.01 -5.61
C SER D 273 36.33 -22.44 -5.47
N GLN D 274 37.30 -23.05 -6.16
CA GLN D 274 38.71 -22.71 -5.99
C GLN D 274 39.00 -21.37 -6.64
N ILE D 275 39.79 -20.57 -5.94
CA ILE D 275 40.16 -19.26 -6.45
C ILE D 275 41.55 -19.42 -7.10
N PHE D 276 41.78 -18.58 -8.11
CA PHE D 276 43.00 -18.57 -8.87
C PHE D 276 44.14 -17.91 -8.06
N LYS D 277 45.30 -18.58 -8.01
CA LYS D 277 46.53 -18.01 -7.45
C LYS D 277 47.43 -17.36 -8.50
N LEU D 278 47.00 -17.34 -9.76
CA LEU D 278 47.78 -16.72 -10.82
C LEU D 278 46.96 -16.38 -12.05
N GLN D 279 47.31 -15.28 -12.69
CA GLN D 279 46.67 -14.86 -13.94
C GLN D 279 47.69 -14.90 -15.07
N CYS D 280 47.50 -15.81 -16.01
CA CYS D 280 48.42 -15.97 -17.14
C CYS D 280 47.75 -15.60 -18.43
N VAL D 281 48.55 -15.17 -19.40
CA VAL D 281 48.04 -14.67 -20.65
C VAL D 281 48.96 -15.01 -21.81
N ASN D 282 48.36 -15.23 -22.98
CA ASN D 282 49.09 -15.33 -24.22
C ASN D 282 48.22 -14.78 -25.34
N LEU D 283 48.88 -14.21 -26.33
CA LEU D 283 48.27 -13.73 -27.54
C LEU D 283 48.80 -14.63 -28.64
N THR D 284 47.91 -15.18 -29.46
CA THR D 284 48.30 -16.10 -30.51
C THR D 284 47.67 -15.73 -31.85
N ASN D 285 48.40 -16.06 -32.91
CA ASN D 285 47.90 -16.02 -34.28
C ASN D 285 48.08 -17.41 -34.87
N SER D 286 47.95 -18.44 -34.04
CA SER D 286 48.07 -19.81 -34.49
C SER D 286 47.16 -20.72 -33.67
N TRP D 287 46.57 -21.69 -34.36
CA TRP D 287 45.84 -22.78 -33.72
C TRP D 287 46.65 -23.48 -32.61
N CYS D 288 47.97 -23.55 -32.78
CA CYS D 288 48.85 -24.31 -31.89
C CYS D 288 49.45 -23.45 -30.79
N VAL D 289 49.11 -23.80 -29.55
CA VAL D 289 49.66 -23.14 -28.38
C VAL D 289 50.23 -24.26 -27.53
N GLU D 290 51.56 -24.33 -27.55
CA GLU D 290 52.34 -25.42 -27.01
C GLU D 290 51.94 -25.83 -25.60
N LYS D 291 51.40 -27.06 -25.48
CA LYS D 291 51.02 -27.65 -24.20
C LYS D 291 49.88 -26.93 -23.43
N ILE D 292 49.10 -26.09 -24.11
CA ILE D 292 48.05 -25.34 -23.42
C ILE D 292 47.08 -26.27 -22.69
N ASP D 293 46.65 -27.35 -23.35
CA ASP D 293 45.72 -28.34 -22.74
C ASP D 293 46.32 -28.98 -21.48
N TYR D 294 47.58 -29.40 -21.58
CA TYR D 294 48.29 -30.04 -20.46
C TYR D 294 48.41 -29.07 -19.27
N LEU D 295 48.84 -27.84 -19.59
CA LEU D 295 49.03 -26.80 -18.59
C LEU D 295 47.71 -26.47 -17.89
N ALA D 296 46.63 -26.35 -18.68
CA ALA D 296 45.29 -26.17 -18.11
C ALA D 296 44.95 -27.27 -17.10
N GLU D 297 44.99 -28.54 -17.50
CA GLU D 297 44.62 -29.61 -16.55
C GLU D 297 45.59 -29.68 -15.38
N GLN D 298 46.86 -29.38 -15.62
CA GLN D 298 47.88 -29.45 -14.55
C GLN D 298 47.82 -28.33 -13.53
N LEU D 299 47.31 -27.18 -13.94
CA LEU D 299 47.17 -26.02 -13.07
C LEU D 299 45.68 -25.52 -12.98
N PRO D 300 44.82 -26.26 -12.24
CA PRO D 300 43.45 -25.75 -11.99
C PRO D 300 43.42 -24.35 -11.34
N GLU D 301 44.46 -24.04 -10.56
CA GLU D 301 44.53 -22.79 -9.82
C GLU D 301 45.07 -21.58 -10.64
N VAL D 302 45.11 -21.70 -11.95
CA VAL D 302 45.63 -20.63 -12.80
C VAL D 302 44.63 -20.37 -13.90
N HIS D 303 44.26 -19.11 -14.04
CA HIS D 303 43.33 -18.72 -15.07
C HIS D 303 44.19 -18.37 -16.26
N PHE D 304 44.03 -19.10 -17.36
CA PHE D 304 44.77 -18.81 -18.56
C PHE D 304 43.86 -17.97 -19.42
N HIS D 305 44.44 -16.93 -20.02
CA HIS D 305 43.73 -16.07 -20.93
C HIS D 305 44.43 -16.26 -22.24
N ILE D 306 43.71 -16.70 -23.25
CA ILE D 306 44.27 -16.98 -24.57
C ILE D 306 43.53 -16.07 -25.55
N VAL D 307 44.25 -15.12 -26.13
CA VAL D 307 43.68 -14.06 -26.94
C VAL D 307 44.06 -14.18 -28.39
N ALA D 308 43.15 -13.78 -29.26
CA ALA D 308 43.45 -13.65 -30.69
C ALA D 308 42.76 -12.42 -31.25
N TYR D 309 43.21 -12.03 -32.43
CA TYR D 309 42.63 -10.91 -33.15
C TYR D 309 41.70 -11.35 -34.29
N THR D 310 41.46 -12.66 -34.39
CA THR D 310 40.63 -13.24 -35.47
C THR D 310 39.78 -14.37 -34.91
N ASN D 311 39.16 -15.13 -35.80
CA ASN D 311 38.45 -16.36 -35.46
C ASN D 311 39.43 -17.41 -34.96
N MET D 312 39.01 -18.28 -34.03
CA MET D 312 39.90 -19.36 -33.51
C MET D 312 39.55 -20.71 -34.08
N ALA D 313 40.55 -21.57 -34.19
CA ALA D 313 40.31 -22.93 -34.65
C ALA D 313 39.78 -23.77 -33.49
N ASN D 314 39.21 -24.92 -33.84
CA ASN D 314 38.52 -25.73 -32.82
C ASN D 314 39.41 -26.20 -31.67
N GLU D 315 40.68 -26.44 -31.95
CA GLU D 315 41.64 -26.91 -30.92
C GLU D 315 41.75 -25.92 -29.75
N LEU D 316 41.60 -24.62 -30.04
CA LEU D 316 41.57 -23.56 -29.01
C LEU D 316 40.16 -23.29 -28.46
N LEU D 317 39.16 -23.22 -29.35
CA LEU D 317 37.76 -23.00 -28.92
C LEU D 317 37.31 -24.07 -27.94
N ALA D 318 37.79 -25.30 -28.14
CA ALA D 318 37.49 -26.40 -27.25
C ALA D 318 38.07 -26.28 -25.82
N LEU D 319 38.92 -25.28 -25.57
CA LEU D 319 39.48 -25.06 -24.25
C LEU D 319 38.43 -24.58 -23.30
N THR D 320 37.29 -24.09 -23.82
CA THR D 320 36.08 -23.83 -23.01
C THR D 320 35.68 -24.98 -22.08
N ARG D 321 36.02 -26.21 -22.47
CA ARG D 321 35.83 -27.38 -21.59
C ARG D 321 36.50 -27.30 -20.19
N PHE D 322 37.58 -26.53 -20.09
CA PHE D 322 38.24 -26.32 -18.82
C PHE D 322 37.55 -25.19 -18.09
N PRO D 323 37.42 -25.31 -16.74
CA PRO D 323 36.90 -24.21 -15.96
C PRO D 323 37.82 -23.01 -15.93
N ASN D 324 39.13 -23.26 -16.09
CA ASN D 324 40.17 -22.28 -15.85
C ASN D 324 40.82 -21.67 -17.12
N VAL D 325 40.15 -21.70 -18.26
CA VAL D 325 40.72 -21.12 -19.47
C VAL D 325 39.67 -20.20 -20.09
N THR D 326 39.96 -18.89 -20.17
CA THR D 326 39.11 -17.98 -20.95
C THR D 326 39.78 -17.77 -22.26
N VAL D 327 38.98 -17.82 -23.31
CA VAL D 327 39.43 -17.73 -24.69
C VAL D 327 38.77 -16.47 -25.30
N TYR D 328 39.50 -15.72 -26.13
CA TYR D 328 39.02 -14.44 -26.63
C TYR D 328 39.26 -14.35 -28.13
N PRO D 329 38.37 -14.95 -28.93
CA PRO D 329 38.46 -14.70 -30.36
C PRO D 329 38.06 -13.25 -30.67
N ASN D 330 38.55 -12.75 -31.81
CA ASN D 330 38.33 -11.39 -32.32
C ASN D 330 38.46 -10.30 -31.27
N SER D 331 39.53 -10.34 -30.49
CA SER D 331 39.86 -9.24 -29.59
C SER D 331 40.63 -8.16 -30.36
N LEU D 332 41.13 -7.17 -29.64
CA LEU D 332 41.89 -6.06 -30.20
C LEU D 332 43.03 -5.68 -29.27
N PRO D 333 44.02 -4.94 -29.77
CA PRO D 333 45.20 -4.56 -28.98
C PRO D 333 44.94 -3.92 -27.62
N MET D 334 44.01 -2.97 -27.57
CA MET D 334 43.72 -2.26 -26.33
C MET D 334 43.02 -3.16 -25.31
N LEU D 335 42.38 -4.20 -25.78
CA LEU D 335 41.69 -5.13 -24.89
C LEU D 335 42.69 -6.13 -24.40
N LEU D 336 43.53 -6.63 -25.31
CA LEU D 336 44.73 -7.39 -24.91
C LEU D 336 45.54 -6.64 -23.84
N GLU D 337 45.73 -5.35 -24.05
CA GLU D 337 46.50 -4.52 -23.15
C GLU D 337 45.96 -4.55 -21.70
N GLN D 338 44.64 -4.42 -21.55
CA GLN D 338 44.03 -4.47 -20.22
C GLN D 338 44.24 -5.82 -19.56
N ILE D 339 44.19 -6.89 -20.36
CA ILE D 339 44.44 -8.23 -19.84
C ILE D 339 45.88 -8.35 -19.36
N VAL D 340 46.84 -7.85 -20.14
CA VAL D 340 48.25 -7.89 -19.71
C VAL D 340 48.47 -7.17 -18.38
N ILE D 341 47.96 -5.93 -18.28
CA ILE D 341 47.96 -5.15 -17.03
C ILE D 341 47.41 -6.00 -15.85
N ALA D 342 46.31 -6.70 -16.11
CA ALA D 342 45.64 -7.51 -15.09
C ALA D 342 46.30 -8.86 -14.82
N SER D 343 47.40 -9.13 -15.48
CA SER D 343 48.05 -10.44 -15.45
C SER D 343 49.31 -10.45 -14.59
N ASP D 344 49.61 -11.62 -14.05
CA ASP D 344 50.85 -11.86 -13.32
C ASP D 344 51.99 -12.34 -14.22
N LEU D 345 51.66 -13.06 -15.29
CA LEU D 345 52.67 -13.75 -16.10
C LEU D 345 52.26 -13.90 -17.57
N TYR D 346 53.19 -13.60 -18.47
CA TYR D 346 52.98 -13.82 -19.88
C TYR D 346 53.57 -15.17 -20.25
N LEU D 347 52.81 -15.99 -20.97
CA LEU D 347 53.30 -17.30 -21.40
C LEU D 347 53.45 -17.23 -22.90
N ASP D 348 54.71 -17.25 -23.38
CA ASP D 348 54.94 -17.13 -24.81
C ASP D 348 54.98 -18.51 -25.46
N LEU D 349 53.78 -19.04 -25.69
CA LEU D 349 53.58 -20.44 -26.12
C LEU D 349 53.16 -20.60 -27.58
N ASN D 350 52.76 -19.52 -28.25
CA ASN D 350 52.20 -19.65 -29.59
C ASN D 350 53.28 -19.93 -30.67
N HIS D 351 52.94 -20.72 -31.67
CA HIS D 351 53.91 -21.16 -32.67
C HIS D 351 54.26 -20.15 -33.75
N ASP D 352 53.44 -20.02 -34.80
CA ASP D 352 53.91 -19.43 -36.08
C ASP D 352 54.33 -17.93 -35.96
N ARG D 353 53.66 -16.98 -36.63
CA ARG D 353 54.01 -15.54 -36.49
C ARG D 353 53.73 -15.02 -35.06
N LYS D 354 54.73 -14.35 -34.46
CA LYS D 354 54.54 -13.68 -33.17
C LYS D 354 53.97 -12.28 -33.45
N LEU D 355 53.09 -11.83 -32.55
CA LEU D 355 52.43 -10.55 -32.66
C LEU D 355 53.02 -9.54 -31.66
N GLU D 356 53.58 -8.46 -32.22
CA GLU D 356 54.53 -7.57 -31.53
C GLU D 356 53.89 -6.86 -30.32
N ASP D 357 52.61 -6.51 -30.48
CA ASP D 357 51.82 -5.82 -29.44
C ASP D 357 52.04 -6.44 -28.07
N ALA D 358 52.28 -7.75 -28.00
CA ALA D 358 52.46 -8.46 -26.71
C ALA D 358 53.76 -8.12 -25.98
N TYR D 359 54.84 -8.05 -26.73
CA TYR D 359 56.16 -7.81 -26.15
C TYR D 359 56.19 -6.37 -25.70
N GLU D 360 55.63 -5.51 -26.57
CA GLU D 360 55.40 -4.10 -26.25
C GLU D 360 54.78 -4.00 -24.86
N PHE D 361 53.62 -4.61 -24.65
CA PHE D 361 52.90 -4.48 -23.37
C PHE D 361 53.60 -5.19 -22.21
N VAL D 362 54.24 -6.32 -22.48
CA VAL D 362 55.06 -7.04 -21.49
C VAL D 362 56.18 -6.11 -20.96
N LEU D 363 56.94 -5.49 -21.85
CA LEU D 363 57.98 -4.54 -21.43
C LEU D 363 57.33 -3.36 -20.67
N LYS D 364 56.34 -2.72 -21.29
CA LYS D 364 55.68 -1.53 -20.74
C LYS D 364 55.15 -1.65 -19.30
N TYR D 365 54.54 -2.78 -18.94
CA TYR D 365 54.06 -2.98 -17.54
C TYR D 365 54.97 -3.97 -16.78
N LYS D 366 56.22 -4.07 -17.20
CA LYS D 366 57.22 -4.91 -16.59
C LYS D 366 56.71 -6.26 -16.16
N LYS D 367 56.18 -7.00 -17.11
CA LYS D 367 55.59 -8.31 -16.81
C LYS D 367 56.60 -9.39 -17.07
N PRO D 368 56.78 -10.31 -16.10
CA PRO D 368 57.64 -11.44 -16.41
C PRO D 368 57.06 -12.29 -17.56
N MET D 369 57.96 -12.95 -18.27
CA MET D 369 57.63 -13.78 -19.40
C MET D 369 58.45 -15.05 -19.36
N ILE D 370 57.83 -16.15 -19.82
CA ILE D 370 58.49 -17.44 -19.96
C ILE D 370 58.00 -18.09 -21.25
N ALA D 371 58.73 -19.13 -21.66
CA ALA D 371 58.48 -19.81 -22.93
C ALA D 371 59.03 -21.21 -22.90
N PHE D 372 58.73 -21.94 -23.99
CA PHE D 372 59.28 -23.27 -24.22
C PHE D 372 60.39 -23.12 -25.22
N ASP D 373 61.27 -24.13 -25.28
CA ASP D 373 62.40 -24.13 -26.23
C ASP D 373 61.99 -23.97 -27.69
N ASN D 374 60.77 -24.35 -28.03
CA ASN D 374 60.32 -24.24 -29.43
C ASN D 374 59.32 -23.10 -29.69
N THR D 375 59.06 -22.27 -28.69
CA THR D 375 58.19 -21.08 -28.86
C THR D 375 58.84 -19.72 -28.51
N CYS D 376 60.16 -19.63 -28.50
CA CYS D 376 60.88 -18.36 -28.27
C CYS D 376 60.81 -17.51 -29.54
N SER D 377 60.84 -16.19 -29.35
CA SER D 377 60.89 -15.28 -30.50
C SER D 377 62.26 -15.31 -31.15
N GLU D 378 62.25 -15.38 -32.49
CA GLU D 378 63.45 -15.40 -33.33
C GLU D 378 64.14 -14.05 -33.28
N ASN D 379 63.34 -13.00 -33.43
CA ASN D 379 63.80 -11.61 -33.39
C ASN D 379 63.93 -11.06 -31.94
N LEU D 380 64.36 -11.91 -31.00
CA LEU D 380 64.54 -11.53 -29.58
C LEU D 380 65.59 -12.38 -28.88
N SER D 381 65.87 -12.01 -27.63
CA SER D 381 67.04 -12.47 -26.89
C SER D 381 66.70 -13.01 -25.50
N GLU D 382 67.54 -13.93 -25.03
CA GLU D 382 67.28 -14.69 -23.80
C GLU D 382 67.11 -13.92 -22.46
N ILE D 383 67.43 -12.62 -22.41
CA ILE D 383 67.06 -11.77 -21.21
C ILE D 383 65.58 -11.35 -21.19
N SER D 384 64.94 -11.34 -22.35
CA SER D 384 63.48 -11.13 -22.45
C SER D 384 62.70 -12.21 -21.68
N TYR D 385 63.25 -13.44 -21.57
CA TYR D 385 62.60 -14.54 -20.84
C TYR D 385 63.22 -14.85 -19.46
N GLU D 386 62.38 -14.93 -18.41
CA GLU D 386 62.83 -15.33 -17.07
C GLU D 386 63.20 -16.81 -16.96
N GLY D 387 62.76 -17.59 -17.94
CA GLY D 387 63.14 -18.99 -18.08
C GLY D 387 62.71 -19.47 -19.45
N ILE D 388 63.48 -20.38 -20.06
CA ILE D 388 63.04 -21.11 -21.25
C ILE D 388 63.03 -22.58 -20.88
N TYR D 389 61.87 -23.23 -21.02
CA TYR D 389 61.65 -24.58 -20.47
C TYR D 389 61.46 -25.69 -21.52
N PRO D 390 61.80 -26.95 -21.15
CA PRO D 390 61.68 -28.06 -22.09
C PRO D 390 60.24 -28.45 -22.45
N SER D 391 59.91 -28.30 -23.73
CA SER D 391 58.61 -28.65 -24.28
C SER D 391 58.26 -30.11 -24.29
N SER D 392 59.26 -30.98 -24.10
CA SER D 392 59.04 -32.39 -23.84
C SER D 392 59.12 -32.78 -22.37
N ILE D 393 59.37 -31.82 -21.48
CA ILE D 393 59.19 -32.02 -20.02
C ILE D 393 58.41 -30.83 -19.44
N PRO D 394 57.16 -30.65 -19.87
CA PRO D 394 56.40 -29.48 -19.46
C PRO D 394 56.06 -29.37 -17.98
N LYS D 395 56.17 -30.45 -17.22
CA LYS D 395 56.08 -30.38 -15.75
C LYS D 395 57.08 -29.37 -15.15
N LYS D 396 58.23 -29.23 -15.79
CA LYS D 396 59.19 -28.21 -15.41
C LYS D 396 58.58 -26.81 -15.59
N MET D 397 57.83 -26.58 -16.67
CA MET D 397 57.09 -25.31 -16.81
C MET D 397 56.01 -25.17 -15.77
N VAL D 398 55.29 -26.26 -15.46
CA VAL D 398 54.30 -26.25 -14.37
C VAL D 398 54.90 -25.76 -13.01
N ALA D 399 56.12 -26.22 -12.66
CA ALA D 399 56.81 -25.81 -11.42
C ALA D 399 57.24 -24.32 -11.46
N ALA D 400 57.69 -23.88 -12.63
CA ALA D 400 58.11 -22.50 -12.84
C ALA D 400 56.94 -21.59 -12.63
N ILE D 401 55.85 -21.85 -13.33
CA ILE D 401 54.64 -21.05 -13.20
C ILE D 401 54.21 -20.93 -11.73
N ARG D 402 54.13 -22.06 -11.04
CA ARG D 402 53.78 -22.09 -9.60
C ARG D 402 54.71 -21.27 -8.70
N SER D 403 55.94 -21.00 -9.13
CA SER D 403 56.89 -20.24 -8.33
C SER D 403 56.55 -18.74 -8.23
N TYR D 404 55.72 -18.25 -9.17
CA TYR D 404 55.16 -16.89 -9.15
C TYR D 404 53.91 -16.72 -8.25
N MET D 405 53.60 -17.68 -7.39
CA MET D 405 52.41 -17.59 -6.56
C MET D 405 52.78 -17.30 -5.11
N ARG D 406 52.02 -16.42 -4.46
CA ARG D 406 52.21 -16.12 -3.04
C ARG D 406 50.99 -16.55 -2.27
#